data_1BUD
# 
_entry.id   1BUD 
# 
_audit_conform.dict_name       mmcif_pdbx.dic 
_audit_conform.dict_version    5.397 
_audit_conform.dict_location   http://mmcif.pdb.org/dictionaries/ascii/mmcif_pdbx.dic 
# 
loop_
_database_2.database_id 
_database_2.database_code 
_database_2.pdbx_database_accession 
_database_2.pdbx_DOI 
PDB   1BUD         pdb_00001bud 10.2210/pdb1bud/pdb 
RCSB  RCSB007315   ?            ?                   
WWPDB D_1000007315 ?            ?                   
# 
loop_
_pdbx_audit_revision_history.ordinal 
_pdbx_audit_revision_history.data_content_type 
_pdbx_audit_revision_history.major_revision 
_pdbx_audit_revision_history.minor_revision 
_pdbx_audit_revision_history.revision_date 
1 'Structure model' 1 0 1999-09-07 
2 'Structure model' 1 1 2008-04-27 
3 'Structure model' 1 2 2011-07-13 
4 'Structure model' 1 3 2018-04-04 
5 'Structure model' 1 4 2023-08-09 
6 'Structure model' 1 5 2024-10-16 
# 
_pdbx_audit_revision_details.ordinal             1 
_pdbx_audit_revision_details.revision_ordinal    1 
_pdbx_audit_revision_details.data_content_type   'Structure model' 
_pdbx_audit_revision_details.provider            repository 
_pdbx_audit_revision_details.type                'Initial release' 
_pdbx_audit_revision_details.description         ? 
_pdbx_audit_revision_details.details             ? 
# 
loop_
_pdbx_audit_revision_group.ordinal 
_pdbx_audit_revision_group.revision_ordinal 
_pdbx_audit_revision_group.data_content_type 
_pdbx_audit_revision_group.group 
1 2 'Structure model' 'Version format compliance' 
2 3 'Structure model' 'Version format compliance' 
3 4 'Structure model' 'Data collection'           
4 5 'Structure model' 'Data collection'           
5 5 'Structure model' 'Database references'       
6 5 'Structure model' 'Derived calculations'      
7 5 'Structure model' 'Refinement description'    
8 6 'Structure model' 'Structure summary'         
# 
loop_
_pdbx_audit_revision_category.ordinal 
_pdbx_audit_revision_category.revision_ordinal 
_pdbx_audit_revision_category.data_content_type 
_pdbx_audit_revision_category.category 
1  4 'Structure model' diffrn_source                 
2  5 'Structure model' chem_comp_atom                
3  5 'Structure model' chem_comp_bond                
4  5 'Structure model' database_2                    
5  5 'Structure model' pdbx_initial_refinement_model 
6  5 'Structure model' pdbx_struct_conn_angle        
7  5 'Structure model' struct_conn                   
8  5 'Structure model' struct_ref_seq_dif            
9  5 'Structure model' struct_site                   
10 6 'Structure model' pdbx_entry_details            
11 6 'Structure model' pdbx_modification_feature     
# 
loop_
_pdbx_audit_revision_item.ordinal 
_pdbx_audit_revision_item.revision_ordinal 
_pdbx_audit_revision_item.data_content_type 
_pdbx_audit_revision_item.item 
1  4 'Structure model' '_diffrn_source.type'                         
2  5 'Structure model' '_database_2.pdbx_DOI'                        
3  5 'Structure model' '_database_2.pdbx_database_accession'         
4  5 'Structure model' '_pdbx_struct_conn_angle.ptnr1_auth_comp_id'  
5  5 'Structure model' '_pdbx_struct_conn_angle.ptnr1_auth_seq_id'   
6  5 'Structure model' '_pdbx_struct_conn_angle.ptnr1_label_asym_id' 
7  5 'Structure model' '_pdbx_struct_conn_angle.ptnr1_label_atom_id' 
8  5 'Structure model' '_pdbx_struct_conn_angle.ptnr1_label_comp_id' 
9  5 'Structure model' '_pdbx_struct_conn_angle.ptnr1_label_seq_id'  
10 5 'Structure model' '_pdbx_struct_conn_angle.ptnr2_auth_comp_id'  
11 5 'Structure model' '_pdbx_struct_conn_angle.ptnr2_auth_seq_id'   
12 5 'Structure model' '_pdbx_struct_conn_angle.ptnr2_label_asym_id' 
13 5 'Structure model' '_pdbx_struct_conn_angle.ptnr2_label_atom_id' 
14 5 'Structure model' '_pdbx_struct_conn_angle.ptnr2_label_comp_id' 
15 5 'Structure model' '_pdbx_struct_conn_angle.ptnr3_auth_comp_id'  
16 5 'Structure model' '_pdbx_struct_conn_angle.ptnr3_auth_seq_id'   
17 5 'Structure model' '_pdbx_struct_conn_angle.ptnr3_label_asym_id' 
18 5 'Structure model' '_pdbx_struct_conn_angle.ptnr3_label_atom_id' 
19 5 'Structure model' '_pdbx_struct_conn_angle.ptnr3_label_comp_id' 
20 5 'Structure model' '_pdbx_struct_conn_angle.ptnr3_label_seq_id'  
21 5 'Structure model' '_pdbx_struct_conn_angle.value'               
22 5 'Structure model' '_struct_conn.pdbx_dist_value'                
23 5 'Structure model' '_struct_conn.ptnr1_auth_comp_id'             
24 5 'Structure model' '_struct_conn.ptnr1_auth_seq_id'              
25 5 'Structure model' '_struct_conn.ptnr1_label_asym_id'            
26 5 'Structure model' '_struct_conn.ptnr1_label_atom_id'            
27 5 'Structure model' '_struct_conn.ptnr1_label_comp_id'            
28 5 'Structure model' '_struct_conn.ptnr1_label_seq_id'             
29 5 'Structure model' '_struct_conn.ptnr2_auth_comp_id'             
30 5 'Structure model' '_struct_conn.ptnr2_auth_seq_id'              
31 5 'Structure model' '_struct_conn.ptnr2_label_asym_id'            
32 5 'Structure model' '_struct_conn.ptnr2_label_atom_id'            
33 5 'Structure model' '_struct_conn.ptnr2_label_comp_id'            
34 5 'Structure model' '_struct_conn.ptnr2_label_seq_id'             
35 5 'Structure model' '_struct_ref_seq_dif.details'                 
36 5 'Structure model' '_struct_site.pdbx_auth_asym_id'              
37 5 'Structure model' '_struct_site.pdbx_auth_comp_id'              
38 5 'Structure model' '_struct_site.pdbx_auth_seq_id'               
# 
_pdbx_database_status.status_code                     REL 
_pdbx_database_status.entry_id                        1BUD 
_pdbx_database_status.recvd_initial_deposition_date   1998-09-03 
_pdbx_database_status.deposit_site                    BNL 
_pdbx_database_status.process_site                    RCSB 
_pdbx_database_status.SG_entry                        . 
_pdbx_database_status.pdb_format_compatible           Y 
_pdbx_database_status.status_code_mr                  ? 
_pdbx_database_status.status_code_sf                  ? 
_pdbx_database_status.status_code_cs                  ? 
_pdbx_database_status.methods_development_category    ? 
_pdbx_database_status.status_code_nmr_data            ? 
# 
_pdbx_database_related.db_name        PDB 
_pdbx_database_related.db_id          1BWS 
_pdbx_database_related.details        . 
_pdbx_database_related.content_type   unspecified 
# 
loop_
_audit_author.name 
_audit_author.pdbx_ordinal 
'Gong, W.' 1 
'Zhu, X.'  2 
'Liu, S.'  3 
'Teng, M.' 4 
'Niu, L.'  5 
# 
loop_
_citation.id 
_citation.title 
_citation.journal_abbrev 
_citation.journal_volume 
_citation.page_first 
_citation.page_last 
_citation.year 
_citation.journal_id_ASTM 
_citation.country 
_citation.journal_id_ISSN 
_citation.journal_id_CSD 
_citation.book_publisher 
_citation.pdbx_database_id_PubMed 
_citation.pdbx_database_id_DOI 
primary 
;Crystal structures of acutolysin A, a three-disulfide hemorrhagic zinc metalloproteinase from the snake venom of Agkistrodon acutus.
;
J.Mol.Biol.                283 657 668 1998 JMOBAK UK 0022-2836 0070 ? 9784374 10.1006/jmbi.1998.2110 
1       'Crystallization and Preliminary X-Ray Diffraction Studies of Haehorrhagin I from the Snake Venom of Agkistrodon Acutus' 
'Acta Crystallogr.,Sect.D' 52  201 202 1996 ABCRE6 DK 0907-4449 0766 ? ?       ?                      
# 
loop_
_citation_author.citation_id 
_citation_author.name 
_citation_author.ordinal 
_citation_author.identifier_ORCID 
primary 'Gong, W.' 1 ? 
primary 'Zhu, X.'  2 ? 
primary 'Liu, S.'  3 ? 
primary 'Teng, M.' 4 ? 
primary 'Niu, L.'  5 ? 
1       'Gong, W.' 6 ? 
1       'Zhu, Z.'  7 ? 
1       'Niu, L.'  8 ? 
1       'Teng, M.' 9 ? 
# 
loop_
_entity.id 
_entity.type 
_entity.src_method 
_entity.pdbx_description 
_entity.formula_weight 
_entity.pdbx_number_of_molecules 
_entity.pdbx_ec 
_entity.pdbx_mutation 
_entity.pdbx_fragment 
_entity.details 
1 polymer     nat 'PROTEIN (ACUTOLYSIN A)' 21866.730 1   ? ? ? ? 
2 non-polymer syn 'ZINC ION'               65.409    1   ? ? ? ? 
3 non-polymer syn 'CALCIUM ION'            40.078    1   ? ? ? ? 
4 water       nat water                    18.015    162 ? ? ? ? 
# 
_entity_name_com.entity_id   1 
_entity_name_com.name        'HEMORRHAGIN I, IAAH-I' 
# 
_entity_poly.entity_id                      1 
_entity_poly.type                           'polypeptide(L)' 
_entity_poly.nstd_linkage                   no 
_entity_poly.nstd_monomer                   no 
_entity_poly.pdbx_seq_one_letter_code       
;FQRYMEIVIVVDHSMVKKYNGDSDSIKAWVYEMINTITESYSYLKIDISLSGLEIWSGKDLIDVEASAGNTLKSFGEWRA
KDLIHRISHDNAQLLTATDFDGATIGLAYVASMCNPKRSVGVIQDHSSVNRLVAITLAHEMAHNLGVSHDEGSCSCGGKS
CIMSPSISDETIKYFSDCSYIQCRDYISKENPPCILN
;
_entity_poly.pdbx_seq_one_letter_code_can   
;FQRYMEIVIVVDHSMVKKYNGDSDSIKAWVYEMINTITESYSYLKIDISLSGLEIWSGKDLIDVEASAGNTLKSFGEWRA
KDLIHRISHDNAQLLTATDFDGATIGLAYVASMCNPKRSVGVIQDHSSVNRLVAITLAHEMAHNLGVSHDEGSCSCGGKS
CIMSPSISDETIKYFSDCSYIQCRDYISKENPPCILN
;
_entity_poly.pdbx_strand_id                 A 
_entity_poly.pdbx_target_identifier         ? 
# 
loop_
_pdbx_entity_nonpoly.entity_id 
_pdbx_entity_nonpoly.name 
_pdbx_entity_nonpoly.comp_id 
2 'ZINC ION'    ZN  
3 'CALCIUM ION' CA  
4 water         HOH 
# 
loop_
_entity_poly_seq.entity_id 
_entity_poly_seq.num 
_entity_poly_seq.mon_id 
_entity_poly_seq.hetero 
1 1   PHE n 
1 2   GLN n 
1 3   ARG n 
1 4   TYR n 
1 5   MET n 
1 6   GLU n 
1 7   ILE n 
1 8   VAL n 
1 9   ILE n 
1 10  VAL n 
1 11  VAL n 
1 12  ASP n 
1 13  HIS n 
1 14  SER n 
1 15  MET n 
1 16  VAL n 
1 17  LYS n 
1 18  LYS n 
1 19  TYR n 
1 20  ASN n 
1 21  GLY n 
1 22  ASP n 
1 23  SER n 
1 24  ASP n 
1 25  SER n 
1 26  ILE n 
1 27  LYS n 
1 28  ALA n 
1 29  TRP n 
1 30  VAL n 
1 31  TYR n 
1 32  GLU n 
1 33  MET n 
1 34  ILE n 
1 35  ASN n 
1 36  THR n 
1 37  ILE n 
1 38  THR n 
1 39  GLU n 
1 40  SER n 
1 41  TYR n 
1 42  SER n 
1 43  TYR n 
1 44  LEU n 
1 45  LYS n 
1 46  ILE n 
1 47  ASP n 
1 48  ILE n 
1 49  SER n 
1 50  LEU n 
1 51  SER n 
1 52  GLY n 
1 53  LEU n 
1 54  GLU n 
1 55  ILE n 
1 56  TRP n 
1 57  SER n 
1 58  GLY n 
1 59  LYS n 
1 60  ASP n 
1 61  LEU n 
1 62  ILE n 
1 63  ASP n 
1 64  VAL n 
1 65  GLU n 
1 66  ALA n 
1 67  SER n 
1 68  ALA n 
1 69  GLY n 
1 70  ASN n 
1 71  THR n 
1 72  LEU n 
1 73  LYS n 
1 74  SER n 
1 75  PHE n 
1 76  GLY n 
1 77  GLU n 
1 78  TRP n 
1 79  ARG n 
1 80  ALA n 
1 81  LYS n 
1 82  ASP n 
1 83  LEU n 
1 84  ILE n 
1 85  HIS n 
1 86  ARG n 
1 87  ILE n 
1 88  SER n 
1 89  HIS n 
1 90  ASP n 
1 91  ASN n 
1 92  ALA n 
1 93  GLN n 
1 94  LEU n 
1 95  LEU n 
1 96  THR n 
1 97  ALA n 
1 98  THR n 
1 99  ASP n 
1 100 PHE n 
1 101 ASP n 
1 102 GLY n 
1 103 ALA n 
1 104 THR n 
1 105 ILE n 
1 106 GLY n 
1 107 LEU n 
1 108 ALA n 
1 109 TYR n 
1 110 VAL n 
1 111 ALA n 
1 112 SER n 
1 113 MET n 
1 114 CYS n 
1 115 ASN n 
1 116 PRO n 
1 117 LYS n 
1 118 ARG n 
1 119 SER n 
1 120 VAL n 
1 121 GLY n 
1 122 VAL n 
1 123 ILE n 
1 124 GLN n 
1 125 ASP n 
1 126 HIS n 
1 127 SER n 
1 128 SER n 
1 129 VAL n 
1 130 ASN n 
1 131 ARG n 
1 132 LEU n 
1 133 VAL n 
1 134 ALA n 
1 135 ILE n 
1 136 THR n 
1 137 LEU n 
1 138 ALA n 
1 139 HIS n 
1 140 GLU n 
1 141 MET n 
1 142 ALA n 
1 143 HIS n 
1 144 ASN n 
1 145 LEU n 
1 146 GLY n 
1 147 VAL n 
1 148 SER n 
1 149 HIS n 
1 150 ASP n 
1 151 GLU n 
1 152 GLY n 
1 153 SER n 
1 154 CYS n 
1 155 SER n 
1 156 CYS n 
1 157 GLY n 
1 158 GLY n 
1 159 LYS n 
1 160 SER n 
1 161 CYS n 
1 162 ILE n 
1 163 MET n 
1 164 SER n 
1 165 PRO n 
1 166 SER n 
1 167 ILE n 
1 168 SER n 
1 169 ASP n 
1 170 GLU n 
1 171 THR n 
1 172 ILE n 
1 173 LYS n 
1 174 TYR n 
1 175 PHE n 
1 176 SER n 
1 177 ASP n 
1 178 CYS n 
1 179 SER n 
1 180 TYR n 
1 181 ILE n 
1 182 GLN n 
1 183 CYS n 
1 184 ARG n 
1 185 ASP n 
1 186 TYR n 
1 187 ILE n 
1 188 SER n 
1 189 LYS n 
1 190 GLU n 
1 191 ASN n 
1 192 PRO n 
1 193 PRO n 
1 194 CYS n 
1 195 ILE n 
1 196 LEU n 
1 197 ASN n 
# 
_entity_src_nat.entity_id                  1 
_entity_src_nat.pdbx_src_id                1 
_entity_src_nat.pdbx_alt_source_flag       sample 
_entity_src_nat.pdbx_beg_seq_num           ? 
_entity_src_nat.pdbx_end_seq_num           ? 
_entity_src_nat.common_name                'Chinese moccasin' 
_entity_src_nat.pdbx_organism_scientific   'Deinagkistrodon acutus' 
_entity_src_nat.pdbx_ncbi_taxonomy_id      36307 
_entity_src_nat.genus                      Deinagkistrodon 
_entity_src_nat.species                    ? 
_entity_src_nat.strain                     ? 
_entity_src_nat.tissue                     ? 
_entity_src_nat.tissue_fraction            ? 
_entity_src_nat.pdbx_secretion             VENOM 
_entity_src_nat.pdbx_fragment              ? 
_entity_src_nat.pdbx_variant               ? 
_entity_src_nat.pdbx_cell_line             ? 
_entity_src_nat.pdbx_atcc                  ? 
_entity_src_nat.pdbx_cellular_location     ? 
_entity_src_nat.pdbx_organ                 ? 
_entity_src_nat.pdbx_organelle             ? 
_entity_src_nat.pdbx_cell                  ? 
_entity_src_nat.pdbx_plasmid_name          ? 
_entity_src_nat.pdbx_plasmid_details       ? 
_entity_src_nat.details                    ? 
# 
loop_
_chem_comp.id 
_chem_comp.type 
_chem_comp.mon_nstd_flag 
_chem_comp.name 
_chem_comp.pdbx_synonyms 
_chem_comp.formula 
_chem_comp.formula_weight 
ALA 'L-peptide linking' y ALANINE         ? 'C3 H7 N O2'     89.093  
ARG 'L-peptide linking' y ARGININE        ? 'C6 H15 N4 O2 1' 175.209 
ASN 'L-peptide linking' y ASPARAGINE      ? 'C4 H8 N2 O3'    132.118 
ASP 'L-peptide linking' y 'ASPARTIC ACID' ? 'C4 H7 N O4'     133.103 
CA  non-polymer         . 'CALCIUM ION'   ? 'Ca 2'           40.078  
CYS 'L-peptide linking' y CYSTEINE        ? 'C3 H7 N O2 S'   121.158 
GLN 'L-peptide linking' y GLUTAMINE       ? 'C5 H10 N2 O3'   146.144 
GLU 'L-peptide linking' y 'GLUTAMIC ACID' ? 'C5 H9 N O4'     147.129 
GLY 'peptide linking'   y GLYCINE         ? 'C2 H5 N O2'     75.067  
HIS 'L-peptide linking' y HISTIDINE       ? 'C6 H10 N3 O2 1' 156.162 
HOH non-polymer         . WATER           ? 'H2 O'           18.015  
ILE 'L-peptide linking' y ISOLEUCINE      ? 'C6 H13 N O2'    131.173 
LEU 'L-peptide linking' y LEUCINE         ? 'C6 H13 N O2'    131.173 
LYS 'L-peptide linking' y LYSINE          ? 'C6 H15 N2 O2 1' 147.195 
MET 'L-peptide linking' y METHIONINE      ? 'C5 H11 N O2 S'  149.211 
PHE 'L-peptide linking' y PHENYLALANINE   ? 'C9 H11 N O2'    165.189 
PRO 'L-peptide linking' y PROLINE         ? 'C5 H9 N O2'     115.130 
SER 'L-peptide linking' y SERINE          ? 'C3 H7 N O3'     105.093 
THR 'L-peptide linking' y THREONINE       ? 'C4 H9 N O3'     119.119 
TRP 'L-peptide linking' y TRYPTOPHAN      ? 'C11 H12 N2 O2'  204.225 
TYR 'L-peptide linking' y TYROSINE        ? 'C9 H11 N O3'    181.189 
VAL 'L-peptide linking' y VALINE          ? 'C5 H11 N O2'    117.146 
ZN  non-polymer         . 'ZINC ION'      ? 'Zn 2'           65.409  
# 
loop_
_pdbx_poly_seq_scheme.asym_id 
_pdbx_poly_seq_scheme.entity_id 
_pdbx_poly_seq_scheme.seq_id 
_pdbx_poly_seq_scheme.mon_id 
_pdbx_poly_seq_scheme.ndb_seq_num 
_pdbx_poly_seq_scheme.pdb_seq_num 
_pdbx_poly_seq_scheme.auth_seq_num 
_pdbx_poly_seq_scheme.pdb_mon_id 
_pdbx_poly_seq_scheme.auth_mon_id 
_pdbx_poly_seq_scheme.pdb_strand_id 
_pdbx_poly_seq_scheme.pdb_ins_code 
_pdbx_poly_seq_scheme.hetero 
A 1 1   PHE 1   4   4   PHE PHE A . n 
A 1 2   GLN 2   5   5   GLN GLN A . n 
A 1 3   ARG 3   6   6   ARG ARG A . n 
A 1 4   TYR 4   7   7   TYR TYR A . n 
A 1 5   MET 5   8   8   MET MET A . n 
A 1 6   GLU 6   9   9   GLU GLU A . n 
A 1 7   ILE 7   10  10  ILE ILE A . n 
A 1 8   VAL 8   11  11  VAL VAL A . n 
A 1 9   ILE 9   12  12  ILE ILE A . n 
A 1 10  VAL 10  13  13  VAL VAL A . n 
A 1 11  VAL 11  14  14  VAL VAL A . n 
A 1 12  ASP 12  15  15  ASP ASP A . n 
A 1 13  HIS 13  16  16  HIS HIS A . n 
A 1 14  SER 14  17  17  SER SER A . n 
A 1 15  MET 15  18  18  MET MET A . n 
A 1 16  VAL 16  19  19  VAL VAL A . n 
A 1 17  LYS 17  20  20  LYS LYS A . n 
A 1 18  LYS 18  21  21  LYS LYS A . n 
A 1 19  TYR 19  22  22  TYR TYR A . n 
A 1 20  ASN 20  23  23  ASN ASN A . n 
A 1 21  GLY 21  24  24  GLY GLY A . n 
A 1 22  ASP 22  25  25  ASP ASP A . n 
A 1 23  SER 23  26  26  SER SER A . n 
A 1 24  ASP 24  27  27  ASP ASP A . n 
A 1 25  SER 25  28  28  SER SER A . n 
A 1 26  ILE 26  29  29  ILE ILE A . n 
A 1 27  LYS 27  30  30  LYS LYS A . n 
A 1 28  ALA 28  31  31  ALA ALA A . n 
A 1 29  TRP 29  32  32  TRP TRP A . n 
A 1 30  VAL 30  33  33  VAL VAL A . n 
A 1 31  TYR 31  34  34  TYR TYR A . n 
A 1 32  GLU 32  35  35  GLU GLU A . n 
A 1 33  MET 33  36  36  MET MET A . n 
A 1 34  ILE 34  37  37  ILE ILE A . n 
A 1 35  ASN 35  38  38  ASN ASN A . n 
A 1 36  THR 36  39  39  THR THR A . n 
A 1 37  ILE 37  40  40  ILE ILE A . n 
A 1 38  THR 38  41  41  THR THR A . n 
A 1 39  GLU 39  42  42  GLU GLU A . n 
A 1 40  SER 40  43  43  SER SER A . n 
A 1 41  TYR 41  44  44  TYR TYR A . n 
A 1 42  SER 42  45  45  SER SER A . n 
A 1 43  TYR 43  46  46  TYR TYR A . n 
A 1 44  LEU 44  47  47  LEU LEU A . n 
A 1 45  LYS 45  48  48  LYS LYS A . n 
A 1 46  ILE 46  49  49  ILE ILE A . n 
A 1 47  ASP 47  50  50  ASP ASP A . n 
A 1 48  ILE 48  51  51  ILE ILE A . n 
A 1 49  SER 49  52  52  SER SER A . n 
A 1 50  LEU 50  53  53  LEU LEU A . n 
A 1 51  SER 51  54  54  SER SER A . n 
A 1 52  GLY 52  55  55  GLY GLY A . n 
A 1 53  LEU 53  56  56  LEU LEU A . n 
A 1 54  GLU 54  57  57  GLU GLU A . n 
A 1 55  ILE 55  58  58  ILE ILE A . n 
A 1 56  TRP 56  59  59  TRP TRP A . n 
A 1 57  SER 57  60  60  SER SER A . n 
A 1 58  GLY 58  61  61  GLY GLY A . n 
A 1 59  LYS 59  62  62  LYS LYS A . n 
A 1 60  ASP 60  63  63  ASP ASP A . n 
A 1 61  LEU 61  64  64  LEU LEU A . n 
A 1 62  ILE 62  65  65  ILE ILE A . n 
A 1 63  ASP 63  66  66  ASP ASP A . n 
A 1 64  VAL 64  67  67  VAL VAL A . n 
A 1 65  GLU 65  68  68  GLU GLU A . n 
A 1 66  ALA 66  69  69  ALA ALA A . n 
A 1 67  SER 67  70  70  SER SER A . n 
A 1 68  ALA 68  71  71  ALA ALA A . n 
A 1 69  GLY 69  72  72  GLY GLY A . n 
A 1 70  ASN 70  73  73  ASN ASN A . n 
A 1 71  THR 71  74  74  THR THR A . n 
A 1 72  LEU 72  75  75  LEU LEU A . n 
A 1 73  LYS 73  76  76  LYS LYS A . n 
A 1 74  SER 74  77  77  SER SER A . n 
A 1 75  PHE 75  78  78  PHE PHE A . n 
A 1 76  GLY 76  79  79  GLY GLY A . n 
A 1 77  GLU 77  80  80  GLU GLU A . n 
A 1 78  TRP 78  81  81  TRP TRP A . n 
A 1 79  ARG 79  82  82  ARG ARG A . n 
A 1 80  ALA 80  83  83  ALA ALA A . n 
A 1 81  LYS 81  84  84  LYS LYS A . n 
A 1 82  ASP 82  85  85  ASP ASP A . n 
A 1 83  LEU 83  86  86  LEU LEU A . n 
A 1 84  ILE 84  87  87  ILE ILE A . n 
A 1 85  HIS 85  88  88  HIS HIS A . n 
A 1 86  ARG 86  89  89  ARG ARG A . n 
A 1 87  ILE 87  90  90  ILE ILE A . n 
A 1 88  SER 88  91  91  SER SER A . n 
A 1 89  HIS 89  92  92  HIS HIS A . n 
A 1 90  ASP 90  93  93  ASP ASP A . n 
A 1 91  ASN 91  94  94  ASN ASN A . n 
A 1 92  ALA 92  95  95  ALA ALA A . n 
A 1 93  GLN 93  96  96  GLN GLN A . n 
A 1 94  LEU 94  97  97  LEU LEU A . n 
A 1 95  LEU 95  98  98  LEU LEU A . n 
A 1 96  THR 96  99  99  THR THR A . n 
A 1 97  ALA 97  100 100 ALA ALA A . n 
A 1 98  THR 98  101 101 THR THR A . n 
A 1 99  ASP 99  102 102 ASP ASP A . n 
A 1 100 PHE 100 103 103 PHE PHE A . n 
A 1 101 ASP 101 104 104 ASP ASP A . n 
A 1 102 GLY 102 105 105 GLY GLY A . n 
A 1 103 ALA 103 106 106 ALA ALA A . n 
A 1 104 THR 104 107 107 THR THR A . n 
A 1 105 ILE 105 108 108 ILE ILE A . n 
A 1 106 GLY 106 109 109 GLY GLY A . n 
A 1 107 LEU 107 110 110 LEU LEU A . n 
A 1 108 ALA 108 111 111 ALA ALA A . n 
A 1 109 TYR 109 112 112 TYR TYR A . n 
A 1 110 VAL 110 113 113 VAL VAL A . n 
A 1 111 ALA 111 114 114 ALA ALA A . n 
A 1 112 SER 112 115 115 SER SER A . n 
A 1 113 MET 113 116 116 MET MET A . n 
A 1 114 CYS 114 117 117 CYS CYS A . n 
A 1 115 ASN 115 118 118 ASN ASN A . n 
A 1 116 PRO 116 119 119 PRO PRO A . n 
A 1 117 LYS 117 120 120 LYS LYS A . n 
A 1 118 ARG 118 121 121 ARG ARG A . n 
A 1 119 SER 119 122 122 SER SER A . n 
A 1 120 VAL 120 123 123 VAL VAL A . n 
A 1 121 GLY 121 124 124 GLY GLY A . n 
A 1 122 VAL 122 125 125 VAL VAL A . n 
A 1 123 ILE 123 126 126 ILE ILE A . n 
A 1 124 GLN 124 127 127 GLN GLN A . n 
A 1 125 ASP 125 128 128 ASP ASP A . n 
A 1 126 HIS 126 129 129 HIS HIS A . n 
A 1 127 SER 127 130 130 SER SER A . n 
A 1 128 SER 128 131 131 SER SER A . n 
A 1 129 VAL 129 132 132 VAL VAL A . n 
A 1 130 ASN 130 133 133 ASN ASN A . n 
A 1 131 ARG 131 134 134 ARG ARG A . n 
A 1 132 LEU 132 135 135 LEU LEU A . n 
A 1 133 VAL 133 136 136 VAL VAL A . n 
A 1 134 ALA 134 137 137 ALA ALA A . n 
A 1 135 ILE 135 138 138 ILE ILE A . n 
A 1 136 THR 136 139 139 THR THR A . n 
A 1 137 LEU 137 140 140 LEU LEU A . n 
A 1 138 ALA 138 141 141 ALA ALA A . n 
A 1 139 HIS 139 142 142 HIS HIS A . n 
A 1 140 GLU 140 143 143 GLU GLU A . n 
A 1 141 MET 141 144 144 MET MET A . n 
A 1 142 ALA 142 145 145 ALA ALA A . n 
A 1 143 HIS 143 146 146 HIS HIS A . n 
A 1 144 ASN 144 147 147 ASN ASN A . n 
A 1 145 LEU 145 148 148 LEU LEU A . n 
A 1 146 GLY 146 149 149 GLY GLY A . n 
A 1 147 VAL 147 150 150 VAL VAL A . n 
A 1 148 SER 148 151 151 SER SER A . n 
A 1 149 HIS 149 152 152 HIS HIS A . n 
A 1 150 ASP 150 153 153 ASP ASP A . n 
A 1 151 GLU 151 154 154 GLU GLU A . n 
A 1 152 GLY 152 155 155 GLY GLY A . n 
A 1 153 SER 153 156 156 SER SER A . n 
A 1 154 CYS 154 157 157 CYS CYS A . n 
A 1 155 SER 155 158 158 SER SER A . n 
A 1 156 CYS 156 159 159 CYS CYS A . n 
A 1 157 GLY 157 160 160 GLY GLY A . n 
A 1 158 GLY 158 161 161 GLY GLY A . n 
A 1 159 LYS 159 162 162 LYS LYS A . n 
A 1 160 SER 160 163 163 SER SER A . n 
A 1 161 CYS 161 164 164 CYS CYS A . n 
A 1 162 ILE 162 165 165 ILE ILE A . n 
A 1 163 MET 163 166 166 MET MET A . n 
A 1 164 SER 164 167 167 SER SER A . n 
A 1 165 PRO 165 168 168 PRO PRO A . n 
A 1 166 SER 166 169 169 SER SER A . n 
A 1 167 ILE 167 170 170 ILE ILE A . n 
A 1 168 SER 168 171 171 SER SER A . n 
A 1 169 ASP 169 172 172 ASP ASP A . n 
A 1 170 GLU 170 173 173 GLU GLU A . n 
A 1 171 THR 171 174 174 THR THR A . n 
A 1 172 ILE 172 175 175 ILE ILE A . n 
A 1 173 LYS 173 176 176 LYS LYS A . n 
A 1 174 TYR 174 177 177 TYR TYR A . n 
A 1 175 PHE 175 178 178 PHE PHE A . n 
A 1 176 SER 176 179 179 SER SER A . n 
A 1 177 ASP 177 180 180 ASP ASP A . n 
A 1 178 CYS 178 181 181 CYS CYS A . n 
A 1 179 SER 179 182 182 SER SER A . n 
A 1 180 TYR 180 183 183 TYR TYR A . n 
A 1 181 ILE 181 184 184 ILE ILE A . n 
A 1 182 GLN 182 185 185 GLN GLN A . n 
A 1 183 CYS 183 186 186 CYS CYS A . n 
A 1 184 ARG 184 187 187 ARG ARG A . n 
A 1 185 ASP 185 188 188 ASP ASP A . n 
A 1 186 TYR 186 189 189 TYR TYR A . n 
A 1 187 ILE 187 190 190 ILE ILE A . n 
A 1 188 SER 188 191 191 SER SER A . n 
A 1 189 LYS 189 192 192 LYS LYS A . n 
A 1 190 GLU 190 193 193 GLU GLU A . n 
A 1 191 ASN 191 194 194 ASN ASN A . n 
A 1 192 PRO 192 195 195 PRO PRO A . n 
A 1 193 PRO 193 196 196 PRO PRO A . n 
A 1 194 CYS 194 197 197 CYS CYS A . n 
A 1 195 ILE 195 198 198 ILE ILE A . n 
A 1 196 LEU 196 199 199 LEU LEU A . n 
A 1 197 ASN 197 200 200 ASN ASN A . n 
# 
loop_
_pdbx_nonpoly_scheme.asym_id 
_pdbx_nonpoly_scheme.entity_id 
_pdbx_nonpoly_scheme.mon_id 
_pdbx_nonpoly_scheme.ndb_seq_num 
_pdbx_nonpoly_scheme.pdb_seq_num 
_pdbx_nonpoly_scheme.auth_seq_num 
_pdbx_nonpoly_scheme.pdb_mon_id 
_pdbx_nonpoly_scheme.auth_mon_id 
_pdbx_nonpoly_scheme.pdb_strand_id 
_pdbx_nonpoly_scheme.pdb_ins_code 
B 2 ZN  1   800 800 ZN  ZN  A . 
C 3 CA  1   900 900 CA  CA  A . 
D 4 HOH 1   401 401 HOH HOH A . 
D 4 HOH 2   402 402 HOH HOH A . 
D 4 HOH 3   403 403 HOH HOH A . 
D 4 HOH 4   404 404 HOH HOH A . 
D 4 HOH 5   405 405 HOH HOH A . 
D 4 HOH 6   406 406 HOH HOH A . 
D 4 HOH 7   407 407 HOH HOH A . 
D 4 HOH 8   408 408 HOH HOH A . 
D 4 HOH 9   409 409 HOH HOH A . 
D 4 HOH 10  410 410 HOH HOH A . 
D 4 HOH 11  411 411 HOH HOH A . 
D 4 HOH 12  412 412 HOH HOH A . 
D 4 HOH 13  413 413 HOH HOH A . 
D 4 HOH 14  414 414 HOH HOH A . 
D 4 HOH 15  415 415 HOH HOH A . 
D 4 HOH 16  416 416 HOH HOH A . 
D 4 HOH 17  417 417 HOH HOH A . 
D 4 HOH 18  418 418 HOH HOH A . 
D 4 HOH 19  419 419 HOH HOH A . 
D 4 HOH 20  420 420 HOH HOH A . 
D 4 HOH 21  421 421 HOH HOH A . 
D 4 HOH 22  422 422 HOH HOH A . 
D 4 HOH 23  423 423 HOH HOH A . 
D 4 HOH 24  424 424 HOH HOH A . 
D 4 HOH 25  425 425 HOH HOH A . 
D 4 HOH 26  426 426 HOH HOH A . 
D 4 HOH 27  427 427 HOH HOH A . 
D 4 HOH 28  428 428 HOH HOH A . 
D 4 HOH 29  429 429 HOH HOH A . 
D 4 HOH 30  430 430 HOH HOH A . 
D 4 HOH 31  431 431 HOH HOH A . 
D 4 HOH 32  432 432 HOH HOH A . 
D 4 HOH 33  433 433 HOH HOH A . 
D 4 HOH 34  434 434 HOH HOH A . 
D 4 HOH 35  435 435 HOH HOH A . 
D 4 HOH 36  436 436 HOH HOH A . 
D 4 HOH 37  437 437 HOH HOH A . 
D 4 HOH 38  438 438 HOH HOH A . 
D 4 HOH 39  439 439 HOH HOH A . 
D 4 HOH 40  440 440 HOH HOH A . 
D 4 HOH 41  441 441 HOH HOH A . 
D 4 HOH 42  442 442 HOH HOH A . 
D 4 HOH 43  443 443 HOH HOH A . 
D 4 HOH 44  444 444 HOH HOH A . 
D 4 HOH 45  445 445 HOH HOH A . 
D 4 HOH 46  446 446 HOH HOH A . 
D 4 HOH 47  447 447 HOH HOH A . 
D 4 HOH 48  448 448 HOH HOH A . 
D 4 HOH 49  449 449 HOH HOH A . 
D 4 HOH 50  450 450 HOH HOH A . 
D 4 HOH 51  451 451 HOH HOH A . 
D 4 HOH 52  452 452 HOH HOH A . 
D 4 HOH 53  453 453 HOH HOH A . 
D 4 HOH 54  454 454 HOH HOH A . 
D 4 HOH 55  455 455 HOH HOH A . 
D 4 HOH 56  456 456 HOH HOH A . 
D 4 HOH 57  457 457 HOH HOH A . 
D 4 HOH 58  458 458 HOH HOH A . 
D 4 HOH 59  459 459 HOH HOH A . 
D 4 HOH 60  460 460 HOH HOH A . 
D 4 HOH 61  461 461 HOH HOH A . 
D 4 HOH 62  462 462 HOH HOH A . 
D 4 HOH 63  463 463 HOH HOH A . 
D 4 HOH 64  464 464 HOH HOH A . 
D 4 HOH 65  465 465 HOH HOH A . 
D 4 HOH 66  466 466 HOH HOH A . 
D 4 HOH 67  467 467 HOH HOH A . 
D 4 HOH 68  468 468 HOH HOH A . 
D 4 HOH 69  469 469 HOH HOH A . 
D 4 HOH 70  470 470 HOH HOH A . 
D 4 HOH 71  471 471 HOH HOH A . 
D 4 HOH 72  472 472 HOH HOH A . 
D 4 HOH 73  473 473 HOH HOH A . 
D 4 HOH 74  474 474 HOH HOH A . 
D 4 HOH 75  475 475 HOH HOH A . 
D 4 HOH 76  476 476 HOH HOH A . 
D 4 HOH 77  477 477 HOH HOH A . 
D 4 HOH 78  478 478 HOH HOH A . 
D 4 HOH 79  479 479 HOH HOH A . 
D 4 HOH 80  480 480 HOH HOH A . 
D 4 HOH 81  481 481 HOH HOH A . 
D 4 HOH 82  482 482 HOH HOH A . 
D 4 HOH 83  483 483 HOH HOH A . 
D 4 HOH 84  484 484 HOH HOH A . 
D 4 HOH 85  485 485 HOH HOH A . 
D 4 HOH 86  486 486 HOH HOH A . 
D 4 HOH 87  487 487 HOH HOH A . 
D 4 HOH 88  488 488 HOH HOH A . 
D 4 HOH 89  489 489 HOH HOH A . 
D 4 HOH 90  490 490 HOH HOH A . 
D 4 HOH 91  491 491 HOH HOH A . 
D 4 HOH 92  492 492 HOH HOH A . 
D 4 HOH 93  493 493 HOH HOH A . 
D 4 HOH 94  494 494 HOH HOH A . 
D 4 HOH 95  495 495 HOH HOH A . 
D 4 HOH 96  496 496 HOH HOH A . 
D 4 HOH 97  497 497 HOH HOH A . 
D 4 HOH 98  498 498 HOH HOH A . 
D 4 HOH 99  499 499 HOH HOH A . 
D 4 HOH 100 500 500 HOH HOH A . 
D 4 HOH 101 501 501 HOH HOH A . 
D 4 HOH 102 502 502 HOH HOH A . 
D 4 HOH 103 503 503 HOH HOH A . 
D 4 HOH 104 504 504 HOH HOH A . 
D 4 HOH 105 505 505 HOH HOH A . 
D 4 HOH 106 506 506 HOH HOH A . 
D 4 HOH 107 507 507 HOH HOH A . 
D 4 HOH 108 508 508 HOH HOH A . 
D 4 HOH 109 509 509 HOH HOH A . 
D 4 HOH 110 510 510 HOH HOH A . 
D 4 HOH 111 511 511 HOH HOH A . 
D 4 HOH 112 512 512 HOH HOH A . 
D 4 HOH 113 513 513 HOH HOH A . 
D 4 HOH 114 514 514 HOH HOH A . 
D 4 HOH 115 515 515 HOH HOH A . 
D 4 HOH 116 516 516 HOH HOH A . 
D 4 HOH 117 517 517 HOH HOH A . 
D 4 HOH 118 518 518 HOH HOH A . 
D 4 HOH 119 519 519 HOH HOH A . 
D 4 HOH 120 520 520 HOH HOH A . 
D 4 HOH 121 521 521 HOH HOH A . 
D 4 HOH 122 522 522 HOH HOH A . 
D 4 HOH 123 523 523 HOH HOH A . 
D 4 HOH 124 524 524 HOH HOH A . 
D 4 HOH 125 525 525 HOH HOH A . 
D 4 HOH 126 526 526 HOH HOH A . 
D 4 HOH 127 527 527 HOH HOH A . 
D 4 HOH 128 528 528 HOH HOH A . 
D 4 HOH 129 529 529 HOH HOH A . 
D 4 HOH 130 530 530 HOH HOH A . 
D 4 HOH 131 531 531 HOH HOH A . 
D 4 HOH 132 532 532 HOH HOH A . 
D 4 HOH 133 533 533 HOH HOH A . 
D 4 HOH 134 534 534 HOH HOH A . 
D 4 HOH 135 535 535 HOH HOH A . 
D 4 HOH 136 536 536 HOH HOH A . 
D 4 HOH 137 537 537 HOH HOH A . 
D 4 HOH 138 538 538 HOH HOH A . 
D 4 HOH 139 539 539 HOH HOH A . 
D 4 HOH 140 540 540 HOH HOH A . 
D 4 HOH 141 541 541 HOH HOH A . 
D 4 HOH 142 542 542 HOH HOH A . 
D 4 HOH 143 543 543 HOH HOH A . 
D 4 HOH 144 544 544 HOH HOH A . 
D 4 HOH 145 545 545 HOH HOH A . 
D 4 HOH 146 546 546 HOH HOH A . 
D 4 HOH 147 547 547 HOH HOH A . 
D 4 HOH 148 548 548 HOH HOH A . 
D 4 HOH 149 549 549 HOH HOH A . 
D 4 HOH 150 550 550 HOH HOH A . 
D 4 HOH 151 551 551 HOH HOH A . 
D 4 HOH 152 552 552 HOH HOH A . 
D 4 HOH 153 553 553 HOH HOH A . 
D 4 HOH 154 554 554 HOH HOH A . 
D 4 HOH 155 555 555 HOH HOH A . 
D 4 HOH 156 556 556 HOH HOH A . 
D 4 HOH 157 557 557 HOH HOH A . 
D 4 HOH 158 558 558 HOH HOH A . 
D 4 HOH 159 559 559 HOH HOH A . 
D 4 HOH 160 560 560 HOH HOH A . 
D 4 HOH 161 561 800 HOH ZN  A . 
D 4 HOH 162 562 900 HOH CA  A . 
# 
loop_
_software.name 
_software.classification 
_software.version 
_software.citation_id 
_software.pdbx_ordinal 
DENZO     'data reduction' . ? 1 
SCALEPACK 'data scaling'   . ? 2 
X-PLOR    'model building' . ? 3 
X-PLOR    refinement       . ? 4 
X-PLOR    phasing          . ? 5 
# 
_cell.entry_id           1BUD 
_cell.length_a           63.470 
_cell.length_b           63.470 
_cell.length_c           95.490 
_cell.angle_alpha        90.00 
_cell.angle_beta         90.00 
_cell.angle_gamma        90.00 
_cell.Z_PDB              8 
_cell.pdbx_unique_axis   ? 
# 
_symmetry.entry_id                         1BUD 
_symmetry.space_group_name_H-M             'P 43 21 2' 
_symmetry.pdbx_full_space_group_name_H-M   ? 
_symmetry.cell_setting                     ? 
_symmetry.Int_Tables_number                96 
# 
_exptl.entry_id          1BUD 
_exptl.method            'X-RAY DIFFRACTION' 
_exptl.crystals_number   1 
# 
_exptl_crystal.id                    1 
_exptl_crystal.density_meas          ? 
_exptl_crystal.density_Matthews      2.20 
_exptl_crystal.density_percent_sol   44.05 
_exptl_crystal.description           ? 
# 
_exptl_crystal_grow.crystal_id      1 
_exptl_crystal_grow.method          ? 
_exptl_crystal_grow.temp            ? 
_exptl_crystal_grow.temp_details    ? 
_exptl_crystal_grow.pH              5.0 
_exptl_crystal_grow.pdbx_details    'pH 5.0' 
_exptl_crystal_grow.pdbx_pH_range   ? 
# 
_diffrn.id                     1 
_diffrn.ambient_temp           298 
_diffrn.ambient_temp_details   ? 
_diffrn.crystal_id             1 
# 
_diffrn_detector.diffrn_id              1 
_diffrn_detector.detector               'IMAGE PLATE' 
_diffrn_detector.type                   MARRESEARCH 
_diffrn_detector.pdbx_collection_date   ? 
_diffrn_detector.details                ? 
# 
_diffrn_radiation.diffrn_id                        1 
_diffrn_radiation.wavelength_id                    1 
_diffrn_radiation.pdbx_monochromatic_or_laue_m_l   M 
_diffrn_radiation.monochromator                    GRAPHITE 
_diffrn_radiation.pdbx_diffrn_protocol             'SINGLE WAVELENGTH' 
_diffrn_radiation.pdbx_scattering_type             x-ray 
# 
_diffrn_radiation_wavelength.id           1 
_diffrn_radiation_wavelength.wavelength   1.5418 
_diffrn_radiation_wavelength.wt           1.0 
# 
_diffrn_source.diffrn_id                   1 
_diffrn_source.source                      'SEALED TUBE' 
_diffrn_source.type                        OTHER 
_diffrn_source.pdbx_synchrotron_site       ? 
_diffrn_source.pdbx_synchrotron_beamline   ? 
_diffrn_source.pdbx_wavelength             1.5418 
_diffrn_source.pdbx_wavelength_list        ? 
# 
_reflns.entry_id                     1BUD 
_reflns.observed_criterion_sigma_I   0.0 
_reflns.observed_criterion_sigma_F   ? 
_reflns.d_resolution_low             8.0 
_reflns.d_resolution_high            1.9 
_reflns.number_obs                   14082 
_reflns.number_all                   ? 
_reflns.percent_possible_obs         88.0 
_reflns.pdbx_Rmerge_I_obs            0.05 
_reflns.pdbx_Rsym_value              ? 
_reflns.pdbx_netI_over_sigmaI        ? 
_reflns.B_iso_Wilson_estimate        ? 
_reflns.pdbx_redundancy              ? 
_reflns.R_free_details               ? 
_reflns.pdbx_diffrn_id               1 
_reflns.pdbx_ordinal                 1 
# 
_refine.entry_id                                 1BUD 
_refine.ls_number_reflns_obs                     14082 
_refine.ls_number_reflns_all                     ? 
_refine.pdbx_ls_sigma_I                          ? 
_refine.pdbx_ls_sigma_F                          0.0 
_refine.pdbx_data_cutoff_high_absF               ? 
_refine.pdbx_data_cutoff_low_absF                ? 
_refine.pdbx_data_cutoff_high_rms_absF           ? 
_refine.ls_d_res_low                             8.0 
_refine.ls_d_res_high                            1.9 
_refine.ls_percent_reflns_obs                    88.0 
_refine.ls_R_factor_obs                          0.169 
_refine.ls_R_factor_all                          ? 
_refine.ls_R_factor_R_work                       0.169 
_refine.ls_R_factor_R_free                       ? 
_refine.ls_R_factor_R_free_error                 ? 
_refine.ls_R_factor_R_free_error_details         ? 
_refine.ls_percent_reflns_R_free                 ? 
_refine.ls_number_reflns_R_free                  ? 
_refine.ls_number_parameters                     ? 
_refine.ls_number_restraints                     ? 
_refine.occupancy_min                            ? 
_refine.occupancy_max                            ? 
_refine.B_iso_mean                               ? 
_refine.aniso_B[1][1]                            ? 
_refine.aniso_B[2][2]                            ? 
_refine.aniso_B[3][3]                            ? 
_refine.aniso_B[1][2]                            ? 
_refine.aniso_B[1][3]                            ? 
_refine.aniso_B[2][3]                            ? 
_refine.solvent_model_details                    ? 
_refine.solvent_model_param_ksol                 ? 
_refine.solvent_model_param_bsol                 ? 
_refine.pdbx_ls_cross_valid_method               ? 
_refine.details                                  ? 
_refine.pdbx_starting_model                      'PDB ENTRY 1IAG' 
_refine.pdbx_method_to_determine_struct          'MOLECULAR REPLACEMENT' 
_refine.pdbx_isotropic_thermal_model             ? 
_refine.pdbx_stereochemistry_target_values       ? 
_refine.pdbx_stereochem_target_val_spec_case     ? 
_refine.pdbx_R_Free_selection_details            ? 
_refine.pdbx_overall_ESU_R                       ? 
_refine.pdbx_overall_ESU_R_Free                  ? 
_refine.overall_SU_ML                            ? 
_refine.overall_SU_B                             ? 
_refine.ls_redundancy_reflns_obs                 ? 
_refine.pdbx_refine_id                           'X-RAY DIFFRACTION' 
_refine.pdbx_diffrn_id                           1 
_refine.pdbx_TLS_residual_ADP_flag               ? 
_refine.correlation_coeff_Fo_to_Fc               ? 
_refine.correlation_coeff_Fo_to_Fc_free          ? 
_refine.pdbx_solvent_vdw_probe_radii             ? 
_refine.pdbx_solvent_ion_probe_radii             ? 
_refine.pdbx_solvent_shrinkage_radii             ? 
_refine.pdbx_overall_phase_error                 ? 
_refine.overall_SU_R_Cruickshank_DPI             ? 
_refine.pdbx_overall_SU_R_free_Cruickshank_DPI   ? 
_refine.pdbx_overall_SU_R_Blow_DPI               ? 
_refine.pdbx_overall_SU_R_free_Blow_DPI          ? 
# 
_refine_hist.pdbx_refine_id                   'X-RAY DIFFRACTION' 
_refine_hist.cycle_id                         LAST 
_refine_hist.pdbx_number_atoms_protein        1528 
_refine_hist.pdbx_number_atoms_nucleic_acid   0 
_refine_hist.pdbx_number_atoms_ligand         4 
_refine_hist.number_atoms_solvent             160 
_refine_hist.number_atoms_total               1692 
_refine_hist.d_res_high                       1.9 
_refine_hist.d_res_low                        8.0 
# 
loop_
_refine_ls_restr.type 
_refine_ls_restr.dev_ideal 
_refine_ls_restr.dev_ideal_target 
_refine_ls_restr.weight 
_refine_ls_restr.number 
_refine_ls_restr.pdbx_refine_id 
_refine_ls_restr.pdbx_restraint_function 
x_bond_d                0.013 ? ? ? 'X-RAY DIFFRACTION' ? 
x_bond_d_na             ?     ? ? ? 'X-RAY DIFFRACTION' ? 
x_bond_d_prot           ?     ? ? ? 'X-RAY DIFFRACTION' ? 
x_angle_d               ?     ? ? ? 'X-RAY DIFFRACTION' ? 
x_angle_d_na            ?     ? ? ? 'X-RAY DIFFRACTION' ? 
x_angle_d_prot          ?     ? ? ? 'X-RAY DIFFRACTION' ? 
x_angle_deg             1.61  ? ? ? 'X-RAY DIFFRACTION' ? 
x_angle_deg_na          ?     ? ? ? 'X-RAY DIFFRACTION' ? 
x_angle_deg_prot        ?     ? ? ? 'X-RAY DIFFRACTION' ? 
x_dihedral_angle_d      ?     ? ? ? 'X-RAY DIFFRACTION' ? 
x_dihedral_angle_d_na   ?     ? ? ? 'X-RAY DIFFRACTION' ? 
x_dihedral_angle_d_prot ?     ? ? ? 'X-RAY DIFFRACTION' ? 
x_improper_angle_d      ?     ? ? ? 'X-RAY DIFFRACTION' ? 
x_improper_angle_d_na   ?     ? ? ? 'X-RAY DIFFRACTION' ? 
x_improper_angle_d_prot ?     ? ? ? 'X-RAY DIFFRACTION' ? 
x_mcbond_it             ?     ? ? ? 'X-RAY DIFFRACTION' ? 
x_mcangle_it            ?     ? ? ? 'X-RAY DIFFRACTION' ? 
x_scbond_it             ?     ? ? ? 'X-RAY DIFFRACTION' ? 
x_scangle_it            ?     ? ? ? 'X-RAY DIFFRACTION' ? 
# 
_struct.entry_id                  1BUD 
_struct.title                     'ACUTOLYSIN A FROM SNAKE VENOM OF AGKISTRODON ACUTUS AT PH 5.0' 
_struct.pdbx_model_details        ? 
_struct.pdbx_CASP_flag            ? 
_struct.pdbx_model_type_details   ? 
# 
_struct_keywords.entry_id        1BUD 
_struct_keywords.pdbx_keywords   TOXIN 
_struct_keywords.text            'METALLOPROTEINASE, SNAKE VENOM, MMP, TOXIN' 
# 
loop_
_struct_asym.id 
_struct_asym.pdbx_blank_PDB_chainid_flag 
_struct_asym.pdbx_modified 
_struct_asym.entity_id 
_struct_asym.details 
A N N 1 ? 
B N N 2 ? 
C N N 3 ? 
D N N 4 ? 
# 
_struct_ref.id                         1 
_struct_ref.db_name                    UNP 
_struct_ref.db_code                    ACLA_AGKAC 
_struct_ref.entity_id                  1 
_struct_ref.pdbx_db_accession          Q9PW35 
_struct_ref.pdbx_db_isoform            ? 
_struct_ref.pdbx_seq_one_letter_code   ? 
_struct_ref.pdbx_align_begin           ? 
# 
_struct_ref_seq.align_id                      1 
_struct_ref_seq.ref_id                        1 
_struct_ref_seq.pdbx_PDB_id_code              1BUD 
_struct_ref_seq.pdbx_strand_id                A 
_struct_ref_seq.seq_align_beg                 1 
_struct_ref_seq.pdbx_seq_align_beg_ins_code   ? 
_struct_ref_seq.seq_align_end                 197 
_struct_ref_seq.pdbx_seq_align_end_ins_code   ? 
_struct_ref_seq.pdbx_db_accession             Q9PW35 
_struct_ref_seq.db_align_beg                  191 
_struct_ref_seq.pdbx_db_align_beg_ins_code    ? 
_struct_ref_seq.db_align_end                  388 
_struct_ref_seq.pdbx_db_align_end_ins_code    ? 
_struct_ref_seq.pdbx_auth_seq_align_beg       4 
_struct_ref_seq.pdbx_auth_seq_align_end       200 
# 
loop_
_struct_ref_seq_dif.align_id 
_struct_ref_seq_dif.pdbx_pdb_id_code 
_struct_ref_seq_dif.mon_id 
_struct_ref_seq_dif.pdbx_pdb_strand_id 
_struct_ref_seq_dif.seq_num 
_struct_ref_seq_dif.pdbx_pdb_ins_code 
_struct_ref_seq_dif.pdbx_seq_db_name 
_struct_ref_seq_dif.pdbx_seq_db_accession_code 
_struct_ref_seq_dif.db_mon_id 
_struct_ref_seq_dif.pdbx_seq_db_seq_num 
_struct_ref_seq_dif.details 
_struct_ref_seq_dif.pdbx_auth_seq_num 
_struct_ref_seq_dif.pdbx_ordinal 
1 1BUD SER A 25  ? UNP Q9PW35 LYS 215 conflict 28  1  
1 1BUD LYS A 45  ? UNP Q9PW35 TYR 235 conflict 48  2  
1 1BUD SER A 49  ? UNP Q9PW35 ILE 239 conflict 52  3  
1 1BUD GLY A 58  ? UNP Q9PW35 GLU 248 conflict 61  4  
1 1BUD ASP A 63  ? UNP Q9PW35 ASN 253 conflict 66  5  
1 1BUD ALA A 66  ? UNP Q9PW35 THR 256 conflict 69  6  
1 1BUD GLY A 69  ? UNP Q9PW35 GLU 259 conflict 72  7  
1 1BUD ALA A 103 ? UNP Q9PW35 PRO 293 conflict 106 8  
1 1BUD ASN A 115 ? UNP Q9PW35 ASP 305 conflict 118 9  
1 1BUD ILE A 123 ? UNP Q9PW35 VAL 313 conflict 126 10 
1 1BUD SER A 148 ? UNP Q9PW35 ARG 338 conflict 151 11 
1 1BUD ?   A ?   ? UNP Q9PW35 SER 248 conflict ?   12 
1 1BUD LYS A 159 ? UNP Q9PW35 TYR 250 conflict 162 13 
1 1BUD SER A 160 ? UNP Q9PW35 THR 251 conflict 163 14 
1 1BUD SER A 166 ? UNP Q9PW35 VAL 257 conflict 169 15 
1 1BUD SER A 168 ? UNP Q9PW35 ASN 259 conflict 171 16 
1 1BUD ASP A 169 ? UNP Q9PW35 SER 260 conflict 172 17 
1 1BUD THR A 171 ? UNP Q9PW35 VAL 262 conflict 174 18 
1 1BUD ASP A 185 ? UNP Q9PW35 GLU 376 conflict 188 19 
# 
_pdbx_struct_assembly.id                   1 
_pdbx_struct_assembly.details              author_defined_assembly 
_pdbx_struct_assembly.method_details       ? 
_pdbx_struct_assembly.oligomeric_details   monomeric 
_pdbx_struct_assembly.oligomeric_count     1 
# 
_pdbx_struct_assembly_gen.assembly_id       1 
_pdbx_struct_assembly_gen.oper_expression   1 
_pdbx_struct_assembly_gen.asym_id_list      A,B,C,D 
# 
_pdbx_struct_oper_list.id                   1 
_pdbx_struct_oper_list.type                 'identity operation' 
_pdbx_struct_oper_list.name                 1_555 
_pdbx_struct_oper_list.symmetry_operation   x,y,z 
_pdbx_struct_oper_list.matrix[1][1]         1.0000000000 
_pdbx_struct_oper_list.matrix[1][2]         0.0000000000 
_pdbx_struct_oper_list.matrix[1][3]         0.0000000000 
_pdbx_struct_oper_list.vector[1]            0.0000000000 
_pdbx_struct_oper_list.matrix[2][1]         0.0000000000 
_pdbx_struct_oper_list.matrix[2][2]         1.0000000000 
_pdbx_struct_oper_list.matrix[2][3]         0.0000000000 
_pdbx_struct_oper_list.vector[2]            0.0000000000 
_pdbx_struct_oper_list.matrix[3][1]         0.0000000000 
_pdbx_struct_oper_list.matrix[3][2]         0.0000000000 
_pdbx_struct_oper_list.matrix[3][3]         1.0000000000 
_pdbx_struct_oper_list.vector[3]            0.0000000000 
# 
_struct_biol.id   1 
# 
loop_
_struct_conf.conf_type_id 
_struct_conf.id 
_struct_conf.pdbx_PDB_helix_id 
_struct_conf.beg_label_comp_id 
_struct_conf.beg_label_asym_id 
_struct_conf.beg_label_seq_id 
_struct_conf.pdbx_beg_PDB_ins_code 
_struct_conf.end_label_comp_id 
_struct_conf.end_label_asym_id 
_struct_conf.end_label_seq_id 
_struct_conf.pdbx_end_PDB_ins_code 
_struct_conf.beg_auth_comp_id 
_struct_conf.beg_auth_asym_id 
_struct_conf.beg_auth_seq_id 
_struct_conf.end_auth_comp_id 
_struct_conf.end_auth_asym_id 
_struct_conf.end_auth_seq_id 
_struct_conf.pdbx_PDB_helix_class 
_struct_conf.details 
_struct_conf.pdbx_PDB_helix_length 
HELX_P HELX_P1 1 HIS A 13  ? LYS A 18  ? HIS A 16  LYS A 21  1 ? 6  
HELX_P HELX_P2 2 SER A 23  ? LEU A 44  ? SER A 26  LEU A 47  1 ? 22 
HELX_P HELX_P3 3 ALA A 68  ? LYS A 81  ? ALA A 71  LYS A 84  1 ? 14 
HELX_P HELX_P4 4 LEU A 83  ? HIS A 85  ? LEU A 86  HIS A 88  5 ? 3  
HELX_P HELX_P5 5 ASN A 130 ? ASN A 144 ? ASN A 133 ASN A 147 1 ? 15 
HELX_P HELX_P6 6 ASP A 177 ? GLU A 190 ? ASP A 180 GLU A 193 1 ? 14 
HELX_P HELX_P7 7 PRO A 193 ? ILE A 195 ? PRO A 196 ILE A 198 5 ? 3  
# 
_struct_conf_type.id          HELX_P 
_struct_conf_type.criteria    ? 
_struct_conf_type.reference   ? 
# 
loop_
_struct_conn.id 
_struct_conn.conn_type_id 
_struct_conn.pdbx_leaving_atom_flag 
_struct_conn.pdbx_PDB_id 
_struct_conn.ptnr1_label_asym_id 
_struct_conn.ptnr1_label_comp_id 
_struct_conn.ptnr1_label_seq_id 
_struct_conn.ptnr1_label_atom_id 
_struct_conn.pdbx_ptnr1_label_alt_id 
_struct_conn.pdbx_ptnr1_PDB_ins_code 
_struct_conn.pdbx_ptnr1_standard_comp_id 
_struct_conn.ptnr1_symmetry 
_struct_conn.ptnr2_label_asym_id 
_struct_conn.ptnr2_label_comp_id 
_struct_conn.ptnr2_label_seq_id 
_struct_conn.ptnr2_label_atom_id 
_struct_conn.pdbx_ptnr2_label_alt_id 
_struct_conn.pdbx_ptnr2_PDB_ins_code 
_struct_conn.ptnr1_auth_asym_id 
_struct_conn.ptnr1_auth_comp_id 
_struct_conn.ptnr1_auth_seq_id 
_struct_conn.ptnr2_auth_asym_id 
_struct_conn.ptnr2_auth_comp_id 
_struct_conn.ptnr2_auth_seq_id 
_struct_conn.ptnr2_symmetry 
_struct_conn.pdbx_ptnr3_label_atom_id 
_struct_conn.pdbx_ptnr3_label_seq_id 
_struct_conn.pdbx_ptnr3_label_comp_id 
_struct_conn.pdbx_ptnr3_label_asym_id 
_struct_conn.pdbx_ptnr3_label_alt_id 
_struct_conn.pdbx_ptnr3_PDB_ins_code 
_struct_conn.details 
_struct_conn.pdbx_dist_value 
_struct_conn.pdbx_value_order 
_struct_conn.pdbx_role 
disulf1  disulf ? ? A CYS 114 SG  ? ? ? 1_555 A CYS 194 SG ? ? A CYS 117 A CYS 197 1_555 ? ? ? ? ? ? ? 2.021 ? ? 
disulf2  disulf ? ? A CYS 154 SG  ? ? ? 1_555 A CYS 178 SG ? ? A CYS 157 A CYS 181 1_555 ? ? ? ? ? ? ? 2.005 ? ? 
disulf3  disulf ? ? A CYS 156 SG  ? ? ? 1_555 A CYS 161 SG ? ? A CYS 159 A CYS 164 1_555 ? ? ? ? ? ? ? 2.038 ? ? 
metalc1  metalc ? ? A GLU 6   OE2 ? ? ? 1_555 C CA  .   CA ? ? A GLU 9   A CA  900 1_555 ? ? ? ? ? ? ? 1.976 ? ? 
metalc2  metalc ? ? A ASP 90  OD2 ? ? ? 1_555 C CA  .   CA ? ? A ASP 93  A CA  900 1_555 ? ? ? ? ? ? ? 2.351 ? ? 
metalc3  metalc ? ? A ASP 90  OD1 ? ? ? 1_555 C CA  .   CA ? ? A ASP 93  A CA  900 1_555 ? ? ? ? ? ? ? 2.228 ? ? 
metalc4  metalc ? ? A HIS 139 NE2 ? ? ? 1_555 B ZN  .   ZN ? ? A HIS 142 A ZN  800 1_555 ? ? ? ? ? ? ? 1.981 ? ? 
metalc5  metalc ? ? A HIS 143 NE2 ? ? ? 1_555 B ZN  .   ZN ? ? A HIS 146 A ZN  800 1_555 ? ? ? ? ? ? ? 2.091 ? ? 
metalc6  metalc ? ? A HIS 149 NE2 ? ? ? 1_555 B ZN  .   ZN ? ? A HIS 152 A ZN  800 1_555 ? ? ? ? ? ? ? 2.067 ? ? 
metalc7  metalc ? ? A CYS 194 O   ? ? ? 1_555 C CA  .   CA ? ? A CYS 197 A CA  900 1_555 ? ? ? ? ? ? ? 2.347 ? ? 
metalc8  metalc ? ? A ASN 197 OD1 ? ? ? 1_555 C CA  .   CA ? ? A ASN 200 A CA  900 1_555 ? ? ? ? ? ? ? 2.477 ? ? 
metalc9  metalc ? ? D HOH .   O   ? ? ? 1_555 B ZN  .   ZN ? ? A HOH 561 A ZN  800 1_555 ? ? ? ? ? ? ? 2.242 ? ? 
metalc10 metalc ? ? D HOH .   O   ? ? ? 1_555 C CA  .   CA ? ? A HOH 562 A CA  900 1_555 ? ? ? ? ? ? ? 2.316 ? ? 
# 
loop_
_struct_conn_type.id 
_struct_conn_type.criteria 
_struct_conn_type.reference 
disulf ? ? 
metalc ? ? 
# 
loop_
_pdbx_struct_conn_angle.id 
_pdbx_struct_conn_angle.ptnr1_label_atom_id 
_pdbx_struct_conn_angle.ptnr1_label_alt_id 
_pdbx_struct_conn_angle.ptnr1_label_asym_id 
_pdbx_struct_conn_angle.ptnr1_label_comp_id 
_pdbx_struct_conn_angle.ptnr1_label_seq_id 
_pdbx_struct_conn_angle.ptnr1_auth_atom_id 
_pdbx_struct_conn_angle.ptnr1_auth_asym_id 
_pdbx_struct_conn_angle.ptnr1_auth_comp_id 
_pdbx_struct_conn_angle.ptnr1_auth_seq_id 
_pdbx_struct_conn_angle.ptnr1_PDB_ins_code 
_pdbx_struct_conn_angle.ptnr1_symmetry 
_pdbx_struct_conn_angle.ptnr2_label_atom_id 
_pdbx_struct_conn_angle.ptnr2_label_alt_id 
_pdbx_struct_conn_angle.ptnr2_label_asym_id 
_pdbx_struct_conn_angle.ptnr2_label_comp_id 
_pdbx_struct_conn_angle.ptnr2_label_seq_id 
_pdbx_struct_conn_angle.ptnr2_auth_atom_id 
_pdbx_struct_conn_angle.ptnr2_auth_asym_id 
_pdbx_struct_conn_angle.ptnr2_auth_comp_id 
_pdbx_struct_conn_angle.ptnr2_auth_seq_id 
_pdbx_struct_conn_angle.ptnr2_PDB_ins_code 
_pdbx_struct_conn_angle.ptnr2_symmetry 
_pdbx_struct_conn_angle.ptnr3_label_atom_id 
_pdbx_struct_conn_angle.ptnr3_label_alt_id 
_pdbx_struct_conn_angle.ptnr3_label_asym_id 
_pdbx_struct_conn_angle.ptnr3_label_comp_id 
_pdbx_struct_conn_angle.ptnr3_label_seq_id 
_pdbx_struct_conn_angle.ptnr3_auth_atom_id 
_pdbx_struct_conn_angle.ptnr3_auth_asym_id 
_pdbx_struct_conn_angle.ptnr3_auth_comp_id 
_pdbx_struct_conn_angle.ptnr3_auth_seq_id 
_pdbx_struct_conn_angle.ptnr3_PDB_ins_code 
_pdbx_struct_conn_angle.ptnr3_symmetry 
_pdbx_struct_conn_angle.value 
_pdbx_struct_conn_angle.value_esd 
1  OE2 ? A GLU 6   ? A GLU 9   ? 1_555 CA ? C CA . ? A CA 900 ? 1_555 OD2 ? A ASP 90  ? A ASP 93  ? 1_555 98.7  ? 
2  OE2 ? A GLU 6   ? A GLU 9   ? 1_555 CA ? C CA . ? A CA 900 ? 1_555 OD1 ? A ASP 90  ? A ASP 93  ? 1_555 101.4 ? 
3  OD2 ? A ASP 90  ? A ASP 93  ? 1_555 CA ? C CA . ? A CA 900 ? 1_555 OD1 ? A ASP 90  ? A ASP 93  ? 1_555 56.6  ? 
4  OE2 ? A GLU 6   ? A GLU 9   ? 1_555 CA ? C CA . ? A CA 900 ? 1_555 O   ? A CYS 194 ? A CYS 197 ? 1_555 170.9 ? 
5  OD2 ? A ASP 90  ? A ASP 93  ? 1_555 CA ? C CA . ? A CA 900 ? 1_555 O   ? A CYS 194 ? A CYS 197 ? 1_555 87.5  ? 
6  OD1 ? A ASP 90  ? A ASP 93  ? 1_555 CA ? C CA . ? A CA 900 ? 1_555 O   ? A CYS 194 ? A CYS 197 ? 1_555 87.6  ? 
7  OE2 ? A GLU 6   ? A GLU 9   ? 1_555 CA ? C CA . ? A CA 900 ? 1_555 OD1 ? A ASN 197 ? A ASN 200 ? 1_555 98.0  ? 
8  OD2 ? A ASP 90  ? A ASP 93  ? 1_555 CA ? C CA . ? A CA 900 ? 1_555 OD1 ? A ASN 197 ? A ASN 200 ? 1_555 143.1 ? 
9  OD1 ? A ASP 90  ? A ASP 93  ? 1_555 CA ? C CA . ? A CA 900 ? 1_555 OD1 ? A ASN 197 ? A ASN 200 ? 1_555 148.8 ? 
10 O   ? A CYS 194 ? A CYS 197 ? 1_555 CA ? C CA . ? A CA 900 ? 1_555 OD1 ? A ASN 197 ? A ASN 200 ? 1_555 73.2  ? 
11 OE2 ? A GLU 6   ? A GLU 9   ? 1_555 CA ? C CA . ? A CA 900 ? 1_555 O   ? D HOH .   ? A HOH 562 ? 1_555 91.1  ? 
12 OD2 ? A ASP 90  ? A ASP 93  ? 1_555 CA ? C CA . ? A CA 900 ? 1_555 O   ? D HOH .   ? A HOH 562 ? 1_555 79.0  ? 
13 OD1 ? A ASP 90  ? A ASP 93  ? 1_555 CA ? C CA . ? A CA 900 ? 1_555 O   ? D HOH .   ? A HOH 562 ? 1_555 135.1 ? 
14 O   ? A CYS 194 ? A CYS 197 ? 1_555 CA ? C CA . ? A CA 900 ? 1_555 O   ? D HOH .   ? A HOH 562 ? 1_555 83.4  ? 
15 OD1 ? A ASN 197 ? A ASN 200 ? 1_555 CA ? C CA . ? A CA 900 ? 1_555 O   ? D HOH .   ? A HOH 562 ? 1_555 68.0  ? 
16 NE2 ? A HIS 139 ? A HIS 142 ? 1_555 ZN ? B ZN . ? A ZN 800 ? 1_555 NE2 ? A HIS 143 ? A HIS 146 ? 1_555 100.8 ? 
17 NE2 ? A HIS 139 ? A HIS 142 ? 1_555 ZN ? B ZN . ? A ZN 800 ? 1_555 NE2 ? A HIS 149 ? A HIS 152 ? 1_555 110.8 ? 
18 NE2 ? A HIS 143 ? A HIS 146 ? 1_555 ZN ? B ZN . ? A ZN 800 ? 1_555 NE2 ? A HIS 149 ? A HIS 152 ? 1_555 101.0 ? 
19 NE2 ? A HIS 139 ? A HIS 142 ? 1_555 ZN ? B ZN . ? A ZN 800 ? 1_555 O   ? D HOH .   ? A HOH 561 ? 1_555 107.9 ? 
20 NE2 ? A HIS 143 ? A HIS 146 ? 1_555 ZN ? B ZN . ? A ZN 800 ? 1_555 O   ? D HOH .   ? A HOH 561 ? 1_555 114.6 ? 
21 NE2 ? A HIS 149 ? A HIS 152 ? 1_555 ZN ? B ZN . ? A ZN 800 ? 1_555 O   ? D HOH .   ? A HOH 561 ? 1_555 119.9 ? 
# 
loop_
_pdbx_modification_feature.ordinal 
_pdbx_modification_feature.label_comp_id 
_pdbx_modification_feature.label_asym_id 
_pdbx_modification_feature.label_seq_id 
_pdbx_modification_feature.label_alt_id 
_pdbx_modification_feature.modified_residue_label_comp_id 
_pdbx_modification_feature.modified_residue_label_asym_id 
_pdbx_modification_feature.modified_residue_label_seq_id 
_pdbx_modification_feature.modified_residue_label_alt_id 
_pdbx_modification_feature.auth_comp_id 
_pdbx_modification_feature.auth_asym_id 
_pdbx_modification_feature.auth_seq_id 
_pdbx_modification_feature.PDB_ins_code 
_pdbx_modification_feature.symmetry 
_pdbx_modification_feature.modified_residue_auth_comp_id 
_pdbx_modification_feature.modified_residue_auth_asym_id 
_pdbx_modification_feature.modified_residue_auth_seq_id 
_pdbx_modification_feature.modified_residue_PDB_ins_code 
_pdbx_modification_feature.modified_residue_symmetry 
_pdbx_modification_feature.comp_id_linking_atom 
_pdbx_modification_feature.modified_residue_id_linking_atom 
_pdbx_modification_feature.modified_residue_id 
_pdbx_modification_feature.ref_pcm_id 
_pdbx_modification_feature.ref_comp_id 
_pdbx_modification_feature.type 
_pdbx_modification_feature.category 
1 CYS A 114 ? CYS A 194 ? CYS A 117 ? 1_555 CYS A 197 ? 1_555 SG SG . . . None 'Disulfide bridge' 
2 CYS A 154 ? CYS A 178 ? CYS A 157 ? 1_555 CYS A 181 ? 1_555 SG SG . . . None 'Disulfide bridge' 
3 CYS A 156 ? CYS A 161 ? CYS A 159 ? 1_555 CYS A 164 ? 1_555 SG SG . . . None 'Disulfide bridge' 
# 
_struct_sheet.id               A 
_struct_sheet.type             ? 
_struct_sheet.number_strands   5 
_struct_sheet.details          ? 
# 
loop_
_struct_sheet_order.sheet_id 
_struct_sheet_order.range_id_1 
_struct_sheet_order.range_id_2 
_struct_sheet_order.offset 
_struct_sheet_order.sense 
A 1 2 ? anti-parallel 
A 2 3 ? parallel      
A 3 4 ? parallel      
A 4 5 ? parallel      
# 
loop_
_struct_sheet_range.sheet_id 
_struct_sheet_range.id 
_struct_sheet_range.beg_label_comp_id 
_struct_sheet_range.beg_label_asym_id 
_struct_sheet_range.beg_label_seq_id 
_struct_sheet_range.pdbx_beg_PDB_ins_code 
_struct_sheet_range.end_label_comp_id 
_struct_sheet_range.end_label_asym_id 
_struct_sheet_range.end_label_seq_id 
_struct_sheet_range.pdbx_end_PDB_ins_code 
_struct_sheet_range.beg_auth_comp_id 
_struct_sheet_range.beg_auth_asym_id 
_struct_sheet_range.beg_auth_seq_id 
_struct_sheet_range.end_auth_comp_id 
_struct_sheet_range.end_auth_asym_id 
_struct_sheet_range.end_auth_seq_id 
A 1 GLY A 106 ? ALA A 108 ? GLY A 109 ALA A 111 
A 2 VAL A 120 ? GLN A 124 ? VAL A 123 GLN A 127 
A 3 ASN A 91  ? THR A 96  ? ASN A 94  THR A 99  
A 4 ARG A 3   ? VAL A 11  ? ARG A 6   VAL A 14  
A 5 ILE A 46  ? ILE A 55  ? ILE A 49  ILE A 58  
# 
loop_
_pdbx_struct_sheet_hbond.sheet_id 
_pdbx_struct_sheet_hbond.range_id_1 
_pdbx_struct_sheet_hbond.range_id_2 
_pdbx_struct_sheet_hbond.range_1_label_atom_id 
_pdbx_struct_sheet_hbond.range_1_label_comp_id 
_pdbx_struct_sheet_hbond.range_1_label_asym_id 
_pdbx_struct_sheet_hbond.range_1_label_seq_id 
_pdbx_struct_sheet_hbond.range_1_PDB_ins_code 
_pdbx_struct_sheet_hbond.range_1_auth_atom_id 
_pdbx_struct_sheet_hbond.range_1_auth_comp_id 
_pdbx_struct_sheet_hbond.range_1_auth_asym_id 
_pdbx_struct_sheet_hbond.range_1_auth_seq_id 
_pdbx_struct_sheet_hbond.range_2_label_atom_id 
_pdbx_struct_sheet_hbond.range_2_label_comp_id 
_pdbx_struct_sheet_hbond.range_2_label_asym_id 
_pdbx_struct_sheet_hbond.range_2_label_seq_id 
_pdbx_struct_sheet_hbond.range_2_PDB_ins_code 
_pdbx_struct_sheet_hbond.range_2_auth_atom_id 
_pdbx_struct_sheet_hbond.range_2_auth_comp_id 
_pdbx_struct_sheet_hbond.range_2_auth_asym_id 
_pdbx_struct_sheet_hbond.range_2_auth_seq_id 
A 1 2 O LEU A 107 ? O LEU A 110 N VAL A 122 ? N VAL A 125 
A 2 3 O GLY A 121 ? O GLY A 124 N ALA A 92  ? N ALA A 95  
A 3 4 O ASN A 91  ? O ASN A 94  N VAL A 8   ? N VAL A 11  
A 4 5 O ARG A 3   ? O ARG A 6   N ASP A 47  ? N ASP A 50  
# 
loop_
_struct_site.id 
_struct_site.pdbx_evidence_code 
_struct_site.pdbx_auth_asym_id 
_struct_site.pdbx_auth_comp_id 
_struct_site.pdbx_auth_seq_id 
_struct_site.pdbx_auth_ins_code 
_struct_site.pdbx_num_residues 
_struct_site.details 
AC1 Software A ZN 800 ? 4 'BINDING SITE FOR RESIDUE ZN A 800' 
AC2 Software A CA 900 ? 5 'BINDING SITE FOR RESIDUE CA A 900' 
# 
loop_
_struct_site_gen.id 
_struct_site_gen.site_id 
_struct_site_gen.pdbx_num_res 
_struct_site_gen.label_comp_id 
_struct_site_gen.label_asym_id 
_struct_site_gen.label_seq_id 
_struct_site_gen.pdbx_auth_ins_code 
_struct_site_gen.auth_comp_id 
_struct_site_gen.auth_asym_id 
_struct_site_gen.auth_seq_id 
_struct_site_gen.label_atom_id 
_struct_site_gen.label_alt_id 
_struct_site_gen.symmetry 
_struct_site_gen.details 
1 AC1 4 HIS A 139 ? HIS A 142 . ? 1_555 ? 
2 AC1 4 HIS A 143 ? HIS A 146 . ? 1_555 ? 
3 AC1 4 HIS A 149 ? HIS A 152 . ? 1_555 ? 
4 AC1 4 HOH D .   ? HOH A 561 . ? 1_555 ? 
5 AC2 5 GLU A 6   ? GLU A 9   . ? 1_555 ? 
6 AC2 5 ASP A 90  ? ASP A 93  . ? 1_555 ? 
7 AC2 5 CYS A 194 ? CYS A 197 . ? 1_555 ? 
8 AC2 5 ASN A 197 ? ASN A 200 . ? 1_555 ? 
9 AC2 5 HOH D .   ? HOH A 562 . ? 1_555 ? 
# 
_pdbx_entry_details.entry_id                   1BUD 
_pdbx_entry_details.compound_details           ? 
_pdbx_entry_details.source_details             ? 
_pdbx_entry_details.nonpolymer_details         ? 
_pdbx_entry_details.sequence_details           ? 
_pdbx_entry_details.has_ligand_of_interest     ? 
_pdbx_entry_details.has_protein_modification   Y 
# 
loop_
_pdbx_validate_torsion.id 
_pdbx_validate_torsion.PDB_model_num 
_pdbx_validate_torsion.auth_comp_id 
_pdbx_validate_torsion.auth_asym_id 
_pdbx_validate_torsion.auth_seq_id 
_pdbx_validate_torsion.PDB_ins_code 
_pdbx_validate_torsion.label_alt_id 
_pdbx_validate_torsion.phi 
_pdbx_validate_torsion.psi 
1 1 ASP A 85  ? ? -115.22 -76.59 
2 1 ALA A 106 ? ? -94.01  50.93  
3 1 CYS A 117 ? ? 80.63   -14.85 
4 1 LYS A 176 ? ? -72.33  29.16  
# 
loop_
_chem_comp_atom.comp_id 
_chem_comp_atom.atom_id 
_chem_comp_atom.type_symbol 
_chem_comp_atom.pdbx_aromatic_flag 
_chem_comp_atom.pdbx_stereo_config 
_chem_comp_atom.pdbx_ordinal 
ALA N    N  N N 1   
ALA CA   C  N S 2   
ALA C    C  N N 3   
ALA O    O  N N 4   
ALA CB   C  N N 5   
ALA OXT  O  N N 6   
ALA H    H  N N 7   
ALA H2   H  N N 8   
ALA HA   H  N N 9   
ALA HB1  H  N N 10  
ALA HB2  H  N N 11  
ALA HB3  H  N N 12  
ALA HXT  H  N N 13  
ARG N    N  N N 14  
ARG CA   C  N S 15  
ARG C    C  N N 16  
ARG O    O  N N 17  
ARG CB   C  N N 18  
ARG CG   C  N N 19  
ARG CD   C  N N 20  
ARG NE   N  N N 21  
ARG CZ   C  N N 22  
ARG NH1  N  N N 23  
ARG NH2  N  N N 24  
ARG OXT  O  N N 25  
ARG H    H  N N 26  
ARG H2   H  N N 27  
ARG HA   H  N N 28  
ARG HB2  H  N N 29  
ARG HB3  H  N N 30  
ARG HG2  H  N N 31  
ARG HG3  H  N N 32  
ARG HD2  H  N N 33  
ARG HD3  H  N N 34  
ARG HE   H  N N 35  
ARG HH11 H  N N 36  
ARG HH12 H  N N 37  
ARG HH21 H  N N 38  
ARG HH22 H  N N 39  
ARG HXT  H  N N 40  
ASN N    N  N N 41  
ASN CA   C  N S 42  
ASN C    C  N N 43  
ASN O    O  N N 44  
ASN CB   C  N N 45  
ASN CG   C  N N 46  
ASN OD1  O  N N 47  
ASN ND2  N  N N 48  
ASN OXT  O  N N 49  
ASN H    H  N N 50  
ASN H2   H  N N 51  
ASN HA   H  N N 52  
ASN HB2  H  N N 53  
ASN HB3  H  N N 54  
ASN HD21 H  N N 55  
ASN HD22 H  N N 56  
ASN HXT  H  N N 57  
ASP N    N  N N 58  
ASP CA   C  N S 59  
ASP C    C  N N 60  
ASP O    O  N N 61  
ASP CB   C  N N 62  
ASP CG   C  N N 63  
ASP OD1  O  N N 64  
ASP OD2  O  N N 65  
ASP OXT  O  N N 66  
ASP H    H  N N 67  
ASP H2   H  N N 68  
ASP HA   H  N N 69  
ASP HB2  H  N N 70  
ASP HB3  H  N N 71  
ASP HD2  H  N N 72  
ASP HXT  H  N N 73  
CA  CA   CA N N 74  
CYS N    N  N N 75  
CYS CA   C  N R 76  
CYS C    C  N N 77  
CYS O    O  N N 78  
CYS CB   C  N N 79  
CYS SG   S  N N 80  
CYS OXT  O  N N 81  
CYS H    H  N N 82  
CYS H2   H  N N 83  
CYS HA   H  N N 84  
CYS HB2  H  N N 85  
CYS HB3  H  N N 86  
CYS HG   H  N N 87  
CYS HXT  H  N N 88  
GLN N    N  N N 89  
GLN CA   C  N S 90  
GLN C    C  N N 91  
GLN O    O  N N 92  
GLN CB   C  N N 93  
GLN CG   C  N N 94  
GLN CD   C  N N 95  
GLN OE1  O  N N 96  
GLN NE2  N  N N 97  
GLN OXT  O  N N 98  
GLN H    H  N N 99  
GLN H2   H  N N 100 
GLN HA   H  N N 101 
GLN HB2  H  N N 102 
GLN HB3  H  N N 103 
GLN HG2  H  N N 104 
GLN HG3  H  N N 105 
GLN HE21 H  N N 106 
GLN HE22 H  N N 107 
GLN HXT  H  N N 108 
GLU N    N  N N 109 
GLU CA   C  N S 110 
GLU C    C  N N 111 
GLU O    O  N N 112 
GLU CB   C  N N 113 
GLU CG   C  N N 114 
GLU CD   C  N N 115 
GLU OE1  O  N N 116 
GLU OE2  O  N N 117 
GLU OXT  O  N N 118 
GLU H    H  N N 119 
GLU H2   H  N N 120 
GLU HA   H  N N 121 
GLU HB2  H  N N 122 
GLU HB3  H  N N 123 
GLU HG2  H  N N 124 
GLU HG3  H  N N 125 
GLU HE2  H  N N 126 
GLU HXT  H  N N 127 
GLY N    N  N N 128 
GLY CA   C  N N 129 
GLY C    C  N N 130 
GLY O    O  N N 131 
GLY OXT  O  N N 132 
GLY H    H  N N 133 
GLY H2   H  N N 134 
GLY HA2  H  N N 135 
GLY HA3  H  N N 136 
GLY HXT  H  N N 137 
HIS N    N  N N 138 
HIS CA   C  N S 139 
HIS C    C  N N 140 
HIS O    O  N N 141 
HIS CB   C  N N 142 
HIS CG   C  Y N 143 
HIS ND1  N  Y N 144 
HIS CD2  C  Y N 145 
HIS CE1  C  Y N 146 
HIS NE2  N  Y N 147 
HIS OXT  O  N N 148 
HIS H    H  N N 149 
HIS H2   H  N N 150 
HIS HA   H  N N 151 
HIS HB2  H  N N 152 
HIS HB3  H  N N 153 
HIS HD1  H  N N 154 
HIS HD2  H  N N 155 
HIS HE1  H  N N 156 
HIS HE2  H  N N 157 
HIS HXT  H  N N 158 
HOH O    O  N N 159 
HOH H1   H  N N 160 
HOH H2   H  N N 161 
ILE N    N  N N 162 
ILE CA   C  N S 163 
ILE C    C  N N 164 
ILE O    O  N N 165 
ILE CB   C  N S 166 
ILE CG1  C  N N 167 
ILE CG2  C  N N 168 
ILE CD1  C  N N 169 
ILE OXT  O  N N 170 
ILE H    H  N N 171 
ILE H2   H  N N 172 
ILE HA   H  N N 173 
ILE HB   H  N N 174 
ILE HG12 H  N N 175 
ILE HG13 H  N N 176 
ILE HG21 H  N N 177 
ILE HG22 H  N N 178 
ILE HG23 H  N N 179 
ILE HD11 H  N N 180 
ILE HD12 H  N N 181 
ILE HD13 H  N N 182 
ILE HXT  H  N N 183 
LEU N    N  N N 184 
LEU CA   C  N S 185 
LEU C    C  N N 186 
LEU O    O  N N 187 
LEU CB   C  N N 188 
LEU CG   C  N N 189 
LEU CD1  C  N N 190 
LEU CD2  C  N N 191 
LEU OXT  O  N N 192 
LEU H    H  N N 193 
LEU H2   H  N N 194 
LEU HA   H  N N 195 
LEU HB2  H  N N 196 
LEU HB3  H  N N 197 
LEU HG   H  N N 198 
LEU HD11 H  N N 199 
LEU HD12 H  N N 200 
LEU HD13 H  N N 201 
LEU HD21 H  N N 202 
LEU HD22 H  N N 203 
LEU HD23 H  N N 204 
LEU HXT  H  N N 205 
LYS N    N  N N 206 
LYS CA   C  N S 207 
LYS C    C  N N 208 
LYS O    O  N N 209 
LYS CB   C  N N 210 
LYS CG   C  N N 211 
LYS CD   C  N N 212 
LYS CE   C  N N 213 
LYS NZ   N  N N 214 
LYS OXT  O  N N 215 
LYS H    H  N N 216 
LYS H2   H  N N 217 
LYS HA   H  N N 218 
LYS HB2  H  N N 219 
LYS HB3  H  N N 220 
LYS HG2  H  N N 221 
LYS HG3  H  N N 222 
LYS HD2  H  N N 223 
LYS HD3  H  N N 224 
LYS HE2  H  N N 225 
LYS HE3  H  N N 226 
LYS HZ1  H  N N 227 
LYS HZ2  H  N N 228 
LYS HZ3  H  N N 229 
LYS HXT  H  N N 230 
MET N    N  N N 231 
MET CA   C  N S 232 
MET C    C  N N 233 
MET O    O  N N 234 
MET CB   C  N N 235 
MET CG   C  N N 236 
MET SD   S  N N 237 
MET CE   C  N N 238 
MET OXT  O  N N 239 
MET H    H  N N 240 
MET H2   H  N N 241 
MET HA   H  N N 242 
MET HB2  H  N N 243 
MET HB3  H  N N 244 
MET HG2  H  N N 245 
MET HG3  H  N N 246 
MET HE1  H  N N 247 
MET HE2  H  N N 248 
MET HE3  H  N N 249 
MET HXT  H  N N 250 
PHE N    N  N N 251 
PHE CA   C  N S 252 
PHE C    C  N N 253 
PHE O    O  N N 254 
PHE CB   C  N N 255 
PHE CG   C  Y N 256 
PHE CD1  C  Y N 257 
PHE CD2  C  Y N 258 
PHE CE1  C  Y N 259 
PHE CE2  C  Y N 260 
PHE CZ   C  Y N 261 
PHE OXT  O  N N 262 
PHE H    H  N N 263 
PHE H2   H  N N 264 
PHE HA   H  N N 265 
PHE HB2  H  N N 266 
PHE HB3  H  N N 267 
PHE HD1  H  N N 268 
PHE HD2  H  N N 269 
PHE HE1  H  N N 270 
PHE HE2  H  N N 271 
PHE HZ   H  N N 272 
PHE HXT  H  N N 273 
PRO N    N  N N 274 
PRO CA   C  N S 275 
PRO C    C  N N 276 
PRO O    O  N N 277 
PRO CB   C  N N 278 
PRO CG   C  N N 279 
PRO CD   C  N N 280 
PRO OXT  O  N N 281 
PRO H    H  N N 282 
PRO HA   H  N N 283 
PRO HB2  H  N N 284 
PRO HB3  H  N N 285 
PRO HG2  H  N N 286 
PRO HG3  H  N N 287 
PRO HD2  H  N N 288 
PRO HD3  H  N N 289 
PRO HXT  H  N N 290 
SER N    N  N N 291 
SER CA   C  N S 292 
SER C    C  N N 293 
SER O    O  N N 294 
SER CB   C  N N 295 
SER OG   O  N N 296 
SER OXT  O  N N 297 
SER H    H  N N 298 
SER H2   H  N N 299 
SER HA   H  N N 300 
SER HB2  H  N N 301 
SER HB3  H  N N 302 
SER HG   H  N N 303 
SER HXT  H  N N 304 
THR N    N  N N 305 
THR CA   C  N S 306 
THR C    C  N N 307 
THR O    O  N N 308 
THR CB   C  N R 309 
THR OG1  O  N N 310 
THR CG2  C  N N 311 
THR OXT  O  N N 312 
THR H    H  N N 313 
THR H2   H  N N 314 
THR HA   H  N N 315 
THR HB   H  N N 316 
THR HG1  H  N N 317 
THR HG21 H  N N 318 
THR HG22 H  N N 319 
THR HG23 H  N N 320 
THR HXT  H  N N 321 
TRP N    N  N N 322 
TRP CA   C  N S 323 
TRP C    C  N N 324 
TRP O    O  N N 325 
TRP CB   C  N N 326 
TRP CG   C  Y N 327 
TRP CD1  C  Y N 328 
TRP CD2  C  Y N 329 
TRP NE1  N  Y N 330 
TRP CE2  C  Y N 331 
TRP CE3  C  Y N 332 
TRP CZ2  C  Y N 333 
TRP CZ3  C  Y N 334 
TRP CH2  C  Y N 335 
TRP OXT  O  N N 336 
TRP H    H  N N 337 
TRP H2   H  N N 338 
TRP HA   H  N N 339 
TRP HB2  H  N N 340 
TRP HB3  H  N N 341 
TRP HD1  H  N N 342 
TRP HE1  H  N N 343 
TRP HE3  H  N N 344 
TRP HZ2  H  N N 345 
TRP HZ3  H  N N 346 
TRP HH2  H  N N 347 
TRP HXT  H  N N 348 
TYR N    N  N N 349 
TYR CA   C  N S 350 
TYR C    C  N N 351 
TYR O    O  N N 352 
TYR CB   C  N N 353 
TYR CG   C  Y N 354 
TYR CD1  C  Y N 355 
TYR CD2  C  Y N 356 
TYR CE1  C  Y N 357 
TYR CE2  C  Y N 358 
TYR CZ   C  Y N 359 
TYR OH   O  N N 360 
TYR OXT  O  N N 361 
TYR H    H  N N 362 
TYR H2   H  N N 363 
TYR HA   H  N N 364 
TYR HB2  H  N N 365 
TYR HB3  H  N N 366 
TYR HD1  H  N N 367 
TYR HD2  H  N N 368 
TYR HE1  H  N N 369 
TYR HE2  H  N N 370 
TYR HH   H  N N 371 
TYR HXT  H  N N 372 
VAL N    N  N N 373 
VAL CA   C  N S 374 
VAL C    C  N N 375 
VAL O    O  N N 376 
VAL CB   C  N N 377 
VAL CG1  C  N N 378 
VAL CG2  C  N N 379 
VAL OXT  O  N N 380 
VAL H    H  N N 381 
VAL H2   H  N N 382 
VAL HA   H  N N 383 
VAL HB   H  N N 384 
VAL HG11 H  N N 385 
VAL HG12 H  N N 386 
VAL HG13 H  N N 387 
VAL HG21 H  N N 388 
VAL HG22 H  N N 389 
VAL HG23 H  N N 390 
VAL HXT  H  N N 391 
ZN  ZN   ZN N N 392 
# 
loop_
_chem_comp_bond.comp_id 
_chem_comp_bond.atom_id_1 
_chem_comp_bond.atom_id_2 
_chem_comp_bond.value_order 
_chem_comp_bond.pdbx_aromatic_flag 
_chem_comp_bond.pdbx_stereo_config 
_chem_comp_bond.pdbx_ordinal 
ALA N   CA   sing N N 1   
ALA N   H    sing N N 2   
ALA N   H2   sing N N 3   
ALA CA  C    sing N N 4   
ALA CA  CB   sing N N 5   
ALA CA  HA   sing N N 6   
ALA C   O    doub N N 7   
ALA C   OXT  sing N N 8   
ALA CB  HB1  sing N N 9   
ALA CB  HB2  sing N N 10  
ALA CB  HB3  sing N N 11  
ALA OXT HXT  sing N N 12  
ARG N   CA   sing N N 13  
ARG N   H    sing N N 14  
ARG N   H2   sing N N 15  
ARG CA  C    sing N N 16  
ARG CA  CB   sing N N 17  
ARG CA  HA   sing N N 18  
ARG C   O    doub N N 19  
ARG C   OXT  sing N N 20  
ARG CB  CG   sing N N 21  
ARG CB  HB2  sing N N 22  
ARG CB  HB3  sing N N 23  
ARG CG  CD   sing N N 24  
ARG CG  HG2  sing N N 25  
ARG CG  HG3  sing N N 26  
ARG CD  NE   sing N N 27  
ARG CD  HD2  sing N N 28  
ARG CD  HD3  sing N N 29  
ARG NE  CZ   sing N N 30  
ARG NE  HE   sing N N 31  
ARG CZ  NH1  sing N N 32  
ARG CZ  NH2  doub N N 33  
ARG NH1 HH11 sing N N 34  
ARG NH1 HH12 sing N N 35  
ARG NH2 HH21 sing N N 36  
ARG NH2 HH22 sing N N 37  
ARG OXT HXT  sing N N 38  
ASN N   CA   sing N N 39  
ASN N   H    sing N N 40  
ASN N   H2   sing N N 41  
ASN CA  C    sing N N 42  
ASN CA  CB   sing N N 43  
ASN CA  HA   sing N N 44  
ASN C   O    doub N N 45  
ASN C   OXT  sing N N 46  
ASN CB  CG   sing N N 47  
ASN CB  HB2  sing N N 48  
ASN CB  HB3  sing N N 49  
ASN CG  OD1  doub N N 50  
ASN CG  ND2  sing N N 51  
ASN ND2 HD21 sing N N 52  
ASN ND2 HD22 sing N N 53  
ASN OXT HXT  sing N N 54  
ASP N   CA   sing N N 55  
ASP N   H    sing N N 56  
ASP N   H2   sing N N 57  
ASP CA  C    sing N N 58  
ASP CA  CB   sing N N 59  
ASP CA  HA   sing N N 60  
ASP C   O    doub N N 61  
ASP C   OXT  sing N N 62  
ASP CB  CG   sing N N 63  
ASP CB  HB2  sing N N 64  
ASP CB  HB3  sing N N 65  
ASP CG  OD1  doub N N 66  
ASP CG  OD2  sing N N 67  
ASP OD2 HD2  sing N N 68  
ASP OXT HXT  sing N N 69  
CYS N   CA   sing N N 70  
CYS N   H    sing N N 71  
CYS N   H2   sing N N 72  
CYS CA  C    sing N N 73  
CYS CA  CB   sing N N 74  
CYS CA  HA   sing N N 75  
CYS C   O    doub N N 76  
CYS C   OXT  sing N N 77  
CYS CB  SG   sing N N 78  
CYS CB  HB2  sing N N 79  
CYS CB  HB3  sing N N 80  
CYS SG  HG   sing N N 81  
CYS OXT HXT  sing N N 82  
GLN N   CA   sing N N 83  
GLN N   H    sing N N 84  
GLN N   H2   sing N N 85  
GLN CA  C    sing N N 86  
GLN CA  CB   sing N N 87  
GLN CA  HA   sing N N 88  
GLN C   O    doub N N 89  
GLN C   OXT  sing N N 90  
GLN CB  CG   sing N N 91  
GLN CB  HB2  sing N N 92  
GLN CB  HB3  sing N N 93  
GLN CG  CD   sing N N 94  
GLN CG  HG2  sing N N 95  
GLN CG  HG3  sing N N 96  
GLN CD  OE1  doub N N 97  
GLN CD  NE2  sing N N 98  
GLN NE2 HE21 sing N N 99  
GLN NE2 HE22 sing N N 100 
GLN OXT HXT  sing N N 101 
GLU N   CA   sing N N 102 
GLU N   H    sing N N 103 
GLU N   H2   sing N N 104 
GLU CA  C    sing N N 105 
GLU CA  CB   sing N N 106 
GLU CA  HA   sing N N 107 
GLU C   O    doub N N 108 
GLU C   OXT  sing N N 109 
GLU CB  CG   sing N N 110 
GLU CB  HB2  sing N N 111 
GLU CB  HB3  sing N N 112 
GLU CG  CD   sing N N 113 
GLU CG  HG2  sing N N 114 
GLU CG  HG3  sing N N 115 
GLU CD  OE1  doub N N 116 
GLU CD  OE2  sing N N 117 
GLU OE2 HE2  sing N N 118 
GLU OXT HXT  sing N N 119 
GLY N   CA   sing N N 120 
GLY N   H    sing N N 121 
GLY N   H2   sing N N 122 
GLY CA  C    sing N N 123 
GLY CA  HA2  sing N N 124 
GLY CA  HA3  sing N N 125 
GLY C   O    doub N N 126 
GLY C   OXT  sing N N 127 
GLY OXT HXT  sing N N 128 
HIS N   CA   sing N N 129 
HIS N   H    sing N N 130 
HIS N   H2   sing N N 131 
HIS CA  C    sing N N 132 
HIS CA  CB   sing N N 133 
HIS CA  HA   sing N N 134 
HIS C   O    doub N N 135 
HIS C   OXT  sing N N 136 
HIS CB  CG   sing N N 137 
HIS CB  HB2  sing N N 138 
HIS CB  HB3  sing N N 139 
HIS CG  ND1  sing Y N 140 
HIS CG  CD2  doub Y N 141 
HIS ND1 CE1  doub Y N 142 
HIS ND1 HD1  sing N N 143 
HIS CD2 NE2  sing Y N 144 
HIS CD2 HD2  sing N N 145 
HIS CE1 NE2  sing Y N 146 
HIS CE1 HE1  sing N N 147 
HIS NE2 HE2  sing N N 148 
HIS OXT HXT  sing N N 149 
HOH O   H1   sing N N 150 
HOH O   H2   sing N N 151 
ILE N   CA   sing N N 152 
ILE N   H    sing N N 153 
ILE N   H2   sing N N 154 
ILE CA  C    sing N N 155 
ILE CA  CB   sing N N 156 
ILE CA  HA   sing N N 157 
ILE C   O    doub N N 158 
ILE C   OXT  sing N N 159 
ILE CB  CG1  sing N N 160 
ILE CB  CG2  sing N N 161 
ILE CB  HB   sing N N 162 
ILE CG1 CD1  sing N N 163 
ILE CG1 HG12 sing N N 164 
ILE CG1 HG13 sing N N 165 
ILE CG2 HG21 sing N N 166 
ILE CG2 HG22 sing N N 167 
ILE CG2 HG23 sing N N 168 
ILE CD1 HD11 sing N N 169 
ILE CD1 HD12 sing N N 170 
ILE CD1 HD13 sing N N 171 
ILE OXT HXT  sing N N 172 
LEU N   CA   sing N N 173 
LEU N   H    sing N N 174 
LEU N   H2   sing N N 175 
LEU CA  C    sing N N 176 
LEU CA  CB   sing N N 177 
LEU CA  HA   sing N N 178 
LEU C   O    doub N N 179 
LEU C   OXT  sing N N 180 
LEU CB  CG   sing N N 181 
LEU CB  HB2  sing N N 182 
LEU CB  HB3  sing N N 183 
LEU CG  CD1  sing N N 184 
LEU CG  CD2  sing N N 185 
LEU CG  HG   sing N N 186 
LEU CD1 HD11 sing N N 187 
LEU CD1 HD12 sing N N 188 
LEU CD1 HD13 sing N N 189 
LEU CD2 HD21 sing N N 190 
LEU CD2 HD22 sing N N 191 
LEU CD2 HD23 sing N N 192 
LEU OXT HXT  sing N N 193 
LYS N   CA   sing N N 194 
LYS N   H    sing N N 195 
LYS N   H2   sing N N 196 
LYS CA  C    sing N N 197 
LYS CA  CB   sing N N 198 
LYS CA  HA   sing N N 199 
LYS C   O    doub N N 200 
LYS C   OXT  sing N N 201 
LYS CB  CG   sing N N 202 
LYS CB  HB2  sing N N 203 
LYS CB  HB3  sing N N 204 
LYS CG  CD   sing N N 205 
LYS CG  HG2  sing N N 206 
LYS CG  HG3  sing N N 207 
LYS CD  CE   sing N N 208 
LYS CD  HD2  sing N N 209 
LYS CD  HD3  sing N N 210 
LYS CE  NZ   sing N N 211 
LYS CE  HE2  sing N N 212 
LYS CE  HE3  sing N N 213 
LYS NZ  HZ1  sing N N 214 
LYS NZ  HZ2  sing N N 215 
LYS NZ  HZ3  sing N N 216 
LYS OXT HXT  sing N N 217 
MET N   CA   sing N N 218 
MET N   H    sing N N 219 
MET N   H2   sing N N 220 
MET CA  C    sing N N 221 
MET CA  CB   sing N N 222 
MET CA  HA   sing N N 223 
MET C   O    doub N N 224 
MET C   OXT  sing N N 225 
MET CB  CG   sing N N 226 
MET CB  HB2  sing N N 227 
MET CB  HB3  sing N N 228 
MET CG  SD   sing N N 229 
MET CG  HG2  sing N N 230 
MET CG  HG3  sing N N 231 
MET SD  CE   sing N N 232 
MET CE  HE1  sing N N 233 
MET CE  HE2  sing N N 234 
MET CE  HE3  sing N N 235 
MET OXT HXT  sing N N 236 
PHE N   CA   sing N N 237 
PHE N   H    sing N N 238 
PHE N   H2   sing N N 239 
PHE CA  C    sing N N 240 
PHE CA  CB   sing N N 241 
PHE CA  HA   sing N N 242 
PHE C   O    doub N N 243 
PHE C   OXT  sing N N 244 
PHE CB  CG   sing N N 245 
PHE CB  HB2  sing N N 246 
PHE CB  HB3  sing N N 247 
PHE CG  CD1  doub Y N 248 
PHE CG  CD2  sing Y N 249 
PHE CD1 CE1  sing Y N 250 
PHE CD1 HD1  sing N N 251 
PHE CD2 CE2  doub Y N 252 
PHE CD2 HD2  sing N N 253 
PHE CE1 CZ   doub Y N 254 
PHE CE1 HE1  sing N N 255 
PHE CE2 CZ   sing Y N 256 
PHE CE2 HE2  sing N N 257 
PHE CZ  HZ   sing N N 258 
PHE OXT HXT  sing N N 259 
PRO N   CA   sing N N 260 
PRO N   CD   sing N N 261 
PRO N   H    sing N N 262 
PRO CA  C    sing N N 263 
PRO CA  CB   sing N N 264 
PRO CA  HA   sing N N 265 
PRO C   O    doub N N 266 
PRO C   OXT  sing N N 267 
PRO CB  CG   sing N N 268 
PRO CB  HB2  sing N N 269 
PRO CB  HB3  sing N N 270 
PRO CG  CD   sing N N 271 
PRO CG  HG2  sing N N 272 
PRO CG  HG3  sing N N 273 
PRO CD  HD2  sing N N 274 
PRO CD  HD3  sing N N 275 
PRO OXT HXT  sing N N 276 
SER N   CA   sing N N 277 
SER N   H    sing N N 278 
SER N   H2   sing N N 279 
SER CA  C    sing N N 280 
SER CA  CB   sing N N 281 
SER CA  HA   sing N N 282 
SER C   O    doub N N 283 
SER C   OXT  sing N N 284 
SER CB  OG   sing N N 285 
SER CB  HB2  sing N N 286 
SER CB  HB3  sing N N 287 
SER OG  HG   sing N N 288 
SER OXT HXT  sing N N 289 
THR N   CA   sing N N 290 
THR N   H    sing N N 291 
THR N   H2   sing N N 292 
THR CA  C    sing N N 293 
THR CA  CB   sing N N 294 
THR CA  HA   sing N N 295 
THR C   O    doub N N 296 
THR C   OXT  sing N N 297 
THR CB  OG1  sing N N 298 
THR CB  CG2  sing N N 299 
THR CB  HB   sing N N 300 
THR OG1 HG1  sing N N 301 
THR CG2 HG21 sing N N 302 
THR CG2 HG22 sing N N 303 
THR CG2 HG23 sing N N 304 
THR OXT HXT  sing N N 305 
TRP N   CA   sing N N 306 
TRP N   H    sing N N 307 
TRP N   H2   sing N N 308 
TRP CA  C    sing N N 309 
TRP CA  CB   sing N N 310 
TRP CA  HA   sing N N 311 
TRP C   O    doub N N 312 
TRP C   OXT  sing N N 313 
TRP CB  CG   sing N N 314 
TRP CB  HB2  sing N N 315 
TRP CB  HB3  sing N N 316 
TRP CG  CD1  doub Y N 317 
TRP CG  CD2  sing Y N 318 
TRP CD1 NE1  sing Y N 319 
TRP CD1 HD1  sing N N 320 
TRP CD2 CE2  doub Y N 321 
TRP CD2 CE3  sing Y N 322 
TRP NE1 CE2  sing Y N 323 
TRP NE1 HE1  sing N N 324 
TRP CE2 CZ2  sing Y N 325 
TRP CE3 CZ3  doub Y N 326 
TRP CE3 HE3  sing N N 327 
TRP CZ2 CH2  doub Y N 328 
TRP CZ2 HZ2  sing N N 329 
TRP CZ3 CH2  sing Y N 330 
TRP CZ3 HZ3  sing N N 331 
TRP CH2 HH2  sing N N 332 
TRP OXT HXT  sing N N 333 
TYR N   CA   sing N N 334 
TYR N   H    sing N N 335 
TYR N   H2   sing N N 336 
TYR CA  C    sing N N 337 
TYR CA  CB   sing N N 338 
TYR CA  HA   sing N N 339 
TYR C   O    doub N N 340 
TYR C   OXT  sing N N 341 
TYR CB  CG   sing N N 342 
TYR CB  HB2  sing N N 343 
TYR CB  HB3  sing N N 344 
TYR CG  CD1  doub Y N 345 
TYR CG  CD2  sing Y N 346 
TYR CD1 CE1  sing Y N 347 
TYR CD1 HD1  sing N N 348 
TYR CD2 CE2  doub Y N 349 
TYR CD2 HD2  sing N N 350 
TYR CE1 CZ   doub Y N 351 
TYR CE1 HE1  sing N N 352 
TYR CE2 CZ   sing Y N 353 
TYR CE2 HE2  sing N N 354 
TYR CZ  OH   sing N N 355 
TYR OH  HH   sing N N 356 
TYR OXT HXT  sing N N 357 
VAL N   CA   sing N N 358 
VAL N   H    sing N N 359 
VAL N   H2   sing N N 360 
VAL CA  C    sing N N 361 
VAL CA  CB   sing N N 362 
VAL CA  HA   sing N N 363 
VAL C   O    doub N N 364 
VAL C   OXT  sing N N 365 
VAL CB  CG1  sing N N 366 
VAL CB  CG2  sing N N 367 
VAL CB  HB   sing N N 368 
VAL CG1 HG11 sing N N 369 
VAL CG1 HG12 sing N N 370 
VAL CG1 HG13 sing N N 371 
VAL CG2 HG21 sing N N 372 
VAL CG2 HG22 sing N N 373 
VAL CG2 HG23 sing N N 374 
VAL OXT HXT  sing N N 375 
# 
_pdbx_initial_refinement_model.id               1 
_pdbx_initial_refinement_model.entity_id_list   ? 
_pdbx_initial_refinement_model.type             'experimental model' 
_pdbx_initial_refinement_model.source_name      PDB 
_pdbx_initial_refinement_model.accession_code   1IAG 
_pdbx_initial_refinement_model.details          'PDB ENTRY 1IAG' 
# 
_atom_sites.entry_id                    1BUD 
_atom_sites.fract_transf_matrix[1][1]   0.00681366 
_atom_sites.fract_transf_matrix[1][2]   0.01419847 
_atom_sites.fract_transf_matrix[1][3]   0.00044428 
_atom_sites.fract_transf_matrix[2][1]   0.00261284 
_atom_sites.fract_transf_matrix[2][2]   -0.00173697 
_atom_sites.fract_transf_matrix[2][3]   0.01543943 
_atom_sites.fract_transf_matrix[3][1]   0.00928094 
_atom_sites.fract_transf_matrix[3][2]   -0.00438920 
_atom_sites.fract_transf_matrix[3][3]   -0.00206442 
_atom_sites.fract_transf_vector[1]      0.311129 
_atom_sites.fract_transf_vector[2]      0.193158 
_atom_sites.fract_transf_vector[3]      0.270969 
# 
loop_
_atom_type.symbol 
C  
CA 
N  
O  
S  
ZN 
# 
loop_
_atom_site.group_PDB 
_atom_site.id 
_atom_site.type_symbol 
_atom_site.label_atom_id 
_atom_site.label_alt_id 
_atom_site.label_comp_id 
_atom_site.label_asym_id 
_atom_site.label_entity_id 
_atom_site.label_seq_id 
_atom_site.pdbx_PDB_ins_code 
_atom_site.Cartn_x 
_atom_site.Cartn_y 
_atom_site.Cartn_z 
_atom_site.occupancy 
_atom_site.B_iso_or_equiv 
_atom_site.pdbx_formal_charge 
_atom_site.auth_seq_id 
_atom_site.auth_comp_id 
_atom_site.auth_asym_id 
_atom_site.auth_atom_id 
_atom_site.pdbx_PDB_model_num 
ATOM   1    N  N   . PHE A 1 1   ? -1.095  22.753  -4.135  1.00 23.17 ? 4   PHE A N   1 
ATOM   2    C  CA  . PHE A 1 1   ? -1.640  21.902  -3.046  1.00 19.97 ? 4   PHE A CA  1 
ATOM   3    C  C   . PHE A 1 1   ? -1.773  20.451  -3.465  1.00 18.38 ? 4   PHE A C   1 
ATOM   4    O  O   . PHE A 1 1   ? -1.538  19.556  -2.646  1.00 17.09 ? 4   PHE A O   1 
ATOM   5    C  CB  . PHE A 1 1   ? -2.989  22.428  -2.569  1.00 19.96 ? 4   PHE A CB  1 
ATOM   6    C  CG  . PHE A 1 1   ? -3.328  22.028  -1.161  1.00 22.31 ? 4   PHE A CG  1 
ATOM   7    C  CD1 . PHE A 1 1   ? -2.586  22.520  -0.089  1.00 19.82 ? 4   PHE A CD1 1 
ATOM   8    C  CD2 . PHE A 1 1   ? -4.396  21.158  -0.902  1.00 24.24 ? 4   PHE A CD2 1 
ATOM   9    C  CE1 . PHE A 1 1   ? -2.901  22.163  1.212   1.00 22.29 ? 4   PHE A CE1 1 
ATOM   10   C  CE2 . PHE A 1 1   ? -4.726  20.787  0.402   1.00 24.54 ? 4   PHE A CE2 1 
ATOM   11   C  CZ  . PHE A 1 1   ? -3.982  21.288  1.462   1.00 24.42 ? 4   PHE A CZ  1 
ATOM   12   N  N   . GLN A 1 2   ? -2.122  20.226  -4.734  1.00 15.13 ? 5   GLN A N   1 
ATOM   13   C  CA  . GLN A 1 2   ? -2.290  18.885  -5.293  1.00 15.20 ? 5   GLN A CA  1 
ATOM   14   C  C   . GLN A 1 2   ? -0.946  18.160  -5.382  1.00 16.19 ? 5   GLN A C   1 
ATOM   15   O  O   . GLN A 1 2   ? 0.050   18.799  -5.727  1.00 17.54 ? 5   GLN A O   1 
ATOM   16   C  CB  . GLN A 1 2   ? -2.875  19.019  -6.700  1.00 18.27 ? 5   GLN A CB  1 
ATOM   17   C  CG  . GLN A 1 2   ? -3.357  17.745  -7.353  1.00 21.99 ? 5   GLN A CG  1 
ATOM   18   C  CD  . GLN A 1 2   ? -4.642  17.232  -6.760  1.00 24.97 ? 5   GLN A CD  1 
ATOM   19   O  OE1 . GLN A 1 2   ? -4.878  16.032  -6.733  1.00 33.49 ? 5   GLN A OE1 1 
ATOM   20   N  NE2 . GLN A 1 2   ? -5.474  18.129  -6.258  1.00 28.28 ? 5   GLN A NE2 1 
ATOM   21   N  N   . ARG A 1 3   ? -0.909  16.869  -5.032  1.00 13.23 ? 6   ARG A N   1 
ATOM   22   C  CA  . ARG A 1 3   ? 0.314   16.061  -5.116  1.00 9.93  ? 6   ARG A CA  1 
ATOM   23   C  C   . ARG A 1 3   ? 0.041   14.828  -5.993  1.00 12.53 ? 6   ARG A C   1 
ATOM   24   O  O   . ARG A 1 3   ? -1.115  14.403  -6.118  1.00 13.46 ? 6   ARG A O   1 
ATOM   25   C  CB  . ARG A 1 3   ? 0.751   15.597  -3.735  1.00 12.00 ? 6   ARG A CB  1 
ATOM   26   C  CG  . ARG A 1 3   ? 1.230   16.684  -2.826  1.00 14.70 ? 6   ARG A CG  1 
ATOM   27   C  CD  . ARG A 1 3   ? 2.420   17.451  -3.433  1.00 19.04 ? 6   ARG A CD  1 
ATOM   28   N  NE  . ARG A 1 3   ? 3.064   18.243  -2.389  1.00 19.94 ? 6   ARG A NE  1 
ATOM   29   C  CZ  . ARG A 1 3   ? 2.926   19.554  -2.272  1.00 21.80 ? 6   ARG A CZ  1 
ATOM   30   N  NH1 . ARG A 1 3   ? 2.192   20.199  -3.164  1.00 23.65 ? 6   ARG A NH1 1 
ATOM   31   N  NH2 . ARG A 1 3   ? 3.435   20.204  -1.227  1.00 21.93 ? 6   ARG A NH2 1 
ATOM   32   N  N   . TYR A 1 4   ? 1.076   14.245  -6.591  1.00 12.17 ? 7   TYR A N   1 
ATOM   33   C  CA  . TYR A 1 4   ? 0.888   13.080  -7.473  1.00 12.79 ? 7   TYR A CA  1 
ATOM   34   C  C   . TYR A 1 4   ? 1.785   11.948  -7.018  1.00 10.59 ? 7   TYR A C   1 
ATOM   35   O  O   . TYR A 1 4   ? 2.990   12.126  -6.904  1.00 9.43  ? 7   TYR A O   1 
ATOM   36   C  CB  . TYR A 1 4   ? 1.240   13.440  -8.928  1.00 13.12 ? 7   TYR A CB  1 
ATOM   37   C  CG  . TYR A 1 4   ? 0.647   14.751  -9.354  1.00 18.62 ? 7   TYR A CG  1 
ATOM   38   C  CD1 . TYR A 1 4   ? 1.297   15.955  -9.067  1.00 19.98 ? 7   TYR A CD1 1 
ATOM   39   C  CD2 . TYR A 1 4   ? -0.616  14.804  -9.968  1.00 20.10 ? 7   TYR A CD2 1 
ATOM   40   C  CE1 . TYR A 1 4   ? 0.693   17.181  -9.372  1.00 23.88 ? 7   TYR A CE1 1 
ATOM   41   C  CE2 . TYR A 1 4   ? -1.229  16.022  -10.276 1.00 19.02 ? 7   TYR A CE2 1 
ATOM   42   C  CZ  . TYR A 1 4   ? -0.569  17.202  -9.970  1.00 22.72 ? 7   TYR A CZ  1 
ATOM   43   O  OH  . TYR A 1 4   ? -1.184  18.407  -10.226 1.00 29.27 ? 7   TYR A OH  1 
ATOM   44   N  N   . MET A 1 5   ? 1.208   10.777  -6.812  1.00 10.00 ? 8   MET A N   1 
ATOM   45   C  CA  . MET A 1 5   ? 1.978   9.620   -6.364  1.00 11.13 ? 8   MET A CA  1 
ATOM   46   C  C   . MET A 1 5   ? 2.021   8.512   -7.421  1.00 8.34  ? 8   MET A C   1 
ATOM   47   O  O   . MET A 1 5   ? 0.985   7.926   -7.756  1.00 5.65  ? 8   MET A O   1 
ATOM   48   C  CB  . MET A 1 5   ? 1.371   9.085   -5.068  1.00 14.06 ? 8   MET A CB  1 
ATOM   49   C  CG  . MET A 1 5   ? 2.370   8.549   -4.098  1.00 19.44 ? 8   MET A CG  1 
ATOM   50   S  SD  . MET A 1 5   ? 1.545   7.914   -2.645  1.00 25.21 ? 8   MET A SD  1 
ATOM   51   C  CE  . MET A 1 5   ? 1.953   6.267   -2.849  1.00 25.74 ? 8   MET A CE  1 
ATOM   52   N  N   . GLU A 1 6   ? 3.212   8.249   -7.961  1.00 7.13  ? 9   GLU A N   1 
ATOM   53   C  CA  . GLU A 1 6   ? 3.416   7.213   -8.985  1.00 9.71  ? 9   GLU A CA  1 
ATOM   54   C  C   . GLU A 1 6   ? 3.697   5.889   -8.291  1.00 8.88  ? 9   GLU A C   1 
ATOM   55   O  O   . GLU A 1 6   ? 4.733   5.739   -7.660  1.00 9.21  ? 9   GLU A O   1 
ATOM   56   C  CB  . GLU A 1 6   ? 4.607   7.571   -9.871  1.00 11.42 ? 9   GLU A CB  1 
ATOM   57   C  CG  . GLU A 1 6   ? 4.468   8.881   -10.621 1.00 17.54 ? 9   GLU A CG  1 
ATOM   58   C  CD  . GLU A 1 6   ? 5.804   9.373   -11.170 1.00 21.46 ? 9   GLU A CD  1 
ATOM   59   O  OE1 . GLU A 1 6   ? 6.102   8.962   -12.304 1.00 19.82 ? 9   GLU A OE1 1 
ATOM   60   O  OE2 . GLU A 1 6   ? 6.540   10.153  -10.461 1.00 20.32 ? 9   GLU A OE2 1 
ATOM   61   N  N   . ILE A 1 7   ? 2.796   4.918   -8.417  1.00 8.90  ? 10  ILE A N   1 
ATOM   62   C  CA  . ILE A 1 7   ? 2.990   3.643   -7.713  1.00 12.31 ? 10  ILE A CA  1 
ATOM   63   C  C   . ILE A 1 7   ? 3.146   2.389   -8.581  1.00 11.18 ? 10  ILE A C   1 
ATOM   64   O  O   . ILE A 1 7   ? 2.652   2.319   -9.703  1.00 12.06 ? 10  ILE A O   1 
ATOM   65   C  CB  . ILE A 1 7   ? 1.869   3.375   -6.643  1.00 8.96  ? 10  ILE A CB  1 
ATOM   66   C  CG1 . ILE A 1 7   ? 0.526   3.117   -7.312  1.00 11.49 ? 10  ILE A CG1 1 
ATOM   67   C  CG2 . ILE A 1 7   ? 1.706   4.576   -5.709  1.00 10.58 ? 10  ILE A CG2 1 
ATOM   68   C  CD1 . ILE A 1 7   ? -0.534  2.620   -6.306  1.00 14.20 ? 10  ILE A CD1 1 
ATOM   69   N  N   . VAL A 1 8   ? 3.860   1.409   -8.035  1.00 11.76 ? 11  VAL A N   1 
ATOM   70   C  CA  . VAL A 1 8   ? 4.098   0.126   -8.683  1.00 8.64  ? 11  VAL A CA  1 
ATOM   71   C  C   . VAL A 1 8   ? 3.646   -0.936  -7.708  1.00 10.17 ? 11  VAL A C   1 
ATOM   72   O  O   . VAL A 1 8   ? 4.045   -0.921  -6.542  1.00 9.68  ? 11  VAL A O   1 
ATOM   73   C  CB  . VAL A 1 8   ? 5.617   -0.137  -8.974  1.00 9.16  ? 11  VAL A CB  1 
ATOM   74   C  CG1 . VAL A 1 8   ? 5.837   -1.624  -9.309  1.00 5.51  ? 11  VAL A CG1 1 
ATOM   75   C  CG2 . VAL A 1 8   ? 6.099   0.714   -10.173 1.00 6.33  ? 11  VAL A CG2 1 
ATOM   76   N  N   . ILE A 1 9   ? 2.785   -1.832  -8.168  1.00 9.31  ? 12  ILE A N   1 
ATOM   77   C  CA  . ILE A 1 9   ? 2.322   -2.940  -7.329  1.00 9.90  ? 12  ILE A CA  1 
ATOM   78   C  C   . ILE A 1 9   ? 3.121   -4.173  -7.761  1.00 9.20  ? 12  ILE A C   1 
ATOM   79   O  O   . ILE A 1 9   ? 3.313   -4.383  -8.960  1.00 8.63  ? 12  ILE A O   1 
ATOM   80   C  CB  . ILE A 1 9   ? 0.814   -3.228  -7.547  1.00 9.58  ? 12  ILE A CB  1 
ATOM   81   C  CG1 . ILE A 1 9   ? -0.020  -2.028  -7.077  1.00 10.26 ? 12  ILE A CG1 1 
ATOM   82   C  CG2 . ILE A 1 9   ? 0.421   -4.511  -6.869  1.00 8.54  ? 12  ILE A CG2 1 
ATOM   83   C  CD1 . ILE A 1 9   ? 0.330   -1.519  -5.736  1.00 8.72  ? 12  ILE A CD1 1 
ATOM   84   N  N   . VAL A 1 10  ? 3.586   -4.954  -6.790  1.00 7.92  ? 13  VAL A N   1 
ATOM   85   C  CA  . VAL A 1 10  ? 4.349   -6.167  -7.051  1.00 7.77  ? 13  VAL A CA  1 
ATOM   86   C  C   . VAL A 1 10  ? 3.608   -7.371  -6.474  1.00 9.20  ? 13  VAL A C   1 
ATOM   87   O  O   . VAL A 1 10  ? 3.345   -7.432  -5.276  1.00 8.86  ? 13  VAL A O   1 
ATOM   88   C  CB  . VAL A 1 10  ? 5.827   -6.052  -6.478  1.00 8.91  ? 13  VAL A CB  1 
ATOM   89   C  CG1 . VAL A 1 10  ? 6.595   -7.364  -6.663  1.00 9.90  ? 13  VAL A CG1 1 
ATOM   90   C  CG2 . VAL A 1 10  ? 6.578   -4.928  -7.211  1.00 3.35  ? 13  VAL A CG2 1 
ATOM   91   N  N   . VAL A 1 11  ? 3.245   -8.309  -7.345  1.00 11.14 ? 14  VAL A N   1 
ATOM   92   C  CA  . VAL A 1 11  ? 2.540   -9.529  -6.954  1.00 10.86 ? 14  VAL A CA  1 
ATOM   93   C  C   . VAL A 1 11  ? 3.567   -10.661 -6.838  1.00 11.30 ? 14  VAL A C   1 
ATOM   94   O  O   . VAL A 1 11  ? 4.303   -10.932 -7.789  1.00 9.58  ? 14  VAL A O   1 
ATOM   95   C  CB  . VAL A 1 11  ? 1.487   -9.931  -8.022  1.00 13.19 ? 14  VAL A CB  1 
ATOM   96   C  CG1 . VAL A 1 11  ? 0.861   -11.261 -7.667  1.00 11.00 ? 14  VAL A CG1 1 
ATOM   97   C  CG2 . VAL A 1 11  ? 0.424   -8.827  -8.211  1.00 12.32 ? 14  VAL A CG2 1 
ATOM   98   N  N   . ASP A 1 12  ? 3.616   -11.334 -5.702  1.00 11.85 ? 15  ASP A N   1 
ATOM   99   C  CA  . ASP A 1 12  ? 4.583   -12.408 -5.582  1.00 12.99 ? 15  ASP A CA  1 
ATOM   100  C  C   . ASP A 1 12  ? 4.142   -13.761 -6.142  1.00 11.69 ? 15  ASP A C   1 
ATOM   101  O  O   . ASP A 1 12  ? 3.032   -13.922 -6.649  1.00 11.75 ? 15  ASP A O   1 
ATOM   102  C  CB  . ASP A 1 12  ? 5.158   -12.513 -4.162  1.00 9.23  ? 15  ASP A CB  1 
ATOM   103  C  CG  . ASP A 1 12  ? 4.216   -13.153 -3.159  1.00 12.94 ? 15  ASP A CG  1 
ATOM   104  O  OD1 . ASP A 1 12  ? 3.040   -13.445 -3.444  1.00 17.21 ? 15  ASP A OD1 1 
ATOM   105  O  OD2 . ASP A 1 12  ? 4.679   -13.369 -2.032  1.00 13.06 ? 15  ASP A OD2 1 
ATOM   106  N  N   . HIS A 1 13  ? 5.055   -14.718 -6.111  1.00 12.72 ? 16  HIS A N   1 
ATOM   107  C  CA  . HIS A 1 13  ? 4.795   -16.047 -6.624  1.00 16.00 ? 16  HIS A CA  1 
ATOM   108  C  C   . HIS A 1 13  ? 3.680   -16.810 -5.882  1.00 15.57 ? 16  HIS A C   1 
ATOM   109  O  O   . HIS A 1 13  ? 2.895   -17.509 -6.520  1.00 16.97 ? 16  HIS A O   1 
ATOM   110  C  CB  . HIS A 1 13  ? 6.092   -16.859 -6.671  1.00 16.62 ? 16  HIS A CB  1 
ATOM   111  C  CG  . HIS A 1 13  ? 6.015   -18.035 -7.584  1.00 17.03 ? 16  HIS A CG  1 
ATOM   112  N  ND1 . HIS A 1 13  ? 6.220   -19.325 -7.148  1.00 18.87 ? 16  HIS A ND1 1 
ATOM   113  C  CD2 . HIS A 1 13  ? 5.677   -18.126 -8.888  1.00 18.03 ? 16  HIS A CD2 1 
ATOM   114  C  CE1 . HIS A 1 13  ? 5.999   -20.164 -8.142  1.00 19.63 ? 16  HIS A CE1 1 
ATOM   115  N  NE2 . HIS A 1 13  ? 5.669   -19.462 -9.209  1.00 20.70 ? 16  HIS A NE2 1 
ATOM   116  N  N   . SER A 1 14  ? 3.591   -16.682 -4.560  1.00 14.90 ? 17  SER A N   1 
ATOM   117  C  CA  . SER A 1 14  ? 2.541   -17.377 -3.824  1.00 15.38 ? 17  SER A CA  1 
ATOM   118  C  C   . SER A 1 14  ? 1.183   -16.889 -4.344  1.00 17.51 ? 17  SER A C   1 
ATOM   119  O  O   . SER A 1 14  ? 0.205   -17.653 -4.407  1.00 13.93 ? 17  SER A O   1 
ATOM   120  C  CB  . SER A 1 14  ? 2.664   -17.136 -2.318  1.00 16.92 ? 17  SER A CB  1 
ATOM   121  O  OG  . SER A 1 14  ? 2.395   -15.786 -1.968  1.00 11.56 ? 17  SER A OG  1 
ATOM   122  N  N   . MET A 1 15  ? 1.133   -15.615 -4.735  1.00 17.76 ? 18  MET A N   1 
ATOM   123  C  CA  . MET A 1 15  ? -0.085  -15.022 -5.282  1.00 18.78 ? 18  MET A CA  1 
ATOM   124  C  C   . MET A 1 15  ? -0.431  -15.704 -6.581  1.00 18.41 ? 18  MET A C   1 
ATOM   125  O  O   . MET A 1 15  ? -1.595  -16.023 -6.824  1.00 15.64 ? 18  MET A O   1 
ATOM   126  C  CB  . MET A 1 15  ? 0.116   -13.541 -5.570  1.00 21.14 ? 18  MET A CB  1 
ATOM   127  C  CG  . MET A 1 15  ? -0.180  -12.642 -4.407  1.00 24.59 ? 18  MET A CG  1 
ATOM   128  S  SD  . MET A 1 15  ? -1.953  -12.575 -4.118  1.00 26.49 ? 18  MET A SD  1 
ATOM   129  C  CE  . MET A 1 15  ? -2.367  -11.161 -5.126  1.00 18.01 ? 18  MET A CE  1 
ATOM   130  N  N   . VAL A 1 16  ? 0.589   -15.897 -7.420  1.00 18.25 ? 19  VAL A N   1 
ATOM   131  C  CA  . VAL A 1 16  ? 0.413   -16.535 -8.715  1.00 17.17 ? 19  VAL A CA  1 
ATOM   132  C  C   . VAL A 1 16  ? -0.074  -17.968 -8.561  1.00 16.90 ? 19  VAL A C   1 
ATOM   133  O  O   . VAL A 1 16  ? -0.856  -18.430 -9.386  1.00 19.18 ? 19  VAL A O   1 
ATOM   134  C  CB  . VAL A 1 16  ? 1.707   -16.549 -9.538  1.00 16.33 ? 19  VAL A CB  1 
ATOM   135  C  CG1 . VAL A 1 16  ? 1.429   -17.120 -10.919 1.00 16.37 ? 19  VAL A CG1 1 
ATOM   136  C  CG2 . VAL A 1 16  ? 2.291   -15.136 -9.637  1.00 17.51 ? 19  VAL A CG2 1 
ATOM   137  N  N   . LYS A 1 17  ? 0.391   -18.678 -7.535  1.00 15.50 ? 20  LYS A N   1 
ATOM   138  C  CA  . LYS A 1 17  ? -0.047  -20.070 -7.324  1.00 16.40 ? 20  LYS A CA  1 
ATOM   139  C  C   . LYS A 1 17  ? -1.472  -20.070 -6.809  1.00 15.59 ? 20  LYS A C   1 
ATOM   140  O  O   . LYS A 1 17  ? -2.265  -20.934 -7.174  1.00 15.18 ? 20  LYS A O   1 
ATOM   141  C  CB  . LYS A 1 17  ? 0.862   -20.829 -6.352  1.00 18.69 ? 20  LYS A CB  1 
ATOM   142  C  CG  . LYS A 1 17  ? 2.336   -20.823 -6.764  1.00 23.70 ? 20  LYS A CG  1 
ATOM   143  C  CD  . LYS A 1 17  ? 3.113   -22.034 -6.239  1.00 30.41 ? 20  LYS A CD  1 
ATOM   144  C  CE  . LYS A 1 17  ? 3.325   -22.024 -4.753  1.00 32.81 ? 20  LYS A CE  1 
ATOM   145  N  NZ  . LYS A 1 17  ? 4.323   -23.085 -4.341  1.00 37.21 ? 20  LYS A NZ  1 
ATOM   146  N  N   . LYS A 1 18  ? -1.820  -19.047 -6.032  1.00 13.24 ? 21  LYS A N   1 
ATOM   147  C  CA  . LYS A 1 18  ? -3.170  -18.922 -5.487  1.00 14.74 ? 21  LYS A CA  1 
ATOM   148  C  C   . LYS A 1 18  ? -4.227  -18.725 -6.598  1.00 16.20 ? 21  LYS A C   1 
ATOM   149  O  O   . LYS A 1 18  ? -5.355  -19.222 -6.494  1.00 16.56 ? 21  LYS A O   1 
ATOM   150  C  CB  . LYS A 1 18  ? -3.217  -17.771 -4.477  1.00 12.42 ? 21  LYS A CB  1 
ATOM   151  C  CG  . LYS A 1 18  ? -4.575  -17.448 -3.903  1.00 11.78 ? 21  LYS A CG  1 
ATOM   152  C  CD  . LYS A 1 18  ? -4.478  -16.293 -2.899  1.00 11.28 ? 21  LYS A CD  1 
ATOM   153  C  CE  . LYS A 1 18  ? -5.857  -16.005 -2.283  1.00 15.64 ? 21  LYS A CE  1 
ATOM   154  N  NZ  . LYS A 1 18  ? -6.000  -14.669 -1.617  1.00 14.81 ? 21  LYS A NZ  1 
ATOM   155  N  N   . TYR A 1 19  ? -3.866  -18.006 -7.654  1.00 15.58 ? 22  TYR A N   1 
ATOM   156  C  CA  . TYR A 1 19  ? -4.788  -17.753 -8.759  1.00 16.44 ? 22  TYR A CA  1 
ATOM   157  C  C   . TYR A 1 19  ? -4.553  -18.723 -9.896  1.00 17.64 ? 22  TYR A C   1 
ATOM   158  O  O   . TYR A 1 19  ? -4.946  -18.464 -11.026 1.00 17.49 ? 22  TYR A O   1 
ATOM   159  C  CB  . TYR A 1 19  ? -4.686  -16.288 -9.233  1.00 18.80 ? 22  TYR A CB  1 
ATOM   160  C  CG  . TYR A 1 19  ? -5.311  -15.303 -8.251  1.00 23.37 ? 22  TYR A CG  1 
ATOM   161  C  CD1 . TYR A 1 19  ? -4.632  -14.912 -7.090  1.00 24.66 ? 22  TYR A CD1 1 
ATOM   162  C  CD2 . TYR A 1 19  ? -6.627  -14.856 -8.415  1.00 24.61 ? 22  TYR A CD2 1 
ATOM   163  C  CE1 . TYR A 1 19  ? -5.249  -14.125 -6.117  1.00 24.48 ? 22  TYR A CE1 1 
ATOM   164  C  CE2 . TYR A 1 19  ? -7.250  -14.066 -7.437  1.00 25.06 ? 22  TYR A CE2 1 
ATOM   165  C  CZ  . TYR A 1 19  ? -6.554  -13.713 -6.296  1.00 25.30 ? 22  TYR A CZ  1 
ATOM   166  O  OH  . TYR A 1 19  ? -7.168  -12.985 -5.303  1.00 26.37 ? 22  TYR A OH  1 
ATOM   167  N  N   . ASN A 1 20  ? -3.890  -19.842 -9.590  1.00 19.32 ? 23  ASN A N   1 
ATOM   168  C  CA  . ASN A 1 20  ? -3.600  -20.893 -10.570 1.00 18.42 ? 23  ASN A CA  1 
ATOM   169  C  C   . ASN A 1 20  ? -2.908  -20.380 -11.831 1.00 17.64 ? 23  ASN A C   1 
ATOM   170  O  O   . ASN A 1 20  ? -3.267  -20.742 -12.951 1.00 16.77 ? 23  ASN A O   1 
ATOM   171  C  CB  . ASN A 1 20  ? -4.890  -21.662 -10.930 1.00 19.19 ? 23  ASN A CB  1 
ATOM   172  C  CG  . ASN A 1 20  ? -5.350  -22.560 -9.813  1.00 18.02 ? 23  ASN A CG  1 
ATOM   173  O  OD1 . ASN A 1 20  ? -6.239  -22.221 -9.053  1.00 19.34 ? 23  ASN A OD1 1 
ATOM   174  N  ND2 . ASN A 1 20  ? -4.718  -23.702 -9.689  1.00 17.97 ? 23  ASN A ND2 1 
ATOM   175  N  N   . GLY A 1 21  ? -1.941  -19.501 -11.629 1.00 16.55 ? 24  GLY A N   1 
ATOM   176  C  CA  . GLY A 1 21  ? -1.175  -18.939 -12.725 1.00 15.81 ? 24  GLY A CA  1 
ATOM   177  C  C   . GLY A 1 21  ? -1.938  -18.046 -13.672 1.00 17.84 ? 24  GLY A C   1 
ATOM   178  O  O   . GLY A 1 21  ? -1.383  -17.654 -14.708 1.00 18.49 ? 24  GLY A O   1 
ATOM   179  N  N   . ASP A 1 22  ? -3.173  -17.682 -13.320 1.00 17.33 ? 25  ASP A N   1 
ATOM   180  C  CA  . ASP A 1 22  ? -4.002  -16.850 -14.193 1.00 19.44 ? 25  ASP A CA  1 
ATOM   181  C  C   . ASP A 1 22  ? -3.655  -15.365 -14.089 1.00 19.61 ? 25  ASP A C   1 
ATOM   182  O  O   . ASP A 1 22  ? -4.187  -14.644 -13.241 1.00 19.24 ? 25  ASP A O   1 
ATOM   183  C  CB  . ASP A 1 22  ? -5.480  -17.085 -13.889 1.00 21.95 ? 25  ASP A CB  1 
ATOM   184  C  CG  . ASP A 1 22  ? -6.408  -16.575 -14.987 1.00 24.82 ? 25  ASP A CG  1 
ATOM   185  O  OD1 . ASP A 1 22  ? -6.019  -15.688 -15.787 1.00 25.79 ? 25  ASP A OD1 1 
ATOM   186  O  OD2 . ASP A 1 22  ? -7.564  -17.053 -15.023 1.00 25.87 ? 25  ASP A OD2 1 
ATOM   187  N  N   . SER A 1 23  ? -2.809  -14.917 -15.015 1.00 19.38 ? 26  SER A N   1 
ATOM   188  C  CA  . SER A 1 23  ? -2.331  -13.553 -15.071 1.00 20.96 ? 26  SER A CA  1 
ATOM   189  C  C   . SER A 1 23  ? -3.382  -12.494 -15.269 1.00 21.48 ? 26  SER A C   1 
ATOM   190  O  O   . SER A 1 23  ? -3.240  -11.374 -14.750 1.00 20.11 ? 26  SER A O   1 
ATOM   191  C  CB  . SER A 1 23  ? -1.278  -13.404 -16.155 1.00 24.24 ? 26  SER A CB  1 
ATOM   192  O  OG  . SER A 1 23  ? 0.018   -13.482 -15.588 1.00 32.60 ? 26  SER A OG  1 
ATOM   193  N  N   . ASP A 1 24  ? -4.402  -12.799 -16.060 1.00 20.27 ? 27  ASP A N   1 
ATOM   194  C  CA  . ASP A 1 24  ? -5.444  -11.812 -16.285 1.00 19.25 ? 27  ASP A CA  1 
ATOM   195  C  C   . ASP A 1 24  ? -6.365  -11.686 -15.090 1.00 18.14 ? 27  ASP A C   1 
ATOM   196  O  O   . ASP A 1 24  ? -6.860  -10.595 -14.803 1.00 17.42 ? 27  ASP A O   1 
ATOM   197  C  CB  . ASP A 1 24  ? -6.222  -12.115 -17.557 1.00 24.71 ? 27  ASP A CB  1 
ATOM   198  C  CG  . ASP A 1 24  ? -5.426  -11.793 -18.808 1.00 27.16 ? 27  ASP A CG  1 
ATOM   199  O  OD1 . ASP A 1 24  ? -4.843  -10.692 -18.901 1.00 32.75 ? 27  ASP A OD1 1 
ATOM   200  O  OD2 . ASP A 1 24  ? -5.362  -12.638 -19.707 1.00 29.13 ? 27  ASP A OD2 1 
ATOM   201  N  N   . SER A 1 25  ? -6.546  -12.778 -14.357 1.00 14.77 ? 28  SER A N   1 
ATOM   202  C  CA  . SER A 1 25  ? -7.398  -12.745 -13.172 1.00 15.17 ? 28  SER A CA  1 
ATOM   203  C  C   . SER A 1 25  ? -6.714  -11.886 -12.118 1.00 14.33 ? 28  SER A C   1 
ATOM   204  O  O   . SER A 1 25  ? -7.356  -11.111 -11.406 1.00 14.43 ? 28  SER A O   1 
ATOM   205  C  CB  . SER A 1 25  ? -7.600  -14.156 -12.628 1.00 17.13 ? 28  SER A CB  1 
ATOM   206  O  OG  . SER A 1 25  ? -8.505  -14.165 -11.542 1.00 24.03 ? 28  SER A OG  1 
ATOM   207  N  N   . ILE A 1 26  ? -5.402  -12.033 -12.015 1.00 12.82 ? 29  ILE A N   1 
ATOM   208  C  CA  . ILE A 1 26  ? -4.628  -11.253 -11.044 1.00 13.40 ? 29  ILE A CA  1 
ATOM   209  C  C   . ILE A 1 26  ? -4.669  -9.762  -11.408 1.00 12.36 ? 29  ILE A C   1 
ATOM   210  O  O   . ILE A 1 26  ? -4.828  -8.928  -10.516 1.00 12.91 ? 29  ILE A O   1 
ATOM   211  C  CB  . ILE A 1 26  ? -3.149  -11.772 -10.938 1.00 14.08 ? 29  ILE A CB  1 
ATOM   212  C  CG1 . ILE A 1 26  ? -3.103  -13.124 -10.203 1.00 14.08 ? 29  ILE A CG1 1 
ATOM   213  C  CG2 . ILE A 1 26  ? -2.264  -10.762 -10.215 1.00 11.87 ? 29  ILE A CG2 1 
ATOM   214  C  CD1 . ILE A 1 26  ? -2.010  -14.074 -10.685 1.00 14.38 ? 29  ILE A CD1 1 
ATOM   215  N  N   . LYS A 1 27  ? -4.583  -9.423  -12.697 1.00 11.08 ? 30  LYS A N   1 
ATOM   216  C  CA  . LYS A 1 27  ? -4.638  -8.015  -13.112 1.00 11.05 ? 30  LYS A CA  1 
ATOM   217  C  C   . LYS A 1 27  ? -6.003  -7.382  -12.814 1.00 10.08 ? 30  LYS A C   1 
ATOM   218  O  O   . LYS A 1 27  ? -6.078  -6.222  -12.422 1.00 10.52 ? 30  LYS A O   1 
ATOM   219  C  CB  . LYS A 1 27  ? -4.329  -7.860  -14.601 1.00 12.74 ? 30  LYS A CB  1 
ATOM   220  C  CG  . LYS A 1 27  ? -2.883  -8.091  -14.982 1.00 18.96 ? 30  LYS A CG  1 
ATOM   221  C  CD  . LYS A 1 27  ? -2.735  -8.062  -16.512 1.00 25.18 ? 30  LYS A CD  1 
ATOM   222  C  CE  . LYS A 1 27  ? -1.422  -8.706  -17.002 1.00 27.26 ? 30  LYS A CE  1 
ATOM   223  N  NZ  . LYS A 1 27  ? -0.220  -7.874  -16.682 1.00 27.94 ? 30  LYS A NZ  1 
ATOM   224  N  N   . ALA A 1 28  ? -7.084  -8.134  -13.000 1.00 8.95  ? 31  ALA A N   1 
ATOM   225  C  CA  . ALA A 1 28  ? -8.423  -7.604  -12.733 1.00 9.28  ? 31  ALA A CA  1 
ATOM   226  C  C   . ALA A 1 28  ? -8.596  -7.298  -11.257 1.00 9.22  ? 31  ALA A C   1 
ATOM   227  O  O   . ALA A 1 28  ? -9.194  -6.291  -10.884 1.00 9.76  ? 31  ALA A O   1 
ATOM   228  C  CB  . ALA A 1 28  ? -9.471  -8.587  -13.177 1.00 10.60 ? 31  ALA A CB  1 
ATOM   229  N  N   . TRP A 1 29  ? -8.044  -8.175  -10.428 1.00 8.74  ? 32  TRP A N   1 
ATOM   230  C  CA  . TRP A 1 29  ? -8.088  -8.057  -8.979  1.00 9.85  ? 32  TRP A CA  1 
ATOM   231  C  C   . TRP A 1 29  ? -7.355  -6.779  -8.465  1.00 10.74 ? 32  TRP A C   1 
ATOM   232  O  O   . TRP A 1 29  ? -7.907  -5.974  -7.686  1.00 10.73 ? 32  TRP A O   1 
ATOM   233  C  CB  . TRP A 1 29  ? -7.492  -9.355  -8.391  1.00 7.98  ? 32  TRP A CB  1 
ATOM   234  C  CG  . TRP A 1 29  ? -7.562  -9.494  -6.913  1.00 6.53  ? 32  TRP A CG  1 
ATOM   235  C  CD1 . TRP A 1 29  ? -6.510  -9.474  -6.045  1.00 5.83  ? 32  TRP A CD1 1 
ATOM   236  C  CD2 . TRP A 1 29  ? -8.745  -9.700  -6.102  1.00 8.17  ? 32  TRP A CD2 1 
ATOM   237  N  NE1 . TRP A 1 29  ? -6.960  -9.655  -4.754  1.00 9.05  ? 32  TRP A NE1 1 
ATOM   238  C  CE2 . TRP A 1 29  ? -8.324  -9.799  -4.767  1.00 7.88  ? 32  TRP A CE2 1 
ATOM   239  C  CE3 . TRP A 1 29  ? -10.117 -9.826  -6.402  1.00 9.30  ? 32  TRP A CE3 1 
ATOM   240  C  CZ2 . TRP A 1 29  ? -9.217  -10.008 -3.708  1.00 9.47  ? 32  TRP A CZ2 1 
ATOM   241  C  CZ3 . TRP A 1 29  ? -11.005 -10.032 -5.355  1.00 10.15 ? 32  TRP A CZ3 1 
ATOM   242  C  CH2 . TRP A 1 29  ? -10.550 -10.127 -4.022  1.00 11.38 ? 32  TRP A CH2 1 
ATOM   243  N  N   . VAL A 1 30  ? -6.140  -6.574  -8.953  1.00 9.62  ? 33  VAL A N   1 
ATOM   244  C  CA  . VAL A 1 30  ? -5.331  -5.425  -8.579  1.00 11.05 ? 33  VAL A CA  1 
ATOM   245  C  C   . VAL A 1 30  ? -5.905  -4.120  -9.156  1.00 12.30 ? 33  VAL A C   1 
ATOM   246  O  O   . VAL A 1 30  ? -5.900  -3.083  -8.484  1.00 12.59 ? 33  VAL A O   1 
ATOM   247  C  CB  . VAL A 1 30  ? -3.883  -5.626  -9.058  1.00 13.42 ? 33  VAL A CB  1 
ATOM   248  C  CG1 . VAL A 1 30  ? -3.049  -4.386  -8.790  1.00 9.92  ? 33  VAL A CG1 1 
ATOM   249  C  CG2 . VAL A 1 30  ? -3.273  -6.876  -8.360  1.00 15.61 ? 33  VAL A CG2 1 
ATOM   250  N  N   . TYR A 1 31  ? -6.411  -4.167  -10.388 1.00 10.50 ? 34  TYR A N   1 
ATOM   251  C  CA  . TYR A 1 31  ? -6.995  -2.983  -11.005 1.00 10.66 ? 34  TYR A CA  1 
ATOM   252  C  C   . TYR A 1 31  ? -8.193  -2.445  -10.219 1.00 9.75  ? 34  TYR A C   1 
ATOM   253  O  O   . TYR A 1 31  ? -8.334  -1.242  -10.033 1.00 9.69  ? 34  TYR A O   1 
ATOM   254  C  CB  . TYR A 1 31  ? -7.425  -3.287  -12.437 1.00 13.60 ? 34  TYR A CB  1 
ATOM   255  C  CG  . TYR A 1 31  ? -6.294  -3.392  -13.444 1.00 15.89 ? 34  TYR A CG  1 
ATOM   256  C  CD1 . TYR A 1 31  ? -4.993  -3.052  -13.105 1.00 15.93 ? 34  TYR A CD1 1 
ATOM   257  C  CD2 . TYR A 1 31  ? -6.547  -3.840  -14.745 1.00 20.83 ? 34  TYR A CD2 1 
ATOM   258  C  CE1 . TYR A 1 31  ? -3.964  -3.158  -14.040 1.00 21.20 ? 34  TYR A CE1 1 
ATOM   259  C  CE2 . TYR A 1 31  ? -5.535  -3.947  -15.684 1.00 23.85 ? 34  TYR A CE2 1 
ATOM   260  C  CZ  . TYR A 1 31  ? -4.246  -3.613  -15.330 1.00 23.71 ? 34  TYR A CZ  1 
ATOM   261  O  OH  . TYR A 1 31  ? -3.241  -3.763  -16.265 1.00 28.87 ? 34  TYR A OH  1 
ATOM   262  N  N   . GLU A 1 32  ? -9.042  -3.339  -9.737  1.00 9.57  ? 35  GLU A N   1 
ATOM   263  C  CA  . GLU A 1 32  ? -10.218 -2.914  -8.983  1.00 9.76  ? 35  GLU A CA  1 
ATOM   264  C  C   . GLU A 1 32  ? -9.786  -2.250  -7.675  1.00 9.19  ? 35  GLU A C   1 
ATOM   265  O  O   . GLU A 1 32  ? -10.369 -1.251  -7.269  1.00 9.44  ? 35  GLU A O   1 
ATOM   266  C  CB  . GLU A 1 32  ? -11.156 -4.101  -8.733  1.00 8.25  ? 35  GLU A CB  1 
ATOM   267  C  CG  . GLU A 1 32  ? -12.581 -3.709  -8.368  1.00 15.22 ? 35  GLU A CG  1 
ATOM   268  C  CD  . GLU A 1 32  ? -13.318 -2.993  -9.486  1.00 15.46 ? 35  GLU A CD  1 
ATOM   269  O  OE1 . GLU A 1 32  ? -13.251 -3.420  -10.649 1.00 20.63 ? 35  GLU A OE1 1 
ATOM   270  O  OE2 . GLU A 1 32  ? -14.000 -1.997  -9.212  1.00 21.83 ? 35  GLU A OE2 1 
ATOM   271  N  N   . MET A 1 33  ? -8.727  -2.761  -7.047  1.00 8.18  ? 36  MET A N   1 
ATOM   272  C  CA  . MET A 1 33  ? -8.219  -2.178  -5.798  1.00 7.44  ? 36  MET A CA  1 
ATOM   273  C  C   . MET A 1 33  ? -7.712  -0.764  -6.070  1.00 6.76  ? 36  MET A C   1 
ATOM   274  O  O   . MET A 1 33  ? -7.931  0.156   -5.289  1.00 6.69  ? 36  MET A O   1 
ATOM   275  C  CB  . MET A 1 33  ? -7.036  -2.982  -5.237  1.00 11.34 ? 36  MET A CB  1 
ATOM   276  C  CG  . MET A 1 33  ? -7.297  -4.400  -4.849  1.00 13.89 ? 36  MET A CG  1 
ATOM   277  S  SD  . MET A 1 33  ? -5.802  -5.100  -4.101  1.00 14.52 ? 36  MET A SD  1 
ATOM   278  C  CE  . MET A 1 33  ? -6.093  -6.691  -4.389  1.00 16.82 ? 36  MET A CE  1 
ATOM   279  N  N   . ILE A 1 34  ? -7.010  -0.590  -7.177  1.00 7.21  ? 37  ILE A N   1 
ATOM   280  C  CA  . ILE A 1 34  ? -6.475  0.725   -7.508  1.00 8.09  ? 37  ILE A CA  1 
ATOM   281  C  C   . ILE A 1 34  ? -7.639  1.681   -7.746  1.00 9.01  ? 37  ILE A C   1 
ATOM   282  O  O   . ILE A 1 34  ? -7.622  2.802   -7.269  1.00 8.02  ? 37  ILE A O   1 
ATOM   283  C  CB  . ILE A 1 34  ? -5.527  0.673   -8.757  1.00 10.57 ? 37  ILE A CB  1 
ATOM   284  C  CG1 . ILE A 1 34  ? -4.337  -0.252  -8.500  1.00 11.83 ? 37  ILE A CG1 1 
ATOM   285  C  CG2 . ILE A 1 34  ? -5.005  2.056   -9.091  1.00 13.37 ? 37  ILE A CG2 1 
ATOM   286  C  CD1 . ILE A 1 34  ? -3.472  0.190   -7.352  1.00 11.13 ? 37  ILE A CD1 1 
ATOM   287  N  N   . ASN A 1 35  ? -8.680  1.210   -8.432  1.00 8.52  ? 38  ASN A N   1 
ATOM   288  C  CA  . ASN A 1 35  ? -9.829  2.062   -8.690  1.00 8.05  ? 38  ASN A CA  1 
ATOM   289  C  C   . ASN A 1 35  ? -10.428 2.568   -7.359  1.00 8.47  ? 38  ASN A C   1 
ATOM   290  O  O   . ASN A 1 35  ? -10.791 3.734   -7.229  1.00 7.95  ? 38  ASN A O   1 
ATOM   291  C  CB  . ASN A 1 35  ? -10.876 1.304   -9.506  1.00 8.96  ? 38  ASN A CB  1 
ATOM   292  C  CG  . ASN A 1 35  ? -12.024 2.178   -9.896  1.00 13.01 ? 38  ASN A CG  1 
ATOM   293  O  OD1 . ASN A 1 35  ? -11.843 3.151   -10.627 1.00 13.55 ? 38  ASN A OD1 1 
ATOM   294  N  ND2 . ASN A 1 35  ? -13.218 1.868   -9.388  1.00 7.02  ? 38  ASN A ND2 1 
ATOM   295  N  N   . THR A 1 36  ? -10.504 1.691   -6.368  1.00 7.24  ? 39  THR A N   1 
ATOM   296  C  CA  . THR A 1 36  ? -11.043 2.047   -5.069  1.00 7.39  ? 39  THR A CA  1 
ATOM   297  C  C   . THR A 1 36  ? -10.160 3.077   -4.353  1.00 9.10  ? 39  THR A C   1 
ATOM   298  O  O   . THR A 1 36  ? -10.655 4.140   -3.952  1.00 6.88  ? 39  THR A O   1 
ATOM   299  C  CB  . THR A 1 36  ? -11.210 0.761   -4.163  1.00 10.59 ? 39  THR A CB  1 
ATOM   300  O  OG1 . THR A 1 36  ? -12.313 -0.026  -4.638  1.00 7.29  ? 39  THR A OG1 1 
ATOM   301  C  CG2 . THR A 1 36  ? -11.432 1.134   -2.661  1.00 5.74  ? 39  THR A CG2 1 
ATOM   302  N  N   . ILE A 1 37  ? -8.866  2.763   -4.187  1.00 9.26  ? 40  ILE A N   1 
ATOM   303  C  CA  . ILE A 1 37  ? -7.941  3.657   -3.470  1.00 9.57  ? 40  ILE A CA  1 
ATOM   304  C  C   . ILE A 1 37  ? -7.751  5.014   -4.176  1.00 9.10  ? 40  ILE A C   1 
ATOM   305  O  O   . ILE A 1 37  ? -7.515  6.019   -3.501  1.00 8.49  ? 40  ILE A O   1 
ATOM   306  C  CB  . ILE A 1 37  ? -6.546  2.989   -3.152  1.00 11.04 ? 40  ILE A CB  1 
ATOM   307  C  CG1 . ILE A 1 37  ? -5.711  2.823   -4.413  1.00 13.87 ? 40  ILE A CG1 1 
ATOM   308  C  CG2 . ILE A 1 37  ? -6.734  1.628   -2.520  1.00 12.31 ? 40  ILE A CG2 1 
ATOM   309  C  CD1 . ILE A 1 37  ? -4.240  2.647   -4.141  1.00 17.85 ? 40  ILE A CD1 1 
ATOM   310  N  N   . THR A 1 38  ? -7.859  5.048   -5.506  1.00 7.76  ? 41  THR A N   1 
ATOM   311  C  CA  . THR A 1 38  ? -7.737  6.307   -6.248  1.00 5.80  ? 41  THR A CA  1 
ATOM   312  C  C   . THR A 1 38  ? -8.784  7.283   -5.726  1.00 8.30  ? 41  THR A C   1 
ATOM   313  O  O   . THR A 1 38  ? -8.480  8.452   -5.490  1.00 10.59 ? 41  THR A O   1 
ATOM   314  C  CB  . THR A 1 38  ? -7.938  6.088   -7.743  1.00 6.96  ? 41  THR A CB  1 
ATOM   315  O  OG1 . THR A 1 38  ? -6.836  5.337   -8.244  1.00 8.37  ? 41  THR A OG1 1 
ATOM   316  C  CG2 . THR A 1 38  ? -8.012  7.403   -8.511  1.00 7.43  ? 41  THR A CG2 1 
ATOM   317  N  N   . GLU A 1 39  ? -10.001 6.790   -5.502  1.00 7.66  ? 42  GLU A N   1 
ATOM   318  C  CA  . GLU A 1 39  ? -11.068 7.631   -4.974  1.00 9.43  ? 42  GLU A CA  1 
ATOM   319  C  C   . GLU A 1 39  ? -10.761 8.117   -3.547  1.00 7.79  ? 42  GLU A C   1 
ATOM   320  O  O   . GLU A 1 39  ? -10.852 9.315   -3.276  1.00 10.36 ? 42  GLU A O   1 
ATOM   321  C  CB  . GLU A 1 39  ? -12.436 6.916   -5.011  1.00 9.39  ? 42  GLU A CB  1 
ATOM   322  C  CG  . GLU A 1 39  ? -13.560 7.809   -4.504  1.00 9.37  ? 42  GLU A CG  1 
ATOM   323  C  CD  . GLU A 1 39  ? -14.900 7.126   -4.415  1.00 11.64 ? 42  GLU A CD  1 
ATOM   324  O  OE1 . GLU A 1 39  ? -15.011 5.942   -4.789  1.00 14.40 ? 42  GLU A OE1 1 
ATOM   325  O  OE2 . GLU A 1 39  ? -15.858 7.780   -3.950  1.00 12.63 ? 42  GLU A OE2 1 
ATOM   326  N  N   . SER A 1 40  ? -10.339 7.208   -2.665  1.00 7.91  ? 43  SER A N   1 
ATOM   327  C  CA  . SER A 1 40  ? -10.013 7.546   -1.272  1.00 6.92  ? 43  SER A CA  1 
ATOM   328  C  C   . SER A 1 40  ? -8.940  8.622   -1.180  1.00 6.25  ? 43  SER A C   1 
ATOM   329  O  O   . SER A 1 40  ? -9.044  9.557   -0.373  1.00 5.97  ? 43  SER A O   1 
ATOM   330  C  CB  . SER A 1 40  ? -9.533  6.301   -0.513  1.00 11.06 ? 43  SER A CB  1 
ATOM   331  O  OG  . SER A 1 40  ? -10.457 5.228   -0.652  1.00 13.38 ? 43  SER A OG  1 
ATOM   332  N  N   . TYR A 1 41  ? -7.903  8.492   -2.001  1.00 5.98  ? 44  TYR A N   1 
ATOM   333  C  CA  . TYR A 1 41  ? -6.807  9.444   -1.982  1.00 8.99  ? 44  TYR A CA  1 
ATOM   334  C  C   . TYR A 1 41  ? -7.161  10.762  -2.679  1.00 10.74 ? 44  TYR A C   1 
ATOM   335  O  O   . TYR A 1 41  ? -6.618  11.818  -2.317  1.00 9.99  ? 44  TYR A O   1 
ATOM   336  C  CB  . TYR A 1 41  ? -5.499  8.825   -2.519  1.00 8.92  ? 44  TYR A CB  1 
ATOM   337  C  CG  . TYR A 1 41  ? -4.682  8.059   -1.477  1.00 9.72  ? 44  TYR A CG  1 
ATOM   338  C  CD1 . TYR A 1 41  ? -3.848  8.731   -0.566  1.00 10.63 ? 44  TYR A CD1 1 
ATOM   339  C  CD2 . TYR A 1 41  ? -4.779  6.669   -1.367  1.00 6.34  ? 44  TYR A CD2 1 
ATOM   340  C  CE1 . TYR A 1 41  ? -3.148  8.025   0.428   1.00 9.05  ? 44  TYR A CE1 1 
ATOM   341  C  CE2 . TYR A 1 41  ? -4.078  5.957   -0.376  1.00 4.56  ? 44  TYR A CE2 1 
ATOM   342  C  CZ  . TYR A 1 41  ? -3.282  6.636   0.508   1.00 6.71  ? 44  TYR A CZ  1 
ATOM   343  O  OH  . TYR A 1 41  ? -2.647  5.937   1.506   1.00 7.37  ? 44  TYR A OH  1 
ATOM   344  N  N   . SER A 1 42  ? -8.091  10.746  -3.632  1.00 8.96  ? 45  SER A N   1 
ATOM   345  C  CA  . SER A 1 42  ? -8.434  12.009  -4.264  1.00 10.30 ? 45  SER A CA  1 
ATOM   346  C  C   . SER A 1 42  ? -8.944  13.023  -3.213  1.00 11.07 ? 45  SER A C   1 
ATOM   347  O  O   . SER A 1 42  ? -8.665  14.225  -3.319  1.00 10.53 ? 45  SER A O   1 
ATOM   348  C  CB  . SER A 1 42  ? -9.465  11.805  -5.391  1.00 10.25 ? 45  SER A CB  1 
ATOM   349  O  OG  . SER A 1 42  ? -10.768 11.504  -4.905  1.00 15.87 ? 45  SER A OG  1 
ATOM   350  N  N   . TYR A 1 43  ? -9.613  12.524  -2.162  1.00 11.81 ? 46  TYR A N   1 
ATOM   351  C  CA  . TYR A 1 43  ? -10.181 13.377  -1.075  1.00 10.74 ? 46  TYR A CA  1 
ATOM   352  C  C   . TYR A 1 43  ? -9.125  13.955  -0.148  1.00 11.64 ? 46  TYR A C   1 
ATOM   353  O  O   . TYR A 1 43  ? -9.449  14.664  0.812   1.00 15.44 ? 46  TYR A O   1 
ATOM   354  C  CB  . TYR A 1 43  ? -11.205 12.599  -0.250  1.00 9.64  ? 46  TYR A CB  1 
ATOM   355  C  CG  . TYR A 1 43  ? -12.353 12.110  -1.115  1.00 11.78 ? 46  TYR A CG  1 
ATOM   356  C  CD1 . TYR A 1 43  ? -12.944 12.951  -2.053  1.00 11.40 ? 46  TYR A CD1 1 
ATOM   357  C  CD2 . TYR A 1 43  ? -12.804 10.788  -1.045  1.00 12.37 ? 46  TYR A CD2 1 
ATOM   358  C  CE1 . TYR A 1 43  ? -13.937 12.488  -2.887  1.00 13.68 ? 46  TYR A CE1 1 
ATOM   359  C  CE2 . TYR A 1 43  ? -13.802 10.324  -1.884  1.00 9.59  ? 46  TYR A CE2 1 
ATOM   360  C  CZ  . TYR A 1 43  ? -14.361 11.173  -2.805  1.00 12.23 ? 46  TYR A CZ  1 
ATOM   361  O  OH  . TYR A 1 43  ? -15.346 10.750  -3.676  1.00 8.70  ? 46  TYR A OH  1 
ATOM   362  N  N   . LEU A 1 44  ? -7.875  13.583  -0.373  1.00 9.19  ? 47  LEU A N   1 
ATOM   363  C  CA  . LEU A 1 44  ? -6.729  14.063  0.384   1.00 10.36 ? 47  LEU A CA  1 
ATOM   364  C  C   . LEU A 1 44  ? -5.876  14.930  -0.531  1.00 8.81  ? 47  LEU A C   1 
ATOM   365  O  O   . LEU A 1 44  ? -4.802  15.392  -0.128  1.00 10.82 ? 47  LEU A O   1 
ATOM   366  C  CB  . LEU A 1 44  ? -5.877  12.884  0.869   1.00 10.81 ? 47  LEU A CB  1 
ATOM   367  C  CG  . LEU A 1 44  ? -6.027  12.323  2.274   1.00 12.09 ? 47  LEU A CG  1 
ATOM   368  C  CD1 . LEU A 1 44  ? -7.464  12.103  2.624   1.00 15.39 ? 47  LEU A CD1 1 
ATOM   369  C  CD2 . LEU A 1 44  ? -5.242  11.032  2.348   1.00 12.42 ? 47  LEU A CD2 1 
ATOM   370  N  N   . LYS A 1 45  ? -6.371  15.152  -1.743  1.00 9.23  ? 48  LYS A N   1 
ATOM   371  C  CA  . LYS A 1 45  ? -5.689  15.920  -2.784  1.00 11.25 ? 48  LYS A CA  1 
ATOM   372  C  C   . LYS A 1 45  ? -4.417  15.266  -3.264  1.00 12.77 ? 48  LYS A C   1 
ATOM   373  O  O   . LYS A 1 45  ? -3.404  15.928  -3.478  1.00 13.22 ? 48  LYS A O   1 
ATOM   374  C  CB  . LYS A 1 45  ? -5.402  17.366  -2.394  1.00 13.23 ? 48  LYS A CB  1 
ATOM   375  C  CG  . LYS A 1 45  ? -6.474  18.300  -2.845  1.00 14.86 ? 48  LYS A CG  1 
ATOM   376  C  CD  . LYS A 1 45  ? -7.675  18.151  -1.976  1.00 17.80 ? 48  LYS A CD  1 
ATOM   377  C  CE  . LYS A 1 45  ? -8.824  18.936  -2.534  1.00 19.27 ? 48  LYS A CE  1 
ATOM   378  N  NZ  . LYS A 1 45  ? -9.982  18.821  -1.619  1.00 28.52 ? 48  LYS A NZ  1 
ATOM   379  N  N   . ILE A 1 46  ? -4.446  13.948  -3.357  1.00 12.58 ? 49  ILE A N   1 
ATOM   380  C  CA  . ILE A 1 46  ? -3.307  13.192  -3.848  1.00 10.61 ? 49  ILE A CA  1 
ATOM   381  C  C   . ILE A 1 46  ? -3.834  12.299  -4.961  1.00 12.20 ? 49  ILE A C   1 
ATOM   382  O  O   . ILE A 1 46  ? -4.797  11.525  -4.769  1.00 11.60 ? 49  ILE A O   1 
ATOM   383  C  CB  . ILE A 1 46  ? -2.643  12.317  -2.761  1.00 11.00 ? 49  ILE A CB  1 
ATOM   384  C  CG1 . ILE A 1 46  ? -1.971  13.197  -1.700  1.00 12.35 ? 49  ILE A CG1 1 
ATOM   385  C  CG2 . ILE A 1 46  ? -1.546  11.490  -3.388  1.00 10.23 ? 49  ILE A CG2 1 
ATOM   386  C  CD1 . ILE A 1 46  ? -1.411  12.410  -0.516  1.00 12.02 ? 49  ILE A CD1 1 
ATOM   387  N  N   . ASP A 1 47  ? -3.262  12.483  -6.145  1.00 9.77  ? 50  ASP A N   1 
ATOM   388  C  CA  . ASP A 1 47  ? -3.635  11.699  -7.319  1.00 12.84 ? 50  ASP A CA  1 
ATOM   389  C  C   . ASP A 1 47  ? -2.743  10.455  -7.378  1.00 12.69 ? 50  ASP A C   1 
ATOM   390  O  O   . ASP A 1 47  ? -1.530  10.541  -7.193  1.00 10.66 ? 50  ASP A O   1 
ATOM   391  C  CB  . ASP A 1 47  ? -3.467  12.544  -8.586  1.00 13.02 ? 50  ASP A CB  1 
ATOM   392  C  CG  . ASP A 1 47  ? -3.956  11.851  -9.830  1.00 14.14 ? 50  ASP A CG  1 
ATOM   393  O  OD1 . ASP A 1 47  ? -4.893  11.043  -9.798  1.00 17.48 ? 50  ASP A OD1 1 
ATOM   394  O  OD2 . ASP A 1 47  ? -3.406  12.143  -10.884 1.00 17.01 ? 50  ASP A OD2 1 
ATOM   395  N  N   . ILE A 1 48  ? -3.372  9.300   -7.528  1.00 10.70 ? 51  ILE A N   1 
ATOM   396  C  CA  . ILE A 1 48  ? -2.666  8.049   -7.613  1.00 11.20 ? 51  ILE A CA  1 
ATOM   397  C  C   . ILE A 1 48  ? -2.515  7.676   -9.081  1.00 12.06 ? 51  ILE A C   1 
ATOM   398  O  O   . ILE A 1 48  ? -3.493  7.675   -9.842  1.00 13.93 ? 51  ILE A O   1 
ATOM   399  C  CB  . ILE A 1 48  ? -3.448  6.904   -6.911  1.00 13.15 ? 51  ILE A CB  1 
ATOM   400  C  CG1 . ILE A 1 48  ? -3.632  7.224   -5.434  1.00 12.46 ? 51  ILE A CG1 1 
ATOM   401  C  CG2 . ILE A 1 48  ? -2.700  5.569   -7.074  1.00 11.10 ? 51  ILE A CG2 1 
ATOM   402  C  CD1 . ILE A 1 48  ? -2.335  7.441   -4.721  1.00 13.63 ? 51  ILE A CD1 1 
ATOM   403  N  N   . SER A 1 49  ? -1.286  7.367   -9.472  1.00 13.03 ? 52  SER A N   1 
ATOM   404  C  CA  . SER A 1 49  ? -0.983  6.936   -10.836 1.00 12.80 ? 52  SER A CA  1 
ATOM   405  C  C   . SER A 1 49  ? -0.345  5.541   -10.835 1.00 11.46 ? 52  SER A C   1 
ATOM   406  O  O   . SER A 1 49  ? 0.736   5.341   -10.268 1.00 9.80  ? 52  SER A O   1 
ATOM   407  C  CB  . SER A 1 49  ? -0.040  7.941   -11.525 1.00 13.89 ? 52  SER A CB  1 
ATOM   408  O  OG  . SER A 1 49  ? -0.617  9.254   -11.588 1.00 17.53 ? 52  SER A OG  1 
ATOM   409  N  N   . LEU A 1 50  ? -0.988  4.572   -11.477 1.00 12.25 ? 53  LEU A N   1 
ATOM   410  C  CA  . LEU A 1 50  ? -0.397  3.235   -11.542 1.00 12.43 ? 53  LEU A CA  1 
ATOM   411  C  C   . LEU A 1 50  ? 0.727   3.263   -12.583 1.00 12.57 ? 53  LEU A C   1 
ATOM   412  O  O   . LEU A 1 50  ? 0.444   3.260   -13.782 1.00 12.19 ? 53  LEU A O   1 
ATOM   413  C  CB  . LEU A 1 50  ? -1.431  2.200   -11.974 1.00 10.77 ? 53  LEU A CB  1 
ATOM   414  C  CG  . LEU A 1 50  ? -1.513  0.834   -11.278 1.00 13.95 ? 53  LEU A CG  1 
ATOM   415  C  CD1 . LEU A 1 50  ? -1.845  -0.218  -12.296 1.00 12.22 ? 53  LEU A CD1 1 
ATOM   416  C  CD2 . LEU A 1 50  ? -0.265  0.440   -10.531 1.00 11.25 ? 53  LEU A CD2 1 
ATOM   417  N  N   . SER A 1 51  ? 1.979   3.324   -12.132 1.00 11.97 ? 54  SER A N   1 
ATOM   418  C  CA  . SER A 1 51  ? 3.139   3.340   -13.035 1.00 10.79 ? 54  SER A CA  1 
ATOM   419  C  C   . SER A 1 51  ? 3.440   1.973   -13.643 1.00 12.10 ? 54  SER A C   1 
ATOM   420  O  O   . SER A 1 51  ? 3.847   1.884   -14.813 1.00 11.59 ? 54  SER A O   1 
ATOM   421  C  CB  . SER A 1 51  ? 4.402   3.832   -12.332 1.00 7.61  ? 54  SER A CB  1 
ATOM   422  O  OG  . SER A 1 51  ? 4.256   5.159   -11.899 1.00 12.73 ? 54  SER A OG  1 
ATOM   423  N  N   . GLY A 1 52  ? 3.252   0.923   -12.845 1.00 7.87  ? 55  GLY A N   1 
ATOM   424  C  CA  . GLY A 1 52  ? 3.518   -0.425  -13.304 1.00 10.32 ? 55  GLY A CA  1 
ATOM   425  C  C   . GLY A 1 52  ? 2.963   -1.499  -12.374 1.00 11.60 ? 55  GLY A C   1 
ATOM   426  O  O   . GLY A 1 52  ? 2.643   -1.239  -11.216 1.00 8.44  ? 55  GLY A O   1 
ATOM   427  N  N   . LEU A 1 53  ? 2.823   -2.711  -12.904 1.00 12.08 ? 56  LEU A N   1 
ATOM   428  C  CA  . LEU A 1 53  ? 2.343   -3.862  -12.158 1.00 11.83 ? 56  LEU A CA  1 
ATOM   429  C  C   . LEU A 1 53  ? 3.259   -5.042  -12.498 1.00 12.93 ? 56  LEU A C   1 
ATOM   430  O  O   . LEU A 1 53  ? 3.226   -5.574  -13.602 1.00 14.88 ? 56  LEU A O   1 
ATOM   431  C  CB  . LEU A 1 53  ? 0.904   -4.152  -12.544 1.00 11.14 ? 56  LEU A CB  1 
ATOM   432  C  CG  . LEU A 1 53  ? 0.307   -5.503  -12.180 1.00 12.57 ? 56  LEU A CG  1 
ATOM   433  C  CD1 . LEU A 1 53  ? 0.453   -5.802  -10.692 1.00 13.63 ? 56  LEU A CD1 1 
ATOM   434  C  CD2 . LEU A 1 53  ? -1.156  -5.452  -12.588 1.00 16.06 ? 56  LEU A CD2 1 
ATOM   435  N  N   . GLU A 1 54  ? 4.081   -5.450  -11.550 1.00 14.01 ? 57  GLU A N   1 
ATOM   436  C  CA  . GLU A 1 54  ? 5.024   -6.534  -11.784 1.00 14.35 ? 57  GLU A CA  1 
ATOM   437  C  C   . GLU A 1 54  ? 4.568   -7.839  -11.171 1.00 14.78 ? 57  GLU A C   1 
ATOM   438  O  O   . GLU A 1 54  ? 4.323   -7.903  -9.962  1.00 14.74 ? 57  GLU A O   1 
ATOM   439  C  CB  . GLU A 1 54  ? 6.381   -6.138  -11.210 1.00 15.85 ? 57  GLU A CB  1 
ATOM   440  C  CG  . GLU A 1 54  ? 7.436   -7.196  -11.369 1.00 19.44 ? 57  GLU A CG  1 
ATOM   441  C  CD  . GLU A 1 54  ? 8.820   -6.609  -11.522 1.00 20.39 ? 57  GLU A CD  1 
ATOM   442  O  OE1 . GLU A 1 54  ? 8.952   -5.649  -12.298 1.00 19.91 ? 57  GLU A OE1 1 
ATOM   443  O  OE2 . GLU A 1 54  ? 9.780   -7.114  -10.886 1.00 20.69 ? 57  GLU A OE2 1 
ATOM   444  N  N   . ILE A 1 55  ? 4.490   -8.889  -11.987 1.00 14.09 ? 58  ILE A N   1 
ATOM   445  C  CA  . ILE A 1 55  ? 4.046   -10.193 -11.495 1.00 14.51 ? 58  ILE A CA  1 
ATOM   446  C  C   . ILE A 1 55  ? 5.215   -11.181 -11.530 1.00 14.61 ? 58  ILE A C   1 
ATOM   447  O  O   . ILE A 1 55  ? 5.853   -11.359 -12.565 1.00 16.61 ? 58  ILE A O   1 
ATOM   448  C  CB  . ILE A 1 55  ? 2.813   -10.741 -12.298 1.00 15.12 ? 58  ILE A CB  1 
ATOM   449  C  CG1 . ILE A 1 55  ? 1.598   -9.801  -12.133 1.00 14.24 ? 58  ILE A CG1 1 
ATOM   450  C  CG2 . ILE A 1 55  ? 2.449   -12.154 -11.808 1.00 14.77 ? 58  ILE A CG2 1 
ATOM   451  C  CD1 . ILE A 1 55  ? 0.325   -10.240 -12.913 1.00 11.79 ? 58  ILE A CD1 1 
ATOM   452  N  N   . TRP A 1 56  ? 5.528   -11.772 -10.380 1.00 13.83 ? 59  TRP A N   1 
ATOM   453  C  CA  . TRP A 1 56  ? 6.622   -12.726 -10.260 1.00 13.74 ? 59  TRP A CA  1 
ATOM   454  C  C   . TRP A 1 56  ? 6.187   -14.151 -10.611 1.00 15.06 ? 59  TRP A C   1 
ATOM   455  O  O   . TRP A 1 56  ? 6.096   -15.021 -9.749  1.00 16.16 ? 59  TRP A O   1 
ATOM   456  C  CB  . TRP A 1 56  ? 7.215   -12.656 -8.851  1.00 12.38 ? 59  TRP A CB  1 
ATOM   457  C  CG  . TRP A 1 56  ? 7.946   -11.353 -8.540  1.00 9.01  ? 59  TRP A CG  1 
ATOM   458  C  CD1 . TRP A 1 56  ? 8.328   -10.360 -9.431  1.00 11.96 ? 59  TRP A CD1 1 
ATOM   459  C  CD2 . TRP A 1 56  ? 8.449   -10.943 -7.263  1.00 7.33  ? 59  TRP A CD2 1 
ATOM   460  N  NE1 . TRP A 1 56  ? 9.047   -9.382  -8.773  1.00 9.03  ? 59  TRP A NE1 1 
ATOM   461  C  CE2 . TRP A 1 56  ? 9.138   -9.722  -7.447  1.00 9.38  ? 59  TRP A CE2 1 
ATOM   462  C  CE3 . TRP A 1 56  ? 8.386   -11.499 -5.980  1.00 5.59  ? 59  TRP A CE3 1 
ATOM   463  C  CZ2 . TRP A 1 56  ? 9.768   -9.055  -6.392  1.00 9.01  ? 59  TRP A CZ2 1 
ATOM   464  C  CZ3 . TRP A 1 56  ? 9.011   -10.833 -4.934  1.00 8.69  ? 59  TRP A CZ3 1 
ATOM   465  C  CH2 . TRP A 1 56  ? 9.694   -9.626  -5.148  1.00 8.75  ? 59  TRP A CH2 1 
ATOM   466  N  N   . SER A 1 57  ? 5.922   -14.362 -11.898 1.00 19.51 ? 60  SER A N   1 
ATOM   467  C  CA  . SER A 1 57  ? 5.474   -15.648 -12.460 1.00 23.57 ? 60  SER A CA  1 
ATOM   468  C  C   . SER A 1 57  ? 6.485   -16.785 -12.390 1.00 22.92 ? 60  SER A C   1 
ATOM   469  O  O   . SER A 1 57  ? 6.114   -17.929 -12.138 1.00 25.95 ? 60  SER A O   1 
ATOM   470  C  CB  . SER A 1 57  ? 5.080   -15.460 -13.930 1.00 23.32 ? 60  SER A CB  1 
ATOM   471  O  OG  . SER A 1 57  ? 4.283   -14.300 -14.092 1.00 31.26 ? 60  SER A OG  1 
ATOM   472  N  N   . GLY A 1 58  ? 7.734   -16.484 -12.722 1.00 23.88 ? 61  GLY A N   1 
ATOM   473  C  CA  . GLY A 1 58  ? 8.780   -17.494 -12.709 1.00 23.47 ? 61  GLY A CA  1 
ATOM   474  C  C   . GLY A 1 58  ? 9.109   -17.896 -11.284 1.00 24.08 ? 61  GLY A C   1 
ATOM   475  O  O   . GLY A 1 58  ? 8.868   -19.036 -10.873 1.00 26.63 ? 61  GLY A O   1 
ATOM   476  N  N   . LYS A 1 59  ? 9.647   -16.954 -10.518 1.00 20.15 ? 62  LYS A N   1 
ATOM   477  C  CA  . LYS A 1 59  ? 10.017  -17.182 -9.126  1.00 20.11 ? 62  LYS A CA  1 
ATOM   478  C  C   . LYS A 1 59  ? 10.081  -15.858 -8.363  1.00 17.67 ? 62  LYS A C   1 
ATOM   479  O  O   . LYS A 1 59  ? 10.054  -14.790 -8.969  1.00 17.47 ? 62  LYS A O   1 
ATOM   480  C  CB  . LYS A 1 59  ? 11.375  -17.872 -9.060  1.00 20.96 ? 62  LYS A CB  1 
ATOM   481  C  CG  . LYS A 1 59  ? 12.477  -17.142 -9.798  1.00 22.96 ? 62  LYS A CG  1 
ATOM   482  C  CD  . LYS A 1 59  ? 13.831  -17.755 -9.459  1.00 28.45 ? 62  LYS A CD  1 
ATOM   483  C  CE  . LYS A 1 59  ? 15.005  -16.951 -10.034 1.00 29.93 ? 62  LYS A CE  1 
ATOM   484  N  NZ  . LYS A 1 59  ? 15.071  -16.942 -11.533 1.00 34.11 ? 62  LYS A NZ  1 
ATOM   485  N  N   . ASP A 1 60  ? 10.072  -15.930 -7.040  1.00 15.54 ? 63  ASP A N   1 
ATOM   486  C  CA  . ASP A 1 60  ? 10.169  -14.735 -6.210  1.00 16.82 ? 63  ASP A CA  1 
ATOM   487  C  C   . ASP A 1 60  ? 11.577  -14.165 -6.386  1.00 18.74 ? 63  ASP A C   1 
ATOM   488  O  O   . ASP A 1 60  ? 12.529  -14.935 -6.573  1.00 20.77 ? 63  ASP A O   1 
ATOM   489  C  CB  . ASP A 1 60  ? 9.993   -15.096 -4.736  1.00 15.79 ? 63  ASP A CB  1 
ATOM   490  C  CG  . ASP A 1 60  ? 8.541   -15.283 -4.334  1.00 17.85 ? 63  ASP A CG  1 
ATOM   491  O  OD1 . ASP A 1 60  ? 7.658   -14.644 -4.954  1.00 13.64 ? 63  ASP A OD1 1 
ATOM   492  O  OD2 . ASP A 1 60  ? 8.288   -16.074 -3.404  1.00 13.14 ? 63  ASP A OD2 1 
ATOM   493  N  N   . LEU A 1 61  ? 11.717  -12.839 -6.345  1.00 19.20 ? 64  LEU A N   1 
ATOM   494  C  CA  . LEU A 1 61  ? 13.036  -12.203 -6.462  1.00 18.07 ? 64  LEU A CA  1 
ATOM   495  C  C   . LEU A 1 61  ? 13.644  -11.909 -5.088  1.00 18.95 ? 64  LEU A C   1 
ATOM   496  O  O   . LEU A 1 61  ? 14.769  -11.403 -4.981  1.00 18.42 ? 64  LEU A O   1 
ATOM   497  C  CB  . LEU A 1 61  ? 12.966  -10.946 -7.317  1.00 18.33 ? 64  LEU A CB  1 
ATOM   498  C  CG  . LEU A 1 61  ? 13.075  -11.174 -8.833  1.00 20.36 ? 64  LEU A CG  1 
ATOM   499  C  CD1 . LEU A 1 61  ? 12.307  -12.377 -9.312  1.00 20.14 ? 64  LEU A CD1 1 
ATOM   500  C  CD2 . LEU A 1 61  ? 12.594  -9.925  -9.547  1.00 21.16 ? 64  LEU A CD2 1 
ATOM   501  N  N   . ILE A 1 62  ? 12.890  -12.210 -4.034  1.00 15.19 ? 65  ILE A N   1 
ATOM   502  C  CA  . ILE A 1 62  ? 13.371  -12.019 -2.660  1.00 15.44 ? 65  ILE A CA  1 
ATOM   503  C  C   . ILE A 1 62  ? 12.796  -13.179 -1.867  1.00 14.02 ? 65  ILE A C   1 
ATOM   504  O  O   . ILE A 1 62  ? 11.923  -13.903 -2.368  1.00 14.36 ? 65  ILE A O   1 
ATOM   505  C  CB  . ILE A 1 62  ? 12.860  -10.696 -1.999  1.00 16.21 ? 65  ILE A CB  1 
ATOM   506  C  CG1 . ILE A 1 62  ? 11.355  -10.770 -1.710  1.00 16.28 ? 65  ILE A CG1 1 
ATOM   507  C  CG2 . ILE A 1 62  ? 13.153  -9.520  -2.895  1.00 15.43 ? 65  ILE A CG2 1 
ATOM   508  C  CD1 . ILE A 1 62  ? 10.890  -9.787  -0.681  1.00 16.09 ? 65  ILE A CD1 1 
ATOM   509  N  N   . ASP A 1 63  ? 13.308  -13.389 -0.665  1.00 13.13 ? 66  ASP A N   1 
ATOM   510  C  CA  . ASP A 1 63  ? 12.796  -14.440 0.184   1.00 15.55 ? 66  ASP A CA  1 
ATOM   511  C  C   . ASP A 1 63  ? 11.609  -13.913 0.957   1.00 15.09 ? 66  ASP A C   1 
ATOM   512  O  O   . ASP A 1 63  ? 11.742  -12.992 1.763   1.00 15.38 ? 66  ASP A O   1 
ATOM   513  C  CB  . ASP A 1 63  ? 13.854  -14.909 1.166   1.00 21.57 ? 66  ASP A CB  1 
ATOM   514  C  CG  . ASP A 1 63  ? 14.867  -15.811 0.524   1.00 25.19 ? 66  ASP A CG  1 
ATOM   515  O  OD1 . ASP A 1 63  ? 14.445  -16.767 -0.167  1.00 29.68 ? 66  ASP A OD1 1 
ATOM   516  O  OD2 . ASP A 1 63  ? 16.078  -15.567 0.720   1.00 28.50 ? 66  ASP A OD2 1 
ATOM   517  N  N   . VAL A 1 64  ? 10.434  -14.443 0.669   1.00 13.40 ? 67  VAL A N   1 
ATOM   518  C  CA  . VAL A 1 64  ? 9.259   -14.011 1.384   1.00 14.29 ? 67  VAL A CA  1 
ATOM   519  C  C   . VAL A 1 64  ? 9.149   -14.902 2.608   1.00 16.04 ? 67  VAL A C   1 
ATOM   520  O  O   . VAL A 1 64  ? 9.015   -16.112 2.482   1.00 17.26 ? 67  VAL A O   1 
ATOM   521  C  CB  . VAL A 1 64  ? 8.012   -14.123 0.515   1.00 13.85 ? 67  VAL A CB  1 
ATOM   522  C  CG1 . VAL A 1 64  ? 6.814   -13.618 1.286   1.00 14.79 ? 67  VAL A CG1 1 
ATOM   523  C  CG2 . VAL A 1 64  ? 8.188   -13.320 -0.778  1.00 14.23 ? 67  VAL A CG2 1 
ATOM   524  N  N   . GLU A 1 65  ? 9.277   -14.315 3.793   1.00 18.58 ? 68  GLU A N   1 
ATOM   525  C  CA  . GLU A 1 65  ? 9.208   -15.073 5.038   1.00 17.37 ? 68  GLU A CA  1 
ATOM   526  C  C   . GLU A 1 65  ? 7.909   -14.834 5.796   1.00 18.02 ? 68  GLU A C   1 
ATOM   527  O  O   . GLU A 1 65  ? 7.211   -13.846 5.573   1.00 16.39 ? 68  GLU A O   1 
ATOM   528  C  CB  . GLU A 1 65  ? 10.345  -14.666 5.958   1.00 17.04 ? 68  GLU A CB  1 
ATOM   529  C  CG  . GLU A 1 65  ? 11.713  -14.742 5.363   1.00 17.84 ? 68  GLU A CG  1 
ATOM   530  C  CD  . GLU A 1 65  ? 12.757  -14.196 6.317   1.00 18.38 ? 68  GLU A CD  1 
ATOM   531  O  OE1 . GLU A 1 65  ? 12.696  -14.531 7.515   1.00 19.85 ? 68  GLU A OE1 1 
ATOM   532  O  OE2 . GLU A 1 65  ? 13.619  -13.401 5.892   1.00 19.72 ? 68  GLU A OE2 1 
ATOM   533  N  N   . ALA A 1 66  ? 7.654   -15.710 6.762   1.00 17.56 ? 69  ALA A N   1 
ATOM   534  C  CA  . ALA A 1 66  ? 6.486   -15.630 7.631   1.00 20.27 ? 69  ALA A CA  1 
ATOM   535  C  C   . ALA A 1 66  ? 6.597   -14.354 8.459   1.00 20.31 ? 69  ALA A C   1 
ATOM   536  O  O   . ALA A 1 66  ? 5.602   -13.822 8.962   1.00 20.23 ? 69  ALA A O   1 
ATOM   537  C  CB  . ALA A 1 66  ? 6.449   -16.868 8.561   1.00 20.14 ? 69  ALA A CB  1 
ATOM   538  N  N   . SER A 1 67  ? 7.834   -13.914 8.658   1.00 18.77 ? 70  SER A N   1 
ATOM   539  C  CA  . SER A 1 67  ? 8.100   -12.709 9.401   1.00 16.43 ? 70  SER A CA  1 
ATOM   540  C  C   . SER A 1 67  ? 7.817   -11.499 8.508   1.00 16.63 ? 70  SER A C   1 
ATOM   541  O  O   . SER A 1 67  ? 8.564   -11.232 7.573   1.00 13.98 ? 70  SER A O   1 
ATOM   542  C  CB  . SER A 1 67  ? 9.557   -12.692 9.824   1.00 16.45 ? 70  SER A CB  1 
ATOM   543  O  OG  . SER A 1 67  ? 9.855   -11.488 10.506  1.00 19.00 ? 70  SER A OG  1 
ATOM   544  N  N   . ALA A 1 68  ? 6.772   -10.741 8.822   1.00 14.34 ? 71  ALA A N   1 
ATOM   545  C  CA  . ALA A 1 68  ? 6.447   -9.540  8.044   1.00 13.53 ? 71  ALA A CA  1 
ATOM   546  C  C   . ALA A 1 68  ? 7.607   -8.533  8.056   1.00 11.63 ? 71  ALA A C   1 
ATOM   547  O  O   . ALA A 1 68  ? 7.900   -7.881  7.049   1.00 10.60 ? 71  ALA A O   1 
ATOM   548  C  CB  . ALA A 1 68  ? 5.172   -8.883  8.598   1.00 13.56 ? 71  ALA A CB  1 
ATOM   549  N  N   . GLY A 1 69  ? 8.261   -8.408  9.203   1.00 11.00 ? 72  GLY A N   1 
ATOM   550  C  CA  . GLY A 1 69  ? 9.376   -7.478  9.316   1.00 13.15 ? 72  GLY A CA  1 
ATOM   551  C  C   . GLY A 1 69  ? 10.580  -7.767  8.416   1.00 12.45 ? 72  GLY A C   1 
ATOM   552  O  O   . GLY A 1 69  ? 11.207  -6.836  7.889   1.00 12.66 ? 72  GLY A O   1 
ATOM   553  N  N   . ASN A 1 70  ? 10.928  -9.043  8.246   1.00 11.86 ? 73  ASN A N   1 
ATOM   554  C  CA  . ASN A 1 70  ? 12.080  -9.411  7.417   1.00 10.73 ? 73  ASN A CA  1 
ATOM   555  C  C   . ASN A 1 70  ? 11.713  -9.271  5.955   1.00 10.43 ? 73  ASN A C   1 
ATOM   556  O  O   . ASN A 1 70  ? 12.539  -8.872  5.128   1.00 8.06  ? 73  ASN A O   1 
ATOM   557  C  CB  . ASN A 1 70  ? 12.533  -10.847 7.727   1.00 10.85 ? 73  ASN A CB  1 
ATOM   558  C  CG  . ASN A 1 70  ? 13.153  -10.993 9.142   1.00 16.09 ? 73  ASN A CG  1 
ATOM   559  O  OD1 . ASN A 1 70  ? 13.491  -10.008 9.817   1.00 16.49 ? 73  ASN A OD1 1 
ATOM   560  N  ND2 . ASN A 1 70  ? 13.303  -12.235 9.581   1.00 18.94 ? 73  ASN A ND2 1 
ATOM   561  N  N   . THR A 1 71  ? 10.457  -9.570  5.644   1.00 11.23 ? 74  THR A N   1 
ATOM   562  C  CA  . THR A 1 71  ? 9.958   -9.471  4.269   1.00 11.63 ? 74  THR A CA  1 
ATOM   563  C  C   . THR A 1 71  ? 9.949   -8.016  3.765   1.00 10.71 ? 74  THR A C   1 
ATOM   564  O  O   . THR A 1 71  ? 10.382  -7.746  2.654   1.00 10.81 ? 74  THR A O   1 
ATOM   565  C  CB  . THR A 1 71  ? 8.556   -10.132 4.160   1.00 11.95 ? 74  THR A CB  1 
ATOM   566  O  OG1 . THR A 1 71  ? 8.669   -11.529 4.479   1.00 12.98 ? 74  THR A OG1 1 
ATOM   567  C  CG2 . THR A 1 71  ? 7.977   -10.000 2.774   1.00 8.94  ? 74  THR A CG2 1 
ATOM   568  N  N   . LEU A 1 72  ? 9.486   -7.088  4.599   1.00 10.31 ? 75  LEU A N   1 
ATOM   569  C  CA  . LEU A 1 72  ? 9.442   -5.657  4.246   1.00 10.33 ? 75  LEU A CA  1 
ATOM   570  C  C   . LEU A 1 72  ? 10.846  -5.158  3.955   1.00 8.37  ? 75  LEU A C   1 
ATOM   571  O  O   . LEU A 1 72  ? 11.079  -4.454  2.979   1.00 7.64  ? 75  LEU A O   1 
ATOM   572  C  CB  . LEU A 1 72  ? 8.861   -4.826  5.400   1.00 9.29  ? 75  LEU A CB  1 
ATOM   573  C  CG  . LEU A 1 72  ? 8.794   -3.307  5.180   1.00 10.38 ? 75  LEU A CG  1 
ATOM   574  C  CD1 . LEU A 1 72  ? 7.822   -3.006  4.057   1.00 9.89  ? 75  LEU A CD1 1 
ATOM   575  C  CD2 . LEU A 1 72  ? 8.366   -2.604  6.449   1.00 8.52  ? 75  LEU A CD2 1 
ATOM   576  N  N   . LYS A 1 73  ? 11.776  -5.501  4.837   1.00 11.41 ? 76  LYS A N   1 
ATOM   577  C  CA  . LYS A 1 73  ? 13.158  -5.067  4.676   1.00 12.48 ? 76  LYS A CA  1 
ATOM   578  C  C   . LYS A 1 73  ? 13.737  -5.625  3.391   1.00 11.04 ? 76  LYS A C   1 
ATOM   579  O  O   . LYS A 1 73  ? 14.261  -4.876  2.586   1.00 13.48 ? 76  LYS A O   1 
ATOM   580  C  CB  . LYS A 1 73  ? 14.013  -5.440  5.890   1.00 12.63 ? 76  LYS A CB  1 
ATOM   581  C  CG  . LYS A 1 73  ? 15.494  -5.202  5.635   1.00 17.17 ? 76  LYS A CG  1 
ATOM   582  C  CD  . LYS A 1 73  ? 16.295  -5.086  6.923   1.00 21.49 ? 76  LYS A CD  1 
ATOM   583  C  CE  . LYS A 1 73  ? 17.789  -5.134  6.623   1.00 23.21 ? 76  LYS A CE  1 
ATOM   584  N  NZ  . LYS A 1 73  ? 18.613  -4.738  7.784   1.00 28.24 ? 76  LYS A NZ  1 
ATOM   585  N  N   . SER A 1 74  ? 13.560  -6.917  3.140   1.00 10.65 ? 77  SER A N   1 
ATOM   586  C  CA  . SER A 1 74  ? 14.084  -7.500  1.896   1.00 11.36 ? 77  SER A CA  1 
ATOM   587  C  C   . SER A 1 74  ? 13.532  -6.815  0.647   1.00 10.87 ? 77  SER A C   1 
ATOM   588  O  O   . SER A 1 74  ? 14.274  -6.559  -0.304  1.00 9.92  ? 77  SER A O   1 
ATOM   589  C  CB  . SER A 1 74  ? 13.738  -8.987  1.800   1.00 11.32 ? 77  SER A CB  1 
ATOM   590  O  OG  . SER A 1 74  ? 14.663  -9.765  2.535   1.00 20.28 ? 77  SER A OG  1 
ATOM   591  N  N   . PHE A 1 75  ? 12.219  -6.573  0.651   1.00 10.25 ? 78  PHE A N   1 
ATOM   592  C  CA  . PHE A 1 75  ? 11.503  -5.954  -0.472  1.00 10.53 ? 78  PHE A CA  1 
ATOM   593  C  C   . PHE A 1 75  ? 12.013  -4.525  -0.716  1.00 8.53  ? 78  PHE A C   1 
ATOM   594  O  O   . PHE A 1 75  ? 12.302  -4.128  -1.868  1.00 8.57  ? 78  PHE A O   1 
ATOM   595  C  CB  . PHE A 1 75  ? 9.982   -5.983  -0.189  1.00 8.92  ? 78  PHE A CB  1 
ATOM   596  C  CG  . PHE A 1 75  ? 9.149   -5.306  -1.234  1.00 9.10  ? 78  PHE A CG  1 
ATOM   597  C  CD1 . PHE A 1 75  ? 9.128   -5.777  -2.535  1.00 7.76  ? 78  PHE A CD1 1 
ATOM   598  C  CD2 . PHE A 1 75  ? 8.375   -4.197  -0.906  1.00 7.49  ? 78  PHE A CD2 1 
ATOM   599  C  CE1 . PHE A 1 75  ? 8.345   -5.141  -3.501  1.00 9.24  ? 78  PHE A CE1 1 
ATOM   600  C  CE2 . PHE A 1 75  ? 7.591   -3.554  -1.859  1.00 6.62  ? 78  PHE A CE2 1 
ATOM   601  C  CZ  . PHE A 1 75  ? 7.575   -4.028  -3.162  1.00 9.12  ? 78  PHE A CZ  1 
ATOM   602  N  N   . GLY A 1 76  ? 12.157  -3.767  0.370   1.00 8.82  ? 79  GLY A N   1 
ATOM   603  C  CA  . GLY A 1 76  ? 12.656  -2.406  0.239   1.00 7.65  ? 79  GLY A CA  1 
ATOM   604  C  C   . GLY A 1 76  ? 14.037  -2.411  -0.388  1.00 7.57  ? 79  GLY A C   1 
ATOM   605  O  O   . GLY A 1 76  ? 14.333  -1.600  -1.271  1.00 7.60  ? 79  GLY A O   1 
ATOM   606  N  N   . GLU A 1 77  ? 14.879  -3.357  0.027   1.00 12.30 ? 80  GLU A N   1 
ATOM   607  C  CA  . GLU A 1 77  ? 16.244  -3.445  -0.510  1.00 14.25 ? 80  GLU A CA  1 
ATOM   608  C  C   . GLU A 1 77  ? 16.312  -3.883  -1.960  1.00 13.97 ? 80  GLU A C   1 
ATOM   609  O  O   . GLU A 1 77  ? 17.185  -3.418  -2.725  1.00 14.45 ? 80  GLU A O   1 
ATOM   610  C  CB  . GLU A 1 77  ? 17.130  -4.313  0.384   1.00 17.70 ? 80  GLU A CB  1 
ATOM   611  C  CG  . GLU A 1 77  ? 17.504  -3.594  1.671   1.00 20.38 ? 80  GLU A CG  1 
ATOM   612  C  CD  . GLU A 1 77  ? 18.126  -4.490  2.711   1.00 23.94 ? 80  GLU A CD  1 
ATOM   613  O  OE1 . GLU A 1 77  ? 18.343  -5.687  2.429   1.00 27.28 ? 80  GLU A OE1 1 
ATOM   614  O  OE2 . GLU A 1 77  ? 18.390  -3.991  3.833   1.00 28.11 ? 80  GLU A OE2 1 
ATOM   615  N  N   . TRP A 1 78  ? 15.384  -4.749  -2.354  1.00 11.01 ? 81  TRP A N   1 
ATOM   616  C  CA  . TRP A 1 78  ? 15.335  -5.206  -3.736  1.00 12.18 ? 81  TRP A CA  1 
ATOM   617  C  C   . TRP A 1 78  ? 14.805  -4.049  -4.589  1.00 13.46 ? 81  TRP A C   1 
ATOM   618  O  O   . TRP A 1 78  ? 15.149  -3.913  -5.759  1.00 12.52 ? 81  TRP A O   1 
ATOM   619  C  CB  . TRP A 1 78  ? 14.389  -6.394  -3.872  1.00 10.88 ? 81  TRP A CB  1 
ATOM   620  C  CG  . TRP A 1 78  ? 13.983  -6.664  -5.280  1.00 10.47 ? 81  TRP A CG  1 
ATOM   621  C  CD1 . TRP A 1 78  ? 14.713  -7.301  -6.237  1.00 8.57  ? 81  TRP A CD1 1 
ATOM   622  C  CD2 . TRP A 1 78  ? 12.760  -6.251  -5.904  1.00 12.45 ? 81  TRP A CD2 1 
ATOM   623  N  NE1 . TRP A 1 78  ? 14.015  -7.307  -7.425  1.00 13.74 ? 81  TRP A NE1 1 
ATOM   624  C  CE2 . TRP A 1 78  ? 12.816  -6.673  -7.249  1.00 11.70 ? 81  TRP A CE2 1 
ATOM   625  C  CE3 . TRP A 1 78  ? 11.624  -5.554  -5.463  1.00 12.82 ? 81  TRP A CE3 1 
ATOM   626  C  CZ2 . TRP A 1 78  ? 11.778  -6.422  -8.165  1.00 14.35 ? 81  TRP A CZ2 1 
ATOM   627  C  CZ3 . TRP A 1 78  ? 10.592  -5.300  -6.371  1.00 11.33 ? 81  TRP A CZ3 1 
ATOM   628  C  CH2 . TRP A 1 78  ? 10.680  -5.736  -7.707  1.00 16.09 ? 81  TRP A CH2 1 
ATOM   629  N  N   . ARG A 1 79  ? 13.911  -3.250  -4.013  1.00 16.07 ? 82  ARG A N   1 
ATOM   630  C  CA  . ARG A 1 79  ? 13.349  -2.111  -4.733  1.00 14.67 ? 82  ARG A CA  1 
ATOM   631  C  C   . ARG A 1 79  ? 14.490  -1.174  -5.125  1.00 12.15 ? 82  ARG A C   1 
ATOM   632  O  O   . ARG A 1 79  ? 14.647  -0.831  -6.297  1.00 13.29 ? 82  ARG A O   1 
ATOM   633  C  CB  . ARG A 1 79  ? 12.352  -1.364  -3.838  1.00 14.89 ? 82  ARG A CB  1 
ATOM   634  C  CG  . ARG A 1 79  ? 11.125  -0.801  -4.554  1.00 19.22 ? 82  ARG A CG  1 
ATOM   635  C  CD  . ARG A 1 79  ? 11.234  0.638   -5.091  1.00 21.98 ? 82  ARG A CD  1 
ATOM   636  N  NE  . ARG A 1 79  ? 11.193  1.652   -4.042  1.00 22.90 ? 82  ARG A NE  1 
ATOM   637  C  CZ  . ARG A 1 79  ? 10.951  2.957   -4.217  1.00 17.24 ? 82  ARG A CZ  1 
ATOM   638  N  NH1 . ARG A 1 79  ? 10.679  3.475   -5.405  1.00 16.86 ? 82  ARG A NH1 1 
ATOM   639  N  NH2 . ARG A 1 79  ? 11.196  3.779   -3.211  1.00 18.51 ? 82  ARG A NH2 1 
ATOM   640  N  N   . ALA A 1 80  ? 15.324  -0.827  -4.154  1.00 8.72  ? 83  ALA A N   1 
ATOM   641  C  CA  . ALA A 1 80  ? 16.440  0.090   -4.379  1.00 11.08 ? 83  ALA A CA  1 
ATOM   642  C  C   . ALA A 1 80  ? 17.556  -0.458  -5.288  1.00 10.83 ? 83  ALA A C   1 
ATOM   643  O  O   . ALA A 1 80  ? 18.230  0.291   -6.027  1.00 8.59  ? 83  ALA A O   1 
ATOM   644  C  CB  . ALA A 1 80  ? 17.022  0.537   -3.015  1.00 10.20 ? 83  ALA A CB  1 
ATOM   645  N  N   . LYS A 1 81  ? 17.728  -1.768  -5.247  1.00 10.27 ? 84  LYS A N   1 
ATOM   646  C  CA  . LYS A 1 81  ? 18.767  -2.395  -6.025  1.00 13.01 ? 84  LYS A CA  1 
ATOM   647  C  C   . LYS A 1 81  ? 18.377  -2.678  -7.472  1.00 13.75 ? 84  LYS A C   1 
ATOM   648  O  O   . LYS A 1 81  ? 19.190  -2.516  -8.387  1.00 13.29 ? 84  LYS A O   1 
ATOM   649  C  CB  . LYS A 1 81  ? 19.171  -3.707  -5.356  1.00 15.94 ? 84  LYS A CB  1 
ATOM   650  C  CG  . LYS A 1 81  ? 20.468  -4.279  -5.912  1.00 23.09 ? 84  LYS A CG  1 
ATOM   651  C  CD  . LYS A 1 81  ? 20.706  -5.724  -5.478  1.00 26.84 ? 84  LYS A CD  1 
ATOM   652  C  CE  . LYS A 1 81  ? 20.732  -5.851  -3.975  1.00 28.05 ? 84  LYS A CE  1 
ATOM   653  N  NZ  . LYS A 1 81  ? 20.004  -7.097  -3.563  1.00 34.11 ? 84  LYS A NZ  1 
ATOM   654  N  N   . ASP A 1 82  ? 17.119  -3.057  -7.669  1.00 12.32 ? 85  ASP A N   1 
ATOM   655  C  CA  . ASP A 1 82  ? 16.597  -3.459  -8.975  1.00 11.59 ? 85  ASP A CA  1 
ATOM   656  C  C   . ASP A 1 82  ? 15.516  -2.558  -9.565  1.00 12.61 ? 85  ASP A C   1 
ATOM   657  O  O   . ASP A 1 82  ? 15.784  -1.723  -10.439 1.00 10.32 ? 85  ASP A O   1 
ATOM   658  C  CB  . ASP A 1 82  ? 16.051  -4.905  -8.841  1.00 13.21 ? 85  ASP A CB  1 
ATOM   659  C  CG  . ASP A 1 82  ? 15.415  -5.443  -10.125 1.00 14.76 ? 85  ASP A CG  1 
ATOM   660  O  OD1 . ASP A 1 82  ? 15.691  -4.920  -11.208 1.00 19.14 ? 85  ASP A OD1 1 
ATOM   661  O  OD2 . ASP A 1 82  ? 14.632  -6.414  -10.058 1.00 18.27 ? 85  ASP A OD2 1 
ATOM   662  N  N   . LEU A 1 83  ? 14.303  -2.701  -9.034  1.00 11.67 ? 86  LEU A N   1 
ATOM   663  C  CA  . LEU A 1 83  ? 13.137  -1.991  -9.527  1.00 11.96 ? 86  LEU A CA  1 
ATOM   664  C  C   . LEU A 1 83  ? 13.281  -0.515  -9.869  1.00 11.71 ? 86  LEU A C   1 
ATOM   665  O  O   . LEU A 1 83  ? 12.900  -0.125  -10.971 1.00 11.06 ? 86  LEU A O   1 
ATOM   666  C  CB  . LEU A 1 83  ? 11.947  -2.232  -8.600  1.00 13.73 ? 86  LEU A CB  1 
ATOM   667  C  CG  . LEU A 1 83  ? 10.599  -1.727  -9.122  1.00 16.52 ? 86  LEU A CG  1 
ATOM   668  C  CD1 . LEU A 1 83  ? 10.171  -2.418  -10.428 1.00 17.05 ? 86  LEU A CD1 1 
ATOM   669  C  CD2 . LEU A 1 83  ? 9.564   -1.952  -8.018  1.00 18.02 ? 86  LEU A CD2 1 
ATOM   670  N  N   . ILE A 1 84  ? 13.867  0.300   -8.992  1.00 11.32 ? 87  ILE A N   1 
ATOM   671  C  CA  . ILE A 1 84  ? 13.991  1.724   -9.301  1.00 13.17 ? 87  ILE A CA  1 
ATOM   672  C  C   . ILE A 1 84  ? 14.753  2.059   -10.604 1.00 15.09 ? 87  ILE A C   1 
ATOM   673  O  O   . ILE A 1 84  ? 14.515  3.116   -11.188 1.00 14.15 ? 87  ILE A O   1 
ATOM   674  C  CB  . ILE A 1 84  ? 14.598  2.581   -8.113  1.00 16.97 ? 87  ILE A CB  1 
ATOM   675  C  CG1 . ILE A 1 84  ? 16.049  2.188   -7.796  1.00 15.86 ? 87  ILE A CG1 1 
ATOM   676  C  CG2 . ILE A 1 84  ? 13.704  2.500   -6.887  1.00 15.04 ? 87  ILE A CG2 1 
ATOM   677  C  CD1 . ILE A 1 84  ? 16.823  3.266   -7.049  1.00 13.82 ? 87  ILE A CD1 1 
ATOM   678  N  N   . HIS A 1 85  ? 15.626  1.159   -11.079 1.00 15.72 ? 88  HIS A N   1 
ATOM   679  C  CA  . HIS A 1 85  ? 16.408  1.392   -12.306 1.00 14.75 ? 88  HIS A CA  1 
ATOM   680  C  C   . HIS A 1 85  ? 15.659  0.923   -13.534 1.00 16.34 ? 88  HIS A C   1 
ATOM   681  O  O   . HIS A 1 85  ? 16.095  1.130   -14.659 1.00 16.45 ? 88  HIS A O   1 
ATOM   682  C  CB  . HIS A 1 85  ? 17.747  0.654   -12.247 1.00 13.62 ? 88  HIS A CB  1 
ATOM   683  C  CG  . HIS A 1 85  ? 18.542  0.934   -10.995 1.00 16.75 ? 88  HIS A CG  1 
ATOM   684  N  ND1 . HIS A 1 85  ? 19.027  2.189   -10.678 1.00 16.51 ? 88  HIS A ND1 1 
ATOM   685  C  CD2 . HIS A 1 85  ? 18.864  0.143   -9.956  1.00 16.37 ? 88  HIS A CD2 1 
ATOM   686  C  CE1 . HIS A 1 85  ? 19.604  2.162   -9.503  1.00 15.97 ? 88  HIS A CE1 1 
ATOM   687  N  NE2 . HIS A 1 85  ? 19.516  0.918   -9.032  1.00 18.38 ? 88  HIS A NE2 1 
ATOM   688  N  N   . ARG A 1 86  ? 14.516  0.303   -13.303 1.00 14.21 ? 89  ARG A N   1 
ATOM   689  C  CA  . ARG A 1 86  ? 13.689  -0.244  -14.355 1.00 17.78 ? 89  ARG A CA  1 
ATOM   690  C  C   . ARG A 1 86  ? 12.490  0.677   -14.609 1.00 18.00 ? 89  ARG A C   1 
ATOM   691  O  O   . ARG A 1 86  ? 12.197  1.017   -15.750 1.00 18.57 ? 89  ARG A O   1 
ATOM   692  C  CB  . ARG A 1 86  ? 13.185  -1.617  -13.881 1.00 19.66 ? 89  ARG A CB  1 
ATOM   693  C  CG  . ARG A 1 86  ? 13.287  -2.737  -14.869 1.00 20.77 ? 89  ARG A CG  1 
ATOM   694  C  CD  . ARG A 1 86  ? 14.120  -3.924  -14.361 1.00 18.34 ? 89  ARG A CD  1 
ATOM   695  N  NE  . ARG A 1 86  ? 13.664  -4.595  -13.134 1.00 17.98 ? 89  ARG A NE  1 
ATOM   696  C  CZ  . ARG A 1 86  ? 12.416  -4.981  -12.845 1.00 18.64 ? 89  ARG A CZ  1 
ATOM   697  N  NH1 . ARG A 1 86  ? 11.414  -4.742  -13.683 1.00 15.57 ? 89  ARG A NH1 1 
ATOM   698  N  NH2 . ARG A 1 86  ? 12.184  -5.683  -11.740 1.00 16.51 ? 89  ARG A NH2 1 
ATOM   699  N  N   . ILE A 1 87  ? 11.810  1.070   -13.529 1.00 16.76 ? 90  ILE A N   1 
ATOM   700  C  CA  . ILE A 1 87  ? 10.609  1.915   -13.585 1.00 16.22 ? 90  ILE A CA  1 
ATOM   701  C  C   . ILE A 1 87  ? 10.674  3.072   -12.610 1.00 13.01 ? 90  ILE A C   1 
ATOM   702  O  O   . ILE A 1 87  ? 10.866  2.867   -11.420 1.00 12.96 ? 90  ILE A O   1 
ATOM   703  C  CB  . ILE A 1 87  ? 9.326   1.134   -13.173 1.00 16.49 ? 90  ILE A CB  1 
ATOM   704  C  CG1 . ILE A 1 87  ? 9.259   -0.232  -13.844 1.00 18.46 ? 90  ILE A CG1 1 
ATOM   705  C  CG2 . ILE A 1 87  ? 8.085   1.941   -13.527 1.00 15.30 ? 90  ILE A CG2 1 
ATOM   706  C  CD1 . ILE A 1 87  ? 9.110   -0.168  -15.333 1.00 21.93 ? 90  ILE A CD1 1 
ATOM   707  N  N   . SER A 1 88  ? 10.494  4.284   -13.121 1.00 14.53 ? 91  SER A N   1 
ATOM   708  C  CA  . SER A 1 88  ? 10.475  5.475   -12.291 1.00 16.49 ? 91  SER A CA  1 
ATOM   709  C  C   . SER A 1 88  ? 9.122   5.515   -11.579 1.00 15.23 ? 91  SER A C   1 
ATOM   710  O  O   . SER A 1 88  ? 8.060   5.445   -12.219 1.00 12.91 ? 91  SER A O   1 
ATOM   711  C  CB  . SER A 1 88  ? 10.633  6.749   -13.144 1.00 21.80 ? 91  SER A CB  1 
ATOM   712  O  OG  . SER A 1 88  ? 11.995  7.088   -13.390 1.00 30.68 ? 91  SER A OG  1 
ATOM   713  N  N   . HIS A 1 89  ? 9.164   5.549   -10.252 1.00 14.16 ? 92  HIS A N   1 
ATOM   714  C  CA  . HIS A 1 89  ? 7.945   5.611   -9.431  1.00 11.05 ? 92  HIS A CA  1 
ATOM   715  C  C   . HIS A 1 89  ? 8.341   6.152   -8.049  1.00 12.01 ? 92  HIS A C   1 
ATOM   716  O  O   . HIS A 1 89  ? 9.541   6.240   -7.723  1.00 8.98  ? 92  HIS A O   1 
ATOM   717  C  CB  . HIS A 1 89  ? 7.276   4.250   -9.296  1.00 10.17 ? 92  HIS A CB  1 
ATOM   718  C  CG  . HIS A 1 89  ? 8.154   3.209   -8.678  1.00 9.52  ? 92  HIS A CG  1 
ATOM   719  N  ND1 . HIS A 1 89  ? 9.344   2.806   -9.249  1.00 7.75  ? 92  HIS A ND1 1 
ATOM   720  C  CD2 . HIS A 1 89  ? 8.030   2.510   -7.533  1.00 10.35 ? 92  HIS A CD2 1 
ATOM   721  C  CE1 . HIS A 1 89  ? 9.919   1.906   -8.473  1.00 8.58  ? 92  HIS A CE1 1 
ATOM   722  N  NE2 . HIS A 1 89  ? 9.138   1.706   -7.423  1.00 8.78  ? 92  HIS A NE2 1 
ATOM   723  N  N   . ASP A 1 90  ? 7.331   6.461   -7.240  1.00 13.21 ? 93  ASP A N   1 
ATOM   724  C  CA  . ASP A 1 90  ? 7.498   7.062   -5.914  1.00 12.52 ? 93  ASP A CA  1 
ATOM   725  C  C   . ASP A 1 90  ? 7.323   6.140   -4.723  1.00 9.34  ? 93  ASP A C   1 
ATOM   726  O  O   . ASP A 1 90  ? 7.910   6.374   -3.672  1.00 11.92 ? 93  ASP A O   1 
ATOM   727  C  CB  . ASP A 1 90  ? 6.524   8.257   -5.768  1.00 10.48 ? 93  ASP A CB  1 
ATOM   728  C  CG  . ASP A 1 90  ? 6.620   9.252   -6.936  1.00 12.33 ? 93  ASP A CG  1 
ATOM   729  O  OD1 . ASP A 1 90  ? 7.724   9.509   -7.495  1.00 10.52 ? 93  ASP A OD1 1 
ATOM   730  O  OD2 . ASP A 1 90  ? 5.575   9.797   -7.335  1.00 10.32 ? 93  ASP A OD2 1 
ATOM   731  N  N   . ASN A 1 91  ? 6.598   5.052   -4.911  1.00 7.61  ? 94  ASN A N   1 
ATOM   732  C  CA  . ASN A 1 91  ? 6.304   4.129   -3.814  1.00 7.69  ? 94  ASN A CA  1 
ATOM   733  C  C   . ASN A 1 91  ? 5.953   2.769   -4.425  1.00 7.94  ? 94  ASN A C   1 
ATOM   734  O  O   . ASN A 1 91  ? 5.396   2.713   -5.537  1.00 6.69  ? 94  ASN A O   1 
ATOM   735  C  CB  . ASN A 1 91  ? 5.089   4.698   -3.056  1.00 9.75  ? 94  ASN A CB  1 
ATOM   736  C  CG  . ASN A 1 91  ? 4.616   3.820   -1.914  1.00 9.80  ? 94  ASN A CG  1 
ATOM   737  O  OD1 . ASN A 1 91  ? 3.663   3.062   -2.066  1.00 11.27 ? 94  ASN A OD1 1 
ATOM   738  N  ND2 . ASN A 1 91  ? 5.225   3.973   -0.747  1.00 8.89  ? 94  ASN A ND2 1 
ATOM   739  N  N   . ALA A 1 92  ? 6.332   1.687   -3.753  1.00 4.85  ? 95  ALA A N   1 
ATOM   740  C  CA  . ALA A 1 92  ? 6.005   0.351   -4.235  1.00 4.70  ? 95  ALA A CA  1 
ATOM   741  C  C   . ALA A 1 92  ? 5.390   -0.499  -3.115  1.00 3.99  ? 95  ALA A C   1 
ATOM   742  O  O   . ALA A 1 92  ? 5.829   -0.441  -1.964  1.00 3.91  ? 95  ALA A O   1 
ATOM   743  C  CB  . ALA A 1 92  ? 7.242   -0.329  -4.824  1.00 6.19  ? 95  ALA A CB  1 
ATOM   744  N  N   . GLN A 1 93  ? 4.381   -1.294  -3.457  1.00 2.81  ? 96  GLN A N   1 
ATOM   745  C  CA  . GLN A 1 93  ? 3.695   -2.171  -2.500  1.00 5.13  ? 96  GLN A CA  1 
ATOM   746  C  C   . GLN A 1 93  ? 3.733   -3.630  -2.979  1.00 7.50  ? 96  GLN A C   1 
ATOM   747  O  O   . GLN A 1 93  ? 3.469   -3.912  -4.144  1.00 7.89  ? 96  GLN A O   1 
ATOM   748  C  CB  . GLN A 1 93  ? 2.225   -1.762  -2.329  1.00 6.53  ? 96  GLN A CB  1 
ATOM   749  C  CG  . GLN A 1 93  ? 1.986   -0.295  -1.866  1.00 8.31  ? 96  GLN A CG  1 
ATOM   750  C  CD  . GLN A 1 93  ? 2.403   -0.014  -0.410  1.00 6.96  ? 96  GLN A CD  1 
ATOM   751  O  OE1 . GLN A 1 93  ? 2.136   -0.806  0.485   1.00 7.31  ? 96  GLN A OE1 1 
ATOM   752  N  NE2 . GLN A 1 93  ? 3.026   1.138   -0.179  1.00 2.26  ? 96  GLN A NE2 1 
ATOM   753  N  N   . LEU A 1 94  ? 4.027   -4.536  -2.055  1.00 7.18  ? 97  LEU A N   1 
ATOM   754  C  CA  . LEU A 1 94  ? 4.105   -5.964  -2.313  1.00 7.90  ? 97  LEU A CA  1 
ATOM   755  C  C   . LEU A 1 94  ? 2.790   -6.635  -1.877  1.00 8.81  ? 97  LEU A C   1 
ATOM   756  O  O   . LEU A 1 94  ? 2.369   -6.487  -0.721  1.00 10.01 ? 97  LEU A O   1 
ATOM   757  C  CB  . LEU A 1 94  ? 5.253   -6.562  -1.473  1.00 7.08  ? 97  LEU A CB  1 
ATOM   758  C  CG  . LEU A 1 94  ? 5.461   -8.084  -1.465  1.00 6.62  ? 97  LEU A CG  1 
ATOM   759  C  CD1 . LEU A 1 94  ? 5.769   -8.575  -2.863  1.00 3.83  ? 97  LEU A CD1 1 
ATOM   760  C  CD2 . LEU A 1 94  ? 6.624   -8.424  -0.537  1.00 7.02  ? 97  LEU A CD2 1 
ATOM   761  N  N   . LEU A 1 95  ? 2.171   -7.379  -2.790  1.00 7.73  ? 98  LEU A N   1 
ATOM   762  C  CA  . LEU A 1 95  ? 0.943   -8.124  -2.530  1.00 10.27 ? 98  LEU A CA  1 
ATOM   763  C  C   . LEU A 1 95  ? 1.381   -9.585  -2.426  1.00 9.97  ? 98  LEU A C   1 
ATOM   764  O  O   . LEU A 1 95  ? 1.956   -10.113 -3.368  1.00 10.70 ? 98  LEU A O   1 
ATOM   765  C  CB  . LEU A 1 95  ? -0.045  -7.944  -3.697  1.00 12.04 ? 98  LEU A CB  1 
ATOM   766  C  CG  . LEU A 1 95  ? -1.421  -7.296  -3.429  1.00 18.24 ? 98  LEU A CG  1 
ATOM   767  C  CD1 . LEU A 1 95  ? -2.324  -8.202  -2.593  1.00 17.72 ? 98  LEU A CD1 1 
ATOM   768  C  CD2 . LEU A 1 95  ? -1.234  -5.946  -2.735  1.00 17.98 ? 98  LEU A CD2 1 
ATOM   769  N  N   . THR A 1 96  ? 1.080   -10.232 -1.302  1.00 9.63  ? 99  THR A N   1 
ATOM   770  C  CA  . THR A 1 96  ? 1.492   -11.612 -1.079  1.00 10.27 ? 99  THR A CA  1 
ATOM   771  C  C   . THR A 1 96  ? 0.368   -12.482 -0.502  1.00 10.68 ? 99  THR A C   1 
ATOM   772  O  O   . THR A 1 96  ? -0.495  -12.007 0.249   1.00 11.19 ? 99  THR A O   1 
ATOM   773  C  CB  . THR A 1 96  ? 2.690   -11.632 -0.106  1.00 10.03 ? 99  THR A CB  1 
ATOM   774  O  OG1 . THR A 1 96  ? 3.145   -12.965 0.093   1.00 11.40 ? 99  THR A OG1 1 
ATOM   775  C  CG2 . THR A 1 96  ? 2.276   -11.069 1.273   1.00 14.55 ? 99  THR A CG2 1 
ATOM   776  N  N   . ALA A 1 97  ? 0.411   -13.775 -0.807  1.00 9.90  ? 100 ALA A N   1 
ATOM   777  C  CA  . ALA A 1 97  ? -0.594  -14.713 -0.302  1.00 12.04 ? 100 ALA A CA  1 
ATOM   778  C  C   . ALA A 1 97  ? -0.114  -15.384 1.002   1.00 14.38 ? 100 ALA A C   1 
ATOM   779  O  O   . ALA A 1 97  ? -0.827  -16.185 1.611   1.00 16.35 ? 100 ALA A O   1 
ATOM   780  C  CB  . ALA A 1 97  ? -0.932  -15.762 -1.361  1.00 9.17  ? 100 ALA A CB  1 
ATOM   781  N  N   . THR A 1 98  ? 1.081   -15.015 1.452   1.00 14.82 ? 101 THR A N   1 
ATOM   782  C  CA  . THR A 1 98  ? 1.665   -15.567 2.669   1.00 15.52 ? 101 THR A CA  1 
ATOM   783  C  C   . THR A 1 98  ? 0.923   -15.143 3.930   1.00 18.07 ? 101 THR A C   1 
ATOM   784  O  O   . THR A 1 98  ? 0.568   -13.971 4.087   1.00 19.28 ? 101 THR A O   1 
ATOM   785  C  CB  . THR A 1 98  ? 3.128   -15.089 2.861   1.00 15.60 ? 101 THR A CB  1 
ATOM   786  O  OG1 . THR A 1 98  ? 3.920   -15.407 1.702   1.00 17.58 ? 101 THR A OG1 1 
ATOM   787  C  CG2 . THR A 1 98  ? 3.748   -15.756 4.115   1.00 20.15 ? 101 THR A CG2 1 
ATOM   788  N  N   . ASP A 1 99  ? 0.727   -16.074 4.851   1.00 16.82 ? 102 ASP A N   1 
ATOM   789  C  CA  . ASP A 1 99  ? 0.101   -15.699 6.096   1.00 20.00 ? 102 ASP A CA  1 
ATOM   790  C  C   . ASP A 1 99  ? 1.247   -15.379 7.064   1.00 19.78 ? 102 ASP A C   1 
ATOM   791  O  O   . ASP A 1 99  ? 2.019   -16.266 7.454   1.00 21.25 ? 102 ASP A O   1 
ATOM   792  C  CB  . ASP A 1 99  ? -0.786  -16.814 6.646   1.00 24.81 ? 102 ASP A CB  1 
ATOM   793  C  CG  . ASP A 1 99  ? -1.445  -16.422 7.960   1.00 29.29 ? 102 ASP A CG  1 
ATOM   794  O  OD1 . ASP A 1 99  ? -2.102  -15.352 8.001   1.00 30.56 ? 102 ASP A OD1 1 
ATOM   795  O  OD2 . ASP A 1 99  ? -1.300  -17.178 8.953   1.00 33.07 ? 102 ASP A OD2 1 
ATOM   796  N  N   . PHE A 1 100 ? 1.433   -14.087 7.336   1.00 21.31 ? 103 PHE A N   1 
ATOM   797  C  CA  . PHE A 1 100 ? 2.479   -13.599 8.243   1.00 16.64 ? 103 PHE A CA  1 
ATOM   798  C  C   . PHE A 1 100 ? 2.186   -14.073 9.646   1.00 18.73 ? 103 PHE A C   1 
ATOM   799  O  O   . PHE A 1 100 ? 1.026   -14.129 10.041  1.00 18.92 ? 103 PHE A O   1 
ATOM   800  C  CB  . PHE A 1 100 ? 2.504   -12.081 8.217   1.00 17.81 ? 103 PHE A CB  1 
ATOM   801  C  CG  . PHE A 1 100 ? 2.959   -11.511 6.920   1.00 18.01 ? 103 PHE A CG  1 
ATOM   802  C  CD1 . PHE A 1 100 ? 4.164   -11.933 6.344   1.00 19.29 ? 103 PHE A CD1 1 
ATOM   803  C  CD2 . PHE A 1 100 ? 2.210   -10.525 6.285   1.00 18.82 ? 103 PHE A CD2 1 
ATOM   804  C  CE1 . PHE A 1 100 ? 4.614   -11.368 5.152   1.00 20.69 ? 103 PHE A CE1 1 
ATOM   805  C  CE2 . PHE A 1 100 ? 2.641   -9.958  5.105   1.00 20.50 ? 103 PHE A CE2 1 
ATOM   806  C  CZ  . PHE A 1 100 ? 3.848   -10.375 4.532   1.00 22.68 ? 103 PHE A CZ  1 
ATOM   807  N  N   . ASP A 1 101 ? 3.215   -14.418 10.414  1.00 20.40 ? 104 ASP A N   1 
ATOM   808  C  CA  . ASP A 1 101 ? 2.947   -14.885 11.763  1.00 22.86 ? 104 ASP A CA  1 
ATOM   809  C  C   . ASP A 1 101 ? 2.550   -13.725 12.697  1.00 23.93 ? 104 ASP A C   1 
ATOM   810  O  O   . ASP A 1 101 ? 2.842   -12.563 12.429  1.00 24.60 ? 104 ASP A O   1 
ATOM   811  C  CB  . ASP A 1 101 ? 4.059   -15.830 12.301  1.00 22.61 ? 104 ASP A CB  1 
ATOM   812  C  CG  . ASP A 1 101 ? 5.381   -15.150 12.485  1.00 20.74 ? 104 ASP A CG  1 
ATOM   813  O  OD1 . ASP A 1 101 ? 5.408   -14.045 13.058  1.00 24.76 ? 104 ASP A OD1 1 
ATOM   814  O  OD2 . ASP A 1 101 ? 6.406   -15.730 12.076  1.00 20.87 ? 104 ASP A OD2 1 
ATOM   815  N  N   . GLY A 1 102 ? 1.761   -14.039 13.716  1.00 24.50 ? 105 GLY A N   1 
ATOM   816  C  CA  . GLY A 1 102 ? 1.272   -13.028 14.630  1.00 27.10 ? 105 GLY A CA  1 
ATOM   817  C  C   . GLY A 1 102 ? -0.026  -12.557 14.021  1.00 27.90 ? 105 GLY A C   1 
ATOM   818  O  O   . GLY A 1 102 ? -0.539  -13.203 13.113  1.00 27.14 ? 105 GLY A O   1 
ATOM   819  N  N   . ALA A 1 103 ? -0.583  -11.454 14.498  1.00 29.87 ? 106 ALA A N   1 
ATOM   820  C  CA  . ALA A 1 103 ? -1.820  -10.960 13.884  1.00 30.60 ? 106 ALA A CA  1 
ATOM   821  C  C   . ALA A 1 103 ? -1.476  -9.913  12.805  1.00 28.22 ? 106 ALA A C   1 
ATOM   822  O  O   . ALA A 1 103 ? -2.040  -8.818  12.798  1.00 32.50 ? 106 ALA A O   1 
ATOM   823  C  CB  . ALA A 1 103 ? -2.741  -10.360 14.955  1.00 29.11 ? 106 ALA A CB  1 
ATOM   824  N  N   . THR A 1 104 ? -0.565  -10.246 11.889  1.00 26.66 ? 107 THR A N   1 
ATOM   825  C  CA  . THR A 1 104 ? -0.137  -9.287  10.859  1.00 22.16 ? 107 THR A CA  1 
ATOM   826  C  C   . THR A 1 104 ? -0.626  -9.496  9.431   1.00 19.41 ? 107 THR A C   1 
ATOM   827  O  O   . THR A 1 104 ? -0.275  -10.475 8.769   1.00 18.66 ? 107 THR A O   1 
ATOM   828  C  CB  . THR A 1 104 ? 1.405   -9.180  10.804  1.00 21.42 ? 107 THR A CB  1 
ATOM   829  O  OG1 . THR A 1 104 ? 1.912   -9.042  12.134  1.00 24.43 ? 107 THR A OG1 1 
ATOM   830  C  CG2 . THR A 1 104 ? 1.825   -7.957  9.998   1.00 17.81 ? 107 THR A CG2 1 
ATOM   831  N  N   . ILE A 1 105 ? -1.374  -8.525  8.926   1.00 14.57 ? 108 ILE A N   1 
ATOM   832  C  CA  . ILE A 1 105 ? -1.863  -8.618  7.559   1.00 11.79 ? 108 ILE A CA  1 
ATOM   833  C  C   . ILE A 1 105 ? -1.243  -7.537  6.668   1.00 9.70  ? 108 ILE A C   1 
ATOM   834  O  O   . ILE A 1 105 ? -1.454  -7.531  5.461   1.00 8.53  ? 108 ILE A O   1 
ATOM   835  C  CB  . ILE A 1 105 ? -3.402  -8.540  7.481   1.00 12.10 ? 108 ILE A CB  1 
ATOM   836  C  CG1 . ILE A 1 105 ? -3.910  -7.226  8.067   1.00 14.67 ? 108 ILE A CG1 1 
ATOM   837  C  CG2 . ILE A 1 105 ? -4.019  -9.721  8.196   1.00 15.74 ? 108 ILE A CG2 1 
ATOM   838  C  CD1 . ILE A 1 105 ? -5.375  -7.019  7.871   1.00 15.99 ? 108 ILE A CD1 1 
ATOM   839  N  N   . GLY A 1 106 ? -0.462  -6.642  7.259   1.00 9.53  ? 109 GLY A N   1 
ATOM   840  C  CA  . GLY A 1 106 ? 0.170   -5.581  6.494   1.00 9.47  ? 109 GLY A CA  1 
ATOM   841  C  C   . GLY A 1 106 ? 1.236   -4.876  7.312   1.00 9.63  ? 109 GLY A C   1 
ATOM   842  O  O   . GLY A 1 106 ? 1.166   -4.872  8.542   1.00 7.97  ? 109 GLY A O   1 
ATOM   843  N  N   . LEU A 1 107 ? 2.232   -4.299  6.647   1.00 9.94  ? 110 LEU A N   1 
ATOM   844  C  CA  . LEU A 1 107 ? 3.304   -3.606  7.357   1.00 10.52 ? 110 LEU A CA  1 
ATOM   845  C  C   . LEU A 1 107 ? 3.965   -2.577  6.437   1.00 9.35  ? 110 LEU A C   1 
ATOM   846  O  O   . LEU A 1 107 ? 4.153   -2.845  5.243   1.00 8.80  ? 110 LEU A O   1 
ATOM   847  C  CB  . LEU A 1 107 ? 4.360   -4.637  7.811   1.00 15.19 ? 110 LEU A CB  1 
ATOM   848  C  CG  . LEU A 1 107 ? 5.408   -4.244  8.868   1.00 19.17 ? 110 LEU A CG  1 
ATOM   849  C  CD1 . LEU A 1 107 ? 4.759   -3.904  10.194  1.00 19.15 ? 110 LEU A CD1 1 
ATOM   850  C  CD2 . LEU A 1 107 ? 6.344   -5.397  9.090   1.00 20.48 ? 110 LEU A CD2 1 
ATOM   851  N  N   . ALA A 1 108 ? 4.358   -1.430  6.991   1.00 8.87  ? 111 ALA A N   1 
ATOM   852  C  CA  . ALA A 1 108 ? 5.014   -0.395  6.196   1.00 9.95  ? 111 ALA A CA  1 
ATOM   853  C  C   . ALA A 1 108 ? 5.932   0.474   7.053   1.00 9.92  ? 111 ALA A C   1 
ATOM   854  O  O   . ALA A 1 108 ? 5.771   0.525   8.283   1.00 10.24 ? 111 ALA A O   1 
ATOM   855  C  CB  . ALA A 1 108 ? 3.948   0.493   5.511   1.00 11.78 ? 111 ALA A CB  1 
ATOM   856  N  N   . TYR A 1 109 ? 6.892   1.138   6.403   1.00 6.55  ? 112 TYR A N   1 
ATOM   857  C  CA  . TYR A 1 109 ? 7.787   2.085   7.066   1.00 8.43  ? 112 TYR A CA  1 
ATOM   858  C  C   . TYR A 1 109 ? 6.953   3.367   7.308   1.00 9.07  ? 112 TYR A C   1 
ATOM   859  O  O   . TYR A 1 109 ? 6.059   3.674   6.543   1.00 10.47 ? 112 TYR A O   1 
ATOM   860  C  CB  . TYR A 1 109 ? 8.975   2.424   6.148   1.00 11.06 ? 112 TYR A CB  1 
ATOM   861  C  CG  . TYR A 1 109 ? 10.010  1.328   6.018   1.00 12.95 ? 112 TYR A CG  1 
ATOM   862  C  CD1 . TYR A 1 109 ? 10.952  1.109   7.022   1.00 16.74 ? 112 TYR A CD1 1 
ATOM   863  C  CD2 . TYR A 1 109 ? 10.046  0.503   4.891   1.00 15.12 ? 112 TYR A CD2 1 
ATOM   864  C  CE1 . TYR A 1 109 ? 11.904  0.090   6.905   1.00 19.03 ? 112 TYR A CE1 1 
ATOM   865  C  CE2 . TYR A 1 109 ? 10.995  -0.518  4.764   1.00 15.29 ? 112 TYR A CE2 1 
ATOM   866  C  CZ  . TYR A 1 109 ? 11.915  -0.720  5.770   1.00 18.26 ? 112 TYR A CZ  1 
ATOM   867  O  OH  . TYR A 1 109 ? 12.819  -1.754  5.674   1.00 17.86 ? 112 TYR A OH  1 
ATOM   868  N  N   . VAL A 1 110 ? 7.245   4.132   8.348   1.00 8.20  ? 113 VAL A N   1 
ATOM   869  C  CA  . VAL A 1 110 ? 6.470   5.334   8.616   1.00 8.59  ? 113 VAL A CA  1 
ATOM   870  C  C   . VAL A 1 110 ? 7.179   6.616   8.154   1.00 9.41  ? 113 VAL A C   1 
ATOM   871  O  O   . VAL A 1 110 ? 8.361   6.796   8.427   1.00 9.53  ? 113 VAL A O   1 
ATOM   872  C  CB  . VAL A 1 110 ? 6.124   5.486   10.133  1.00 9.44  ? 113 VAL A CB  1 
ATOM   873  C  CG1 . VAL A 1 110 ? 5.165   6.664   10.340  1.00 10.31 ? 113 VAL A CG1 1 
ATOM   874  C  CG2 . VAL A 1 110 ? 5.446   4.227   10.688  1.00 12.30 ? 113 VAL A CG2 1 
ATOM   875  N  N   . ALA A 1 111 ? 6.453   7.489   7.441   1.00 9.09  ? 114 ALA A N   1 
ATOM   876  C  CA  . ALA A 1 111 ? 6.997   8.767   6.976   1.00 9.82  ? 114 ALA A CA  1 
ATOM   877  C  C   . ALA A 1 111 ? 8.277   8.534   6.175   1.00 11.11 ? 114 ALA A C   1 
ATOM   878  O  O   . ALA A 1 111 ? 9.340   8.996   6.545   1.00 12.64 ? 114 ALA A O   1 
ATOM   879  C  CB  . ALA A 1 111 ? 7.265   9.654   8.187   1.00 10.55 ? 114 ALA A CB  1 
ATOM   880  N  N   . SER A 1 112 ? 8.160   7.865   5.037   1.00 10.78 ? 115 SER A N   1 
ATOM   881  C  CA  . SER A 1 112 ? 9.330   7.486   4.247   1.00 9.60  ? 115 SER A CA  1 
ATOM   882  C  C   . SER A 1 112 ? 9.170   7.702   2.736   1.00 9.77  ? 115 SER A C   1 
ATOM   883  O  O   . SER A 1 112 ? 9.887   7.100   1.930   1.00 6.64  ? 115 SER A O   1 
ATOM   884  C  CB  . SER A 1 112 ? 9.577   5.994   4.469   1.00 12.29 ? 115 SER A CB  1 
ATOM   885  O  OG  . SER A 1 112 ? 8.427   5.257   4.051   1.00 12.83 ? 115 SER A OG  1 
ATOM   886  N  N   . MET A 1 113 ? 8.262   8.595   2.361   1.00 9.39  ? 116 MET A N   1 
ATOM   887  C  CA  . MET A 1 113 ? 7.989   8.885   0.960   1.00 10.55 ? 116 MET A CA  1 
ATOM   888  C  C   . MET A 1 113 ? 9.265   9.306   0.219   1.00 10.30 ? 116 MET A C   1 
ATOM   889  O  O   . MET A 1 113 ? 10.054  10.078  0.752   1.00 8.67  ? 116 MET A O   1 
ATOM   890  C  CB  . MET A 1 113 ? 6.876   9.947   0.863   1.00 10.95 ? 116 MET A CB  1 
ATOM   891  C  CG  . MET A 1 113 ? 6.340   10.205  -0.561  1.00 12.38 ? 116 MET A CG  1 
ATOM   892  S  SD  . MET A 1 113 ? 5.779   8.691   -1.375  1.00 16.63 ? 116 MET A SD  1 
ATOM   893  C  CE  . MET A 1 113 ? 4.869   7.895   -0.072  1.00 8.46  ? 116 MET A CE  1 
ATOM   894  N  N   . CYS A 1 114 ? 9.482   8.721   -0.961  1.00 7.88  ? 117 CYS A N   1 
ATOM   895  C  CA  . CYS A 1 114 ? 10.658  8.996   -1.802  1.00 9.91  ? 117 CYS A CA  1 
ATOM   896  C  C   . CYS A 1 114 ? 11.965  8.279   -1.435  1.00 10.55 ? 117 CYS A C   1 
ATOM   897  O  O   . CYS A 1 114 ? 12.878  8.231   -2.236  1.00 14.24 ? 117 CYS A O   1 
ATOM   898  C  CB  . CYS A 1 114 ? 10.943  10.489  -1.931  1.00 12.33 ? 117 CYS A CB  1 
ATOM   899  S  SG  . CYS A 1 114 ? 9.495   11.503  -2.337  1.00 13.68 ? 117 CYS A SG  1 
ATOM   900  N  N   . ASN A 1 115 ? 12.056  7.706   -0.247  1.00 7.75  ? 118 ASN A N   1 
ATOM   901  C  CA  . ASN A 1 115 ? 13.262  6.997   0.156   1.00 9.63  ? 118 ASN A CA  1 
ATOM   902  C  C   . ASN A 1 115 ? 13.381  5.709   -0.694  1.00 8.20  ? 118 ASN A C   1 
ATOM   903  O  O   . ASN A 1 115 ? 12.451  4.893   -0.734  1.00 8.21  ? 118 ASN A O   1 
ATOM   904  C  CB  . ASN A 1 115 ? 13.146  6.668   1.648   1.00 8.74  ? 118 ASN A CB  1 
ATOM   905  C  CG  . ASN A 1 115 ? 14.358  5.954   2.187   1.00 9.90  ? 118 ASN A CG  1 
ATOM   906  O  OD1 . ASN A 1 115 ? 14.921  5.083   1.547   1.00 8.19  ? 118 ASN A OD1 1 
ATOM   907  N  ND2 . ASN A 1 115 ? 14.758  6.312   3.378   1.00 7.42  ? 118 ASN A ND2 1 
ATOM   908  N  N   . PRO A 1 116 ? 14.510  5.531   -1.424  1.00 8.74  ? 119 PRO A N   1 
ATOM   909  C  CA  . PRO A 1 116 ? 14.729  4.342   -2.271  1.00 7.94  ? 119 PRO A CA  1 
ATOM   910  C  C   . PRO A 1 116 ? 14.388  2.986   -1.643  1.00 8.03  ? 119 PRO A C   1 
ATOM   911  O  O   . PRO A 1 116 ? 13.602  2.214   -2.209  1.00 5.66  ? 119 PRO A O   1 
ATOM   912  C  CB  . PRO A 1 116 ? 16.203  4.451   -2.640  1.00 7.11  ? 119 PRO A CB  1 
ATOM   913  C  CG  . PRO A 1 116 ? 16.385  5.955   -2.781  1.00 8.84  ? 119 PRO A CG  1 
ATOM   914  C  CD  . PRO A 1 116 ? 15.614  6.502   -1.581  1.00 8.10  ? 119 PRO A CD  1 
ATOM   915  N  N   . LYS A 1 117 ? 14.950  2.706   -0.473  1.00 4.42  ? 120 LYS A N   1 
ATOM   916  C  CA  . LYS A 1 117 ? 14.684  1.435   0.193   1.00 10.14 ? 120 LYS A CA  1 
ATOM   917  C  C   . LYS A 1 117 ? 13.566  1.452   1.251   1.00 8.81  ? 120 LYS A C   1 
ATOM   918  O  O   . LYS A 1 117 ? 13.238  0.401   1.815   1.00 14.15 ? 120 LYS A O   1 
ATOM   919  C  CB  . LYS A 1 117 ? 15.982  0.845   0.788   1.00 10.15 ? 120 LYS A CB  1 
ATOM   920  C  CG  . LYS A 1 117 ? 16.495  1.597   2.024   1.00 15.59 ? 120 LYS A CG  1 
ATOM   921  C  CD  . LYS A 1 117 ? 17.869  1.129   2.502   1.00 17.73 ? 120 LYS A CD  1 
ATOM   922  C  CE  . LYS A 1 117 ? 18.367  1.984   3.674   1.00 18.30 ? 120 LYS A CE  1 
ATOM   923  N  NZ  . LYS A 1 117 ? 19.455  1.342   4.467   1.00 20.82 ? 120 LYS A NZ  1 
ATOM   924  N  N   . ARG A 1 118 ? 12.952  2.604   1.513   1.00 7.97  ? 121 ARG A N   1 
ATOM   925  C  CA  . ARG A 1 118 ? 11.895  2.667   2.537   1.00 10.51 ? 121 ARG A CA  1 
ATOM   926  C  C   . ARG A 1 118 ? 10.466  3.118   2.149   1.00 11.83 ? 121 ARG A C   1 
ATOM   927  O  O   . ARG A 1 118 ? 9.528   2.983   2.949   1.00 14.17 ? 121 ARG A O   1 
ATOM   928  C  CB  . ARG A 1 118 ? 12.380  3.469   3.740   1.00 8.59  ? 121 ARG A CB  1 
ATOM   929  C  CG  . ARG A 1 118 ? 13.576  2.826   4.452   1.00 11.69 ? 121 ARG A CG  1 
ATOM   930  C  CD  . ARG A 1 118 ? 14.020  3.677   5.632   1.00 15.54 ? 121 ARG A CD  1 
ATOM   931  N  NE  . ARG A 1 118 ? 15.271  3.199   6.223   1.00 19.80 ? 121 ARG A NE  1 
ATOM   932  C  CZ  . ARG A 1 118 ? 16.462  3.773   6.020   1.00 19.70 ? 121 ARG A CZ  1 
ATOM   933  N  NH1 . ARG A 1 118 ? 16.562  4.850   5.238   1.00 13.75 ? 121 ARG A NH1 1 
ATOM   934  N  NH2 . ARG A 1 118 ? 17.553  3.286   6.625   1.00 20.31 ? 121 ARG A NH2 1 
ATOM   935  N  N   . SER A 1 119 ? 10.298  3.641   0.939   1.00 9.89  ? 122 SER A N   1 
ATOM   936  C  CA  . SER A 1 119 ? 8.982   4.080   0.447   1.00 7.23  ? 122 SER A CA  1 
ATOM   937  C  C   . SER A 1 119 ? 8.287   2.806   -0.071  1.00 7.31  ? 122 SER A C   1 
ATOM   938  O  O   . SER A 1 119 ? 8.048   2.656   -1.263  1.00 8.20  ? 122 SER A O   1 
ATOM   939  C  CB  . SER A 1 119 ? 9.195   5.088   -0.684  1.00 4.37  ? 122 SER A CB  1 
ATOM   940  O  OG  . SER A 1 119 ? 8.020   5.792   -1.016  1.00 9.17  ? 122 SER A OG  1 
ATOM   941  N  N   . VAL A 1 120 ? 8.032   1.861   0.831   1.00 7.22  ? 123 VAL A N   1 
ATOM   942  C  CA  . VAL A 1 120 ? 7.403   0.585   0.473   1.00 9.27  ? 123 VAL A CA  1 
ATOM   943  C  C   . VAL A 1 120 ? 6.514   0.030   1.601   1.00 8.87  ? 123 VAL A C   1 
ATOM   944  O  O   . VAL A 1 120 ? 6.652   0.393   2.781   1.00 9.69  ? 123 VAL A O   1 
ATOM   945  C  CB  . VAL A 1 120 ? 8.473   -0.537  0.134   1.00 9.44  ? 123 VAL A CB  1 
ATOM   946  C  CG1 . VAL A 1 120 ? 9.236   -0.213  -1.148  1.00 10.79 ? 123 VAL A CG1 1 
ATOM   947  C  CG2 . VAL A 1 120 ? 9.455   -0.728  1.312   1.00 9.32  ? 123 VAL A CG2 1 
ATOM   948  N  N   . GLY A 1 121 ? 5.673   -0.927  1.236   1.00 7.82  ? 124 GLY A N   1 
ATOM   949  C  CA  . GLY A 1 121 ? 4.790   -1.533  2.207   1.00 7.29  ? 124 GLY A CA  1 
ATOM   950  C  C   . GLY A 1 121 ? 4.535   -2.963  1.781   1.00 8.54  ? 124 GLY A C   1 
ATOM   951  O  O   . GLY A 1 121 ? 4.824   -3.358  0.636   1.00 6.25  ? 124 GLY A O   1 
ATOM   952  N  N   . VAL A 1 122 ? 3.972   -3.738  2.695   1.00 7.58  ? 125 VAL A N   1 
ATOM   953  C  CA  . VAL A 1 122 ? 3.693   -5.135  2.450   1.00 9.52  ? 125 VAL A CA  1 
ATOM   954  C  C   . VAL A 1 122 ? 2.252   -5.418  2.898   1.00 8.98  ? 125 VAL A C   1 
ATOM   955  O  O   . VAL A 1 122 ? 1.829   -4.950  3.954   1.00 8.47  ? 125 VAL A O   1 
ATOM   956  C  CB  . VAL A 1 122 ? 4.740   -5.956  3.249   1.00 13.48 ? 125 VAL A CB  1 
ATOM   957  C  CG1 . VAL A 1 122 ? 4.232   -7.290  3.633   1.00 17.71 ? 125 VAL A CG1 1 
ATOM   958  C  CG2 . VAL A 1 122 ? 6.037   -6.081  2.419   1.00 12.80 ? 125 VAL A CG2 1 
ATOM   959  N  N   . ILE A 1 123 ? 1.470   -6.082  2.046   1.00 10.54 ? 126 ILE A N   1 
ATOM   960  C  CA  . ILE A 1 123 ? 0.074   -6.434  2.390   1.00 10.62 ? 126 ILE A CA  1 
ATOM   961  C  C   . ILE A 1 123 ? -0.324  -7.864  1.999   1.00 11.00 ? 126 ILE A C   1 
ATOM   962  O  O   . ILE A 1 123 ? 0.029   -8.365  0.924   1.00 9.32  ? 126 ILE A O   1 
ATOM   963  C  CB  . ILE A 1 123 ? -0.988  -5.411  1.846   1.00 12.65 ? 126 ILE A CB  1 
ATOM   964  C  CG1 . ILE A 1 123 ? -2.172  -6.129  1.215   1.00 13.76 ? 126 ILE A CG1 1 
ATOM   965  C  CG2 . ILE A 1 123 ? -0.397  -4.435  0.872   1.00 13.29 ? 126 ILE A CG2 1 
ATOM   966  C  CD1 . ILE A 1 123 ? -3.251  -5.221  0.829   1.00 20.35 ? 126 ILE A CD1 1 
ATOM   967  N  N   . GLN A 1 124 ? -1.009  -8.541  2.906   1.00 10.60 ? 127 GLN A N   1 
ATOM   968  C  CA  . GLN A 1 124 ? -1.483  -9.900  2.649   1.00 12.79 ? 127 GLN A CA  1 
ATOM   969  C  C   . GLN A 1 124 ? -2.852  -9.823  1.938   1.00 10.72 ? 127 GLN A C   1 
ATOM   970  O  O   . GLN A 1 124 ? -3.698  -9.013  2.322   1.00 12.51 ? 127 GLN A O   1 
ATOM   971  C  CB  . GLN A 1 124 ? -1.602  -10.659 3.982   1.00 11.20 ? 127 GLN A CB  1 
ATOM   972  C  CG  . GLN A 1 124 ? -2.043  -12.128 3.906   1.00 16.32 ? 127 GLN A CG  1 
ATOM   973  C  CD  . GLN A 1 124 ? -2.115  -12.775 5.301   1.00 19.71 ? 127 GLN A CD  1 
ATOM   974  O  OE1 . GLN A 1 124 ? -1.491  -12.298 6.254   1.00 23.47 ? 127 GLN A OE1 1 
ATOM   975  N  NE2 . GLN A 1 124 ? -2.866  -13.855 5.418   1.00 21.26 ? 127 GLN A NE2 1 
ATOM   976  N  N   . ASP A 1 125 ? -3.017  -10.603 0.870   1.00 11.09 ? 128 ASP A N   1 
ATOM   977  C  CA  . ASP A 1 125 ? -4.261  -10.708 0.083   1.00 11.51 ? 128 ASP A CA  1 
ATOM   978  C  C   . ASP A 1 125 ? -5.175  -11.510 0.999   1.00 12.68 ? 128 ASP A C   1 
ATOM   979  O  O   . ASP A 1 125 ? -5.538  -12.649 0.704   1.00 13.61 ? 128 ASP A O   1 
ATOM   980  C  CB  . ASP A 1 125 ? -3.959  -11.521 -1.184  1.00 12.04 ? 128 ASP A CB  1 
ATOM   981  C  CG  . ASP A 1 125 ? -5.042  -11.402 -2.240  1.00 17.60 ? 128 ASP A CG  1 
ATOM   982  O  OD1 . ASP A 1 125 ? -5.600  -10.300 -2.394  1.00 18.90 ? 128 ASP A OD1 1 
ATOM   983  O  OD2 . ASP A 1 125 ? -5.337  -12.399 -2.935  1.00 17.50 ? 128 ASP A OD2 1 
ATOM   984  N  N   . HIS A 1 126 ? -5.536  -10.906 2.127   1.00 12.89 ? 129 HIS A N   1 
ATOM   985  C  CA  . HIS A 1 126 ? -6.283  -11.593 3.165   1.00 13.12 ? 129 HIS A CA  1 
ATOM   986  C  C   . HIS A 1 126 ? -7.764  -11.895 3.036   1.00 15.39 ? 129 HIS A C   1 
ATOM   987  O  O   . HIS A 1 126 ? -8.328  -12.593 3.892   1.00 16.88 ? 129 HIS A O   1 
ATOM   988  C  CB  . HIS A 1 126 ? -6.026  -10.904 4.512   1.00 13.00 ? 129 HIS A CB  1 
ATOM   989  C  CG  . HIS A 1 126 ? -6.469  -9.476  4.563   1.00 13.21 ? 129 HIS A CG  1 
ATOM   990  N  ND1 . HIS A 1 126 ? -7.678  -9.089  5.098   1.00 13.38 ? 129 HIS A ND1 1 
ATOM   991  C  CD2 . HIS A 1 126 ? -5.853  -8.338  4.169   1.00 12.08 ? 129 HIS A CD2 1 
ATOM   992  C  CE1 . HIS A 1 126 ? -7.791  -7.774  5.032   1.00 10.83 ? 129 HIS A CE1 1 
ATOM   993  N  NE2 . HIS A 1 126 ? -6.697  -7.297  4.471   1.00 12.22 ? 129 HIS A NE2 1 
ATOM   994  N  N   . SER A 1 127 ? -8.414  -11.388 2.004   1.00 14.99 ? 130 SER A N   1 
ATOM   995  C  CA  . SER A 1 127 ? -9.842  -11.614 1.908   1.00 16.09 ? 130 SER A CA  1 
ATOM   996  C  C   . SER A 1 127 ? -10.307 -11.781 0.497   1.00 16.81 ? 130 SER A C   1 
ATOM   997  O  O   . SER A 1 127 ? -9.594  -11.450 -0.455  1.00 16.58 ? 130 SER A O   1 
ATOM   998  C  CB  . SER A 1 127 ? -10.596 -10.450 2.551   1.00 15.41 ? 130 SER A CB  1 
ATOM   999  O  OG  . SER A 1 127 ? -12.003 -10.582 2.385   1.00 18.62 ? 130 SER A OG  1 
ATOM   1000 N  N   . SER A 1 128 ? -11.497 -12.370 0.386   1.00 17.14 ? 131 SER A N   1 
ATOM   1001 C  CA  . SER A 1 128 ? -12.147 -12.597 -0.894  1.00 15.74 ? 131 SER A CA  1 
ATOM   1002 C  C   . SER A 1 128 ? -12.927 -11.338 -1.278  1.00 14.83 ? 131 SER A C   1 
ATOM   1003 O  O   . SER A 1 128 ? -13.355 -11.204 -2.414  1.00 17.91 ? 131 SER A O   1 
ATOM   1004 C  CB  . SER A 1 128 ? -13.097 -13.789 -0.782  1.00 17.32 ? 131 SER A CB  1 
ATOM   1005 O  OG  . SER A 1 128 ? -13.884 -13.661 0.391   1.00 20.53 ? 131 SER A OG  1 
ATOM   1006 N  N   . VAL A 1 129 ? -13.155 -10.445 -0.314  1.00 13.01 ? 132 VAL A N   1 
ATOM   1007 C  CA  . VAL A 1 129 ? -13.875 -9.203  -0.578  1.00 13.94 ? 132 VAL A CA  1 
ATOM   1008 C  C   . VAL A 1 129 ? -12.784 -8.225  -1.004  1.00 13.96 ? 132 VAL A C   1 
ATOM   1009 O  O   . VAL A 1 129 ? -11.938 -7.829  -0.180  1.00 12.89 ? 132 VAL A O   1 
ATOM   1010 C  CB  . VAL A 1 129 ? -14.555 -8.647  0.699   1.00 15.88 ? 132 VAL A CB  1 
ATOM   1011 C  CG1 . VAL A 1 129 ? -15.410 -7.454  0.354   1.00 18.24 ? 132 VAL A CG1 1 
ATOM   1012 C  CG2 . VAL A 1 129 ? -15.386 -9.717  1.371   1.00 18.74 ? 132 VAL A CG2 1 
ATOM   1013 N  N   . ASN A 1 130 ? -12.805 -7.825  -2.275  1.00 12.98 ? 133 ASN A N   1 
ATOM   1014 C  CA  . ASN A 1 130 ? -11.795 -6.909  -2.822  1.00 11.99 ? 133 ASN A CA  1 
ATOM   1015 C  C   . ASN A 1 130 ? -11.633 -5.623  -2.011  1.00 13.81 ? 133 ASN A C   1 
ATOM   1016 O  O   . ASN A 1 130 ? -10.506 -5.209  -1.706  1.00 12.04 ? 133 ASN A O   1 
ATOM   1017 C  CB  . ASN A 1 130 ? -12.100 -6.580  -4.296  1.00 10.22 ? 133 ASN A CB  1 
ATOM   1018 C  CG  . ASN A 1 130 ? -10.956 -5.832  -4.995  1.00 11.86 ? 133 ASN A CG  1 
ATOM   1019 O  OD1 . ASN A 1 130 ? -10.876 -4.627  -4.883  1.00 11.48 ? 133 ASN A OD1 1 
ATOM   1020 N  ND2 . ASN A 1 130 ? -10.105 -6.543  -5.755  1.00 6.43  ? 133 ASN A ND2 1 
ATOM   1021 N  N   . ARG A 1 131 ? -12.754 -5.062  -1.561  1.00 11.02 ? 134 ARG A N   1 
ATOM   1022 C  CA  . ARG A 1 131 ? -12.737 -3.815  -0.801  1.00 12.86 ? 134 ARG A CA  1 
ATOM   1023 C  C   . ARG A 1 131 ? -11.855 -3.837  0.454   1.00 13.35 ? 134 ARG A C   1 
ATOM   1024 O  O   . ARG A 1 131 ? -11.144 -2.869  0.728   1.00 10.30 ? 134 ARG A O   1 
ATOM   1025 C  CB  . ARG A 1 131 ? -14.163 -3.394  -0.432  1.00 17.01 ? 134 ARG A CB  1 
ATOM   1026 C  CG  . ARG A 1 131 ? -14.262 -2.097  0.410   1.00 21.36 ? 134 ARG A CG  1 
ATOM   1027 C  CD  . ARG A 1 131 ? -15.705 -1.769  0.733   1.00 26.61 ? 134 ARG A CD  1 
ATOM   1028 N  NE  . ARG A 1 131 ? -16.495 -2.931  1.162   1.00 29.97 ? 134 ARG A NE  1 
ATOM   1029 C  CZ  . ARG A 1 131 ? -16.718 -3.284  2.432   1.00 30.79 ? 134 ARG A CZ  1 
ATOM   1030 N  NH1 . ARG A 1 131 ? -16.203 -2.573  3.437   1.00 32.12 ? 134 ARG A NH1 1 
ATOM   1031 N  NH2 . ARG A 1 131 ? -17.481 -4.344  2.702   1.00 32.66 ? 134 ARG A NH2 1 
ATOM   1032 N  N   . LEU A 1 132 ? -11.908 -4.939  1.202   1.00 12.70 ? 135 LEU A N   1 
ATOM   1033 C  CA  . LEU A 1 132 ? -11.118 -5.098  2.422   1.00 12.23 ? 135 LEU A CA  1 
ATOM   1034 C  C   . LEU A 1 132 ? -9.603  -5.119  2.141   1.00 9.67  ? 135 LEU A C   1 
ATOM   1035 O  O   . LEU A 1 132 ? -8.816  -4.506  2.868   1.00 6.39  ? 135 LEU A O   1 
ATOM   1036 C  CB  . LEU A 1 132 ? -11.556 -6.368  3.161   1.00 11.09 ? 135 LEU A CB  1 
ATOM   1037 C  CG  . LEU A 1 132 ? -12.683 -6.237  4.195   1.00 12.94 ? 135 LEU A CG  1 
ATOM   1038 C  CD1 . LEU A 1 132 ? -13.718 -5.313  3.742   1.00 17.08 ? 135 LEU A CD1 1 
ATOM   1039 C  CD2 . LEU A 1 132 ? -13.297 -7.595  4.449   1.00 16.78 ? 135 LEU A CD2 1 
ATOM   1040 N  N   . VAL A 1 133 ? -9.190  -5.820  1.092   1.00 9.14  ? 136 VAL A N   1 
ATOM   1041 C  CA  . VAL A 1 133 ? -7.779  -5.848  0.775   1.00 9.44  ? 136 VAL A CA  1 
ATOM   1042 C  C   . VAL A 1 133 ? -7.357  -4.465  0.280   1.00 11.16 ? 136 VAL A C   1 
ATOM   1043 O  O   . VAL A 1 133 ? -6.311  -3.964  0.685   1.00 13.06 ? 136 VAL A O   1 
ATOM   1044 C  CB  . VAL A 1 133 ? -7.425  -6.902  -0.288  1.00 10.79 ? 136 VAL A CB  1 
ATOM   1045 C  CG1 . VAL A 1 133 ? -5.891  -6.910  -0.501  1.00 11.99 ? 136 VAL A CG1 1 
ATOM   1046 C  CG2 . VAL A 1 133 ? -7.929  -8.286  0.143   1.00 11.15 ? 136 VAL A CG2 1 
ATOM   1047 N  N   . ALA A 1 134 ? -8.168  -3.838  -0.572  1.00 9.19  ? 137 ALA A N   1 
ATOM   1048 C  CA  . ALA A 1 134 ? -7.842  -2.512  -1.082  1.00 7.65  ? 137 ALA A CA  1 
ATOM   1049 C  C   . ALA A 1 134 ? -7.685  -1.516  0.067   1.00 7.87  ? 137 ALA A C   1 
ATOM   1050 O  O   . ALA A 1 134 ? -6.847  -0.616  -0.002  1.00 6.67  ? 137 ALA A O   1 
ATOM   1051 C  CB  . ALA A 1 134 ? -8.909  -2.049  -2.052  1.00 9.32  ? 137 ALA A CB  1 
ATOM   1052 N  N   . ILE A 1 135 ? -8.478  -1.684  1.130   1.00 6.49  ? 138 ILE A N   1 
ATOM   1053 C  CA  . ILE A 1 135 ? -8.393  -0.805  2.294   1.00 6.92  ? 138 ILE A CA  1 
ATOM   1054 C  C   . ILE A 1 135 ? -7.019  -0.950  3.011   1.00 7.28  ? 138 ILE A C   1 
ATOM   1055 O  O   . ILE A 1 135 ? -6.401  0.046   3.427   1.00 4.08  ? 138 ILE A O   1 
ATOM   1056 C  CB  . ILE A 1 135 ? -9.563  -1.083  3.299   1.00 6.87  ? 138 ILE A CB  1 
ATOM   1057 C  CG1 . ILE A 1 135 ? -10.894 -0.528  2.722   1.00 11.14 ? 138 ILE A CG1 1 
ATOM   1058 C  CG2 . ILE A 1 135 ? -9.247  -0.449  4.652   1.00 8.78  ? 138 ILE A CG2 1 
ATOM   1059 C  CD1 . ILE A 1 135 ? -12.168 -0.634  3.650   1.00 7.22  ? 138 ILE A CD1 1 
ATOM   1060 N  N   . THR A 1 136 ? -6.526  -2.187  3.111   1.00 5.83  ? 139 THR A N   1 
ATOM   1061 C  CA  . THR A 1 136 ? -5.242  -2.435  3.759   1.00 7.15  ? 139 THR A CA  1 
ATOM   1062 C  C   . THR A 1 136 ? -4.102  -1.812  2.944   1.00 6.86  ? 139 THR A C   1 
ATOM   1063 O  O   . THR A 1 136 ? -3.159  -1.232  3.507   1.00 7.91  ? 139 THR A O   1 
ATOM   1064 C  CB  . THR A 1 136 ? -5.020  -3.933  3.918   1.00 10.11 ? 139 THR A CB  1 
ATOM   1065 O  OG1 . THR A 1 136 ? -6.160  -4.490  4.593   1.00 14.94 ? 139 THR A OG1 1 
ATOM   1066 C  CG2 . THR A 1 136 ? -3.729  -4.222  4.725   1.00 11.35 ? 139 THR A CG2 1 
ATOM   1067 N  N   . LEU A 1 137 ? -4.210  -1.903  1.619   1.00 7.06  ? 140 LEU A N   1 
ATOM   1068 C  CA  . LEU A 1 137 ? -3.224  -1.331  0.710   1.00 4.37  ? 140 LEU A CA  1 
ATOM   1069 C  C   . LEU A 1 137 ? -3.166  0.190   0.964   1.00 7.16  ? 140 LEU A C   1 
ATOM   1070 O  O   . LEU A 1 137 ? -2.082  0.754   1.172   1.00 4.47  ? 140 LEU A O   1 
ATOM   1071 C  CB  . LEU A 1 137 ? -3.638  -1.632  -0.727  1.00 9.08  ? 140 LEU A CB  1 
ATOM   1072 C  CG  . LEU A 1 137 ? -2.863  -1.034  -1.901  1.00 12.96 ? 140 LEU A CG  1 
ATOM   1073 C  CD1 . LEU A 1 137 ? -1.424  -1.539  -1.872  1.00 14.84 ? 140 LEU A CD1 1 
ATOM   1074 C  CD2 . LEU A 1 137 ? -3.544  -1.448  -3.210  1.00 13.33 ? 140 LEU A CD2 1 
ATOM   1075 N  N   . ALA A 1 138 ? -4.336  0.840   1.000   1.00 7.04  ? 141 ALA A N   1 
ATOM   1076 C  CA  . ALA A 1 138 ? -4.400  2.282   1.256   1.00 5.91  ? 141 ALA A CA  1 
ATOM   1077 C  C   . ALA A 1 138 ? -3.852  2.594   2.646   1.00 5.70  ? 141 ALA A C   1 
ATOM   1078 O  O   . ALA A 1 138 ? -3.219  3.616   2.848   1.00 7.92  ? 141 ALA A O   1 
ATOM   1079 C  CB  . ALA A 1 138 ? -5.835  2.782   1.142   1.00 4.51  ? 141 ALA A CB  1 
ATOM   1080 N  N   . HIS A 1 139 ? -4.117  1.715   3.607   1.00 7.58  ? 142 HIS A N   1 
ATOM   1081 C  CA  . HIS A 1 139 ? -3.666  1.883   4.999   1.00 8.82  ? 142 HIS A CA  1 
ATOM   1082 C  C   . HIS A 1 139 ? -2.130  1.882   5.094   1.00 9.32  ? 142 HIS A C   1 
ATOM   1083 O  O   . HIS A 1 139 ? -1.549  2.752   5.728   1.00 7.23  ? 142 HIS A O   1 
ATOM   1084 C  CB  . HIS A 1 139 ? -4.274  0.750   5.850   1.00 12.30 ? 142 HIS A CB  1 
ATOM   1085 C  CG  . HIS A 1 139 ? -3.962  0.814   7.313   1.00 13.01 ? 142 HIS A CG  1 
ATOM   1086 N  ND1 . HIS A 1 139 ? -4.905  1.017   8.299   1.00 12.56 ? 142 HIS A ND1 1 
ATOM   1087 C  CD2 . HIS A 1 139 ? -2.786  0.616   7.974   1.00 10.53 ? 142 HIS A CD2 1 
ATOM   1088 C  CE1 . HIS A 1 139 ? -4.283  0.931   9.483   1.00 12.99 ? 142 HIS A CE1 1 
ATOM   1089 N  NE2 . HIS A 1 139 ? -2.991  0.689   9.315   1.00 13.46 ? 142 HIS A NE2 1 
ATOM   1090 N  N   . GLU A 1 140 ? -1.471  0.925   4.450   1.00 9.71  ? 143 GLU A N   1 
ATOM   1091 C  CA  . GLU A 1 140 ? -0.016  0.870   4.509   1.00 9.67  ? 143 GLU A CA  1 
ATOM   1092 C  C   . GLU A 1 140 ? 0.620   2.026   3.756   1.00 9.16  ? 143 GLU A C   1 
ATOM   1093 O  O   . GLU A 1 140 ? 1.650   2.525   4.171   1.00 10.21 ? 143 GLU A O   1 
ATOM   1094 C  CB  . GLU A 1 140 ? 0.512   -0.452  3.960   1.00 11.02 ? 143 GLU A CB  1 
ATOM   1095 C  CG  . GLU A 1 140 ? -0.047  -1.682  4.629   1.00 12.19 ? 143 GLU A CG  1 
ATOM   1096 C  CD  . GLU A 1 140 ? 0.068   -1.662  6.156   1.00 14.54 ? 143 GLU A CD  1 
ATOM   1097 O  OE1 . GLU A 1 140 ? 0.940   -0.942  6.680   1.00 8.39  ? 143 GLU A OE1 1 
ATOM   1098 O  OE2 . GLU A 1 140 ? -0.736  -2.376  6.826   1.00 16.74 ? 143 GLU A OE2 1 
ATOM   1099 N  N   . MET A 1 141 ? 0.043   2.412   2.619   1.00 7.96  ? 144 MET A N   1 
ATOM   1100 C  CA  . MET A 1 141 ? 0.558   3.544   1.850   1.00 9.08  ? 144 MET A CA  1 
ATOM   1101 C  C   . MET A 1 141 ? 0.478   4.797   2.718   1.00 7.57  ? 144 MET A C   1 
ATOM   1102 O  O   . MET A 1 141 ? 1.379   5.626   2.683   1.00 8.29  ? 144 MET A O   1 
ATOM   1103 C  CB  . MET A 1 141 ? -0.246  3.778   0.554   1.00 8.89  ? 144 MET A CB  1 
ATOM   1104 C  CG  . MET A 1 141 ? 0.034   2.777   -0.573  1.00 13.58 ? 144 MET A CG  1 
ATOM   1105 S  SD  . MET A 1 141 ? -1.256  2.761   -1.848  1.00 15.34 ? 144 MET A SD  1 
ATOM   1106 C  CE  . MET A 1 141 ? -1.042  4.418   -2.452  1.00 13.47 ? 144 MET A CE  1 
ATOM   1107 N  N   . ALA A 1 142 ? -0.591  4.922   3.503   1.00 8.71  ? 145 ALA A N   1 
ATOM   1108 C  CA  . ALA A 1 142 ? -0.786  6.086   4.377   1.00 7.26  ? 145 ALA A CA  1 
ATOM   1109 C  C   . ALA A 1 142 ? 0.296   6.128   5.446   1.00 7.05  ? 145 ALA A C   1 
ATOM   1110 O  O   . ALA A 1 142 ? 0.745   7.187   5.839   1.00 8.22  ? 145 ALA A O   1 
ATOM   1111 C  CB  . ALA A 1 142 ? -2.171  6.033   5.000   1.00 8.98  ? 145 ALA A CB  1 
ATOM   1112 N  N   . HIS A 1 143 ? 0.733   4.967   5.908   1.00 9.32  ? 146 HIS A N   1 
ATOM   1113 C  CA  . HIS A 1 143 ? 1.795   4.923   6.894   1.00 9.07  ? 146 HIS A CA  1 
ATOM   1114 C  C   . HIS A 1 143 ? 3.075   5.516   6.285   1.00 9.39  ? 146 HIS A C   1 
ATOM   1115 O  O   . HIS A 1 143 ? 3.829   6.196   6.992   1.00 9.45  ? 146 HIS A O   1 
ATOM   1116 C  CB  . HIS A 1 143 ? 2.027   3.505   7.393   1.00 9.86  ? 146 HIS A CB  1 
ATOM   1117 C  CG  . HIS A 1 143 ? 1.150   3.116   8.547   1.00 9.95  ? 146 HIS A CG  1 
ATOM   1118 N  ND1 . HIS A 1 143 ? 0.766   3.965   9.545   1.00 11.01 ? 146 HIS A ND1 1 
ATOM   1119 C  CD2 . HIS A 1 143 ? 0.529   1.938   8.802   1.00 9.32  ? 146 HIS A CD2 1 
ATOM   1120 C  CE1 . HIS A 1 143 ? -0.061  3.294   10.331  1.00 11.71 ? 146 HIS A CE1 1 
ATOM   1121 N  NE2 . HIS A 1 143 ? -0.224  2.053   9.900   1.00 11.51 ? 146 HIS A NE2 1 
ATOM   1122 N  N   . ASN A 1 144 ? 3.311   5.278   4.987   1.00 9.87  ? 147 ASN A N   1 
ATOM   1123 C  CA  . ASN A 1 144 ? 4.471   5.859   4.283   1.00 9.57  ? 147 ASN A CA  1 
ATOM   1124 C  C   . ASN A 1 144 ? 4.362   7.397   4.272   1.00 9.72  ? 147 ASN A C   1 
ATOM   1125 O  O   . ASN A 1 144 ? 5.385   8.091   4.255   1.00 9.80  ? 147 ASN A O   1 
ATOM   1126 C  CB  . ASN A 1 144 ? 4.548   5.382   2.827   1.00 8.09  ? 147 ASN A CB  1 
ATOM   1127 C  CG  . ASN A 1 144 ? 4.829   3.913   2.700   1.00 10.04 ? 147 ASN A CG  1 
ATOM   1128 O  OD1 . ASN A 1 144 ? 4.469   3.294   1.693   1.00 8.39  ? 147 ASN A OD1 1 
ATOM   1129 N  ND2 . ASN A 1 144 ? 5.493   3.334   3.704   1.00 11.09 ? 147 ASN A ND2 1 
ATOM   1130 N  N   . LEU A 1 145 ? 3.136   7.915   4.190   1.00 8.25  ? 148 LEU A N   1 
ATOM   1131 C  CA  . LEU A 1 145 ? 2.890   9.362   4.201   1.00 9.60  ? 148 LEU A CA  1 
ATOM   1132 C  C   . LEU A 1 145 ? 2.808   9.955   5.628   1.00 10.68 ? 148 LEU A C   1 
ATOM   1133 O  O   . LEU A 1 145 ? 2.286   11.052  5.835   1.00 11.29 ? 148 LEU A O   1 
ATOM   1134 C  CB  . LEU A 1 145 ? 1.619   9.681   3.420   1.00 11.01 ? 148 LEU A CB  1 
ATOM   1135 C  CG  . LEU A 1 145 ? 1.630   9.455   1.903   1.00 14.22 ? 148 LEU A CG  1 
ATOM   1136 C  CD1 . LEU A 1 145 ? 0.193   9.430   1.371   1.00 16.17 ? 148 LEU A CD1 1 
ATOM   1137 C  CD2 . LEU A 1 145 ? 2.465   10.522  1.206   1.00 11.61 ? 148 LEU A CD2 1 
ATOM   1138 N  N   . GLY A 1 146 ? 3.272   9.192   6.614   1.00 9.99  ? 149 GLY A N   1 
ATOM   1139 C  CA  . GLY A 1 146 ? 3.296   9.662   7.989   1.00 11.92 ? 149 GLY A CA  1 
ATOM   1140 C  C   . GLY A 1 146 ? 2.038   9.623   8.836   1.00 13.54 ? 149 GLY A C   1 
ATOM   1141 O  O   . GLY A 1 146 ? 2.062   10.111  9.967   1.00 13.73 ? 149 GLY A O   1 
ATOM   1142 N  N   . VAL A 1 147 ? 0.957   9.018   8.351   1.00 14.29 ? 150 VAL A N   1 
ATOM   1143 C  CA  . VAL A 1 147 ? -0.270  8.999   9.145   1.00 13.40 ? 150 VAL A CA  1 
ATOM   1144 C  C   . VAL A 1 147 ? -0.308  7.836   10.135  1.00 13.46 ? 150 VAL A C   1 
ATOM   1145 O  O   . VAL A 1 147 ? 0.213   6.759   9.862   1.00 12.24 ? 150 VAL A O   1 
ATOM   1146 C  CB  . VAL A 1 147 ? -1.552  9.069   8.266   1.00 12.52 ? 150 VAL A CB  1 
ATOM   1147 C  CG1 . VAL A 1 147 ? -1.295  9.866   7.006   1.00 10.11 ? 150 VAL A CG1 1 
ATOM   1148 C  CG2 . VAL A 1 147 ? -2.075  7.730   7.953   1.00 19.10 ? 150 VAL A CG2 1 
ATOM   1149 N  N   . SER A 1 148 ? -0.927  8.091   11.283  1.00 14.25 ? 151 SER A N   1 
ATOM   1150 C  CA  . SER A 1 148 ? -1.060  7.138   12.374  1.00 13.96 ? 151 SER A CA  1 
ATOM   1151 C  C   . SER A 1 148 ? -2.501  6.622   12.479  1.00 13.38 ? 151 SER A C   1 
ATOM   1152 O  O   . SER A 1 148 ? -3.393  7.104   11.776  1.00 13.85 ? 151 SER A O   1 
ATOM   1153 C  CB  . SER A 1 148 ? -0.653  7.842   13.664  1.00 15.36 ? 151 SER A CB  1 
ATOM   1154 O  OG  . SER A 1 148 ? -0.869  7.024   14.806  1.00 30.43 ? 151 SER A OG  1 
ATOM   1155 N  N   . HIS A 1 149 ? -2.743  5.664   13.362  1.00 11.48 ? 152 HIS A N   1 
ATOM   1156 C  CA  . HIS A 1 149 ? -4.094  5.128   13.503  1.00 13.98 ? 152 HIS A CA  1 
ATOM   1157 C  C   . HIS A 1 149 ? -5.103  6.106   14.084  1.00 14.61 ? 152 HIS A C   1 
ATOM   1158 O  O   . HIS A 1 149 ? -4.768  6.967   14.908  1.00 12.56 ? 152 HIS A O   1 
ATOM   1159 C  CB  . HIS A 1 149 ? -4.091  3.862   14.355  1.00 14.69 ? 152 HIS A CB  1 
ATOM   1160 C  CG  . HIS A 1 149 ? -3.256  2.767   13.783  1.00 15.61 ? 152 HIS A CG  1 
ATOM   1161 N  ND1 . HIS A 1 149 ? -2.722  1.734   14.516  1.00 12.03 ? 152 HIS A ND1 1 
ATOM   1162 C  CD2 . HIS A 1 149 ? -2.849  2.547   12.507  1.00 15.60 ? 152 HIS A CD2 1 
ATOM   1163 C  CE1 . HIS A 1 149 ? -2.030  0.961   13.672  1.00 14.70 ? 152 HIS A CE1 1 
ATOM   1164 N  NE2 . HIS A 1 149 ? -2.088  1.430   12.437  1.00 18.18 ? 152 HIS A NE2 1 
ATOM   1165 N  N   . ASP A 1 150 ? -6.362  5.911   13.699  1.00 15.04 ? 153 ASP A N   1 
ATOM   1166 C  CA  . ASP A 1 150 ? -7.475  6.729   14.194  1.00 13.46 ? 153 ASP A CA  1 
ATOM   1167 C  C   . ASP A 1 150 ? -7.737  6.367   15.642  1.00 14.36 ? 153 ASP A C   1 
ATOM   1168 O  O   . ASP A 1 150 ? -7.542  5.203   16.055  1.00 12.56 ? 153 ASP A O   1 
ATOM   1169 C  CB  . ASP A 1 150 ? -8.774  6.452   13.418  1.00 13.48 ? 153 ASP A CB  1 
ATOM   1170 C  CG  . ASP A 1 150 ? -8.773  7.043   12.018  1.00 12.59 ? 153 ASP A CG  1 
ATOM   1171 O  OD1 . ASP A 1 150 ? -8.139  8.098   11.807  1.00 15.07 ? 153 ASP A OD1 1 
ATOM   1172 O  OD2 . ASP A 1 150 ? -9.425  6.447   11.121  1.00 11.61 ? 153 ASP A OD2 1 
ATOM   1173 N  N   . GLU A 1 151 ? -8.186  7.358   16.409  1.00 14.82 ? 154 GLU A N   1 
ATOM   1174 C  CA  . GLU A 1 151 ? -8.515  7.176   17.816  1.00 16.31 ? 154 GLU A CA  1 
ATOM   1175 C  C   . GLU A 1 151 ? -9.527  8.235   18.225  1.00 16.85 ? 154 GLU A C   1 
ATOM   1176 O  O   . GLU A 1 151 ? -9.756  9.201   17.497  1.00 16.36 ? 154 GLU A O   1 
ATOM   1177 C  CB  . GLU A 1 151 ? -7.272  7.300   18.693  1.00 19.93 ? 154 GLU A CB  1 
ATOM   1178 C  CG  . GLU A 1 151 ? -6.618  8.668   18.681  1.00 25.15 ? 154 GLU A CG  1 
ATOM   1179 C  CD  . GLU A 1 151 ? -5.538  8.832   19.766  1.00 29.20 ? 154 GLU A CD  1 
ATOM   1180 O  OE1 . GLU A 1 151 ? -4.727  7.890   19.994  1.00 30.99 ? 154 GLU A OE1 1 
ATOM   1181 O  OE2 . GLU A 1 151 ? -5.497  9.925   20.384  1.00 31.50 ? 154 GLU A OE2 1 
ATOM   1182 N  N   . GLY A 1 152 ? -10.180 8.019   19.357  1.00 15.79 ? 155 GLY A N   1 
ATOM   1183 C  CA  . GLY A 1 152 ? -11.135 8.986   19.852  1.00 13.85 ? 155 GLY A CA  1 
ATOM   1184 C  C   . GLY A 1 152 ? -12.241 9.363   18.895  1.00 14.30 ? 155 GLY A C   1 
ATOM   1185 O  O   . GLY A 1 152 ? -12.904 8.496   18.311  1.00 15.00 ? 155 GLY A O   1 
ATOM   1186 N  N   . SER A 1 153 ? -12.408 10.661  18.699  1.00 13.76 ? 156 SER A N   1 
ATOM   1187 C  CA  . SER A 1 153 ? -13.455 11.182  17.826  1.00 16.50 ? 156 SER A CA  1 
ATOM   1188 C  C   . SER A 1 153 ? -13.156 11.308  16.320  1.00 18.31 ? 156 SER A C   1 
ATOM   1189 O  O   . SER A 1 153 ? -13.955 11.886  15.577  1.00 16.29 ? 156 SER A O   1 
ATOM   1190 C  CB  . SER A 1 153 ? -13.927 12.530  18.365  1.00 19.39 ? 156 SER A CB  1 
ATOM   1191 O  OG  . SER A 1 153 ? -14.455 12.387  19.667  1.00 26.10 ? 156 SER A OG  1 
ATOM   1192 N  N   . CYS A 1 154 ? -12.017 10.782  15.869  1.00 17.10 ? 157 CYS A N   1 
ATOM   1193 C  CA  . CYS A 1 154 ? -11.670 10.829  14.451  1.00 15.29 ? 157 CYS A CA  1 
ATOM   1194 C  C   . CYS A 1 154 ? -12.789 10.200  13.618  1.00 14.50 ? 157 CYS A C   1 
ATOM   1195 O  O   . CYS A 1 154 ? -13.244 9.106   13.935  1.00 16.06 ? 157 CYS A O   1 
ATOM   1196 C  CB  . CYS A 1 154 ? -10.382 10.072  14.211  1.00 15.69 ? 157 CYS A CB  1 
ATOM   1197 S  SG  . CYS A 1 154 ? -8.931  10.782  15.064  1.00 13.10 ? 157 CYS A SG  1 
ATOM   1198 N  N   . SER A 1 155 ? -13.217 10.860  12.544  1.00 15.41 ? 158 SER A N   1 
ATOM   1199 C  CA  . SER A 1 155 ? -14.301 10.297  11.728  1.00 16.20 ? 158 SER A CA  1 
ATOM   1200 C  C   . SER A 1 155 ? -14.261 10.546  10.230  1.00 14.84 ? 158 SER A C   1 
ATOM   1201 O  O   . SER A 1 155 ? -13.552 11.428  9.752   1.00 13.57 ? 158 SER A O   1 
ATOM   1202 C  CB  . SER A 1 155 ? -15.657 10.781  12.245  1.00 18.76 ? 158 SER A CB  1 
ATOM   1203 O  OG  . SER A 1 155 ? -15.912 12.098  11.835  1.00 18.32 ? 158 SER A OG  1 
ATOM   1204 N  N   . CYS A 1 156 ? -14.994 9.703   9.505   1.00 15.85 ? 159 CYS A N   1 
ATOM   1205 C  CA  . CYS A 1 156 ? -15.156 9.769   8.044   1.00 19.11 ? 159 CYS A CA  1 
ATOM   1206 C  C   . CYS A 1 156 ? -16.659 9.608   7.778   1.00 22.84 ? 159 CYS A C   1 
ATOM   1207 O  O   . CYS A 1 156 ? -17.052 9.023   6.772   1.00 27.17 ? 159 CYS A O   1 
ATOM   1208 C  CB  . CYS A 1 156 ? -14.394 8.637   7.351   1.00 15.17 ? 159 CYS A CB  1 
ATOM   1209 S  SG  . CYS A 1 156 ? -14.760 6.992   8.015   1.00 15.86 ? 159 CYS A SG  1 
ATOM   1210 N  N   . GLY A 1 157 ? -17.494 10.218  8.627   1.00 25.25 ? 160 GLY A N   1 
ATOM   1211 C  CA  . GLY A 1 157 ? -18.942 10.046  8.504   1.00 26.94 ? 160 GLY A CA  1 
ATOM   1212 C  C   . GLY A 1 157 ? -19.225 8.656   9.063   1.00 29.10 ? 160 GLY A C   1 
ATOM   1213 O  O   . GLY A 1 157 ? -19.888 7.821   8.442   1.00 31.28 ? 160 GLY A O   1 
ATOM   1214 N  N   . GLY A 1 158 ? -18.709 8.442   10.266  1.00 27.29 ? 161 GLY A N   1 
ATOM   1215 C  CA  . GLY A 1 158 ? -18.791 7.171   10.953  1.00 24.77 ? 161 GLY A CA  1 
ATOM   1216 C  C   . GLY A 1 158 ? -17.384 7.106   11.513  1.00 22.87 ? 161 GLY A C   1 
ATOM   1217 O  O   . GLY A 1 158 ? -16.527 7.844   11.053  1.00 21.72 ? 161 GLY A O   1 
ATOM   1218 N  N   . LYS A 1 159 ? -17.111 6.228   12.468  1.00 24.56 ? 162 LYS A N   1 
ATOM   1219 C  CA  . LYS A 1 159 ? -15.782 6.186   13.091  1.00 25.48 ? 162 LYS A CA  1 
ATOM   1220 C  C   . LYS A 1 159 ? -14.744 5.224   12.544  1.00 26.97 ? 162 LYS A C   1 
ATOM   1221 O  O   . LYS A 1 159 ? -13.544 5.507   12.642  1.00 30.07 ? 162 LYS A O   1 
ATOM   1222 C  CB  . LYS A 1 159 ? -15.920 5.954   14.598  1.00 23.57 ? 162 LYS A CB  1 
ATOM   1223 C  CG  . LYS A 1 159 ? -15.340 7.060   15.463  1.00 24.35 ? 162 LYS A CG  1 
ATOM   1224 C  CD  . LYS A 1 159 ? -15.925 8.424   15.146  1.00 25.63 ? 162 LYS A CD  1 
ATOM   1225 C  CE  . LYS A 1 159 ? -17.409 8.356   14.869  1.00 27.76 ? 162 LYS A CE  1 
ATOM   1226 N  NZ  . LYS A 1 159 ? -18.092 7.669   15.986  1.00 33.59 ? 162 LYS A NZ  1 
ATOM   1227 N  N   . SER A 1 160 ? -15.184 4.049   12.090  1.00 27.63 ? 163 SER A N   1 
ATOM   1228 C  CA  . SER A 1 160 ? -14.275 3.034   11.528  1.00 25.75 ? 163 SER A CA  1 
ATOM   1229 C  C   . SER A 1 160 ? -13.914 3.405   10.101  1.00 22.72 ? 163 SER A C   1 
ATOM   1230 O  O   . SER A 1 160 ? -14.716 3.220   9.177   1.00 22.89 ? 163 SER A O   1 
ATOM   1231 C  CB  . SER A 1 160 ? -14.916 1.645   11.562  1.00 25.60 ? 163 SER A CB  1 
ATOM   1232 O  OG  . SER A 1 160 ? -15.442 1.394   12.848  1.00 29.83 ? 163 SER A OG  1 
ATOM   1233 N  N   . CYS A 1 161 ? -12.697 3.902   9.932   1.00 18.83 ? 164 CYS A N   1 
ATOM   1234 C  CA  . CYS A 1 161 ? -12.244 4.343   8.631   1.00 16.47 ? 164 CYS A CA  1 
ATOM   1235 C  C   . CYS A 1 161 ? -10.986 3.596   8.240   1.00 15.18 ? 164 CYS A C   1 
ATOM   1236 O  O   . CYS A 1 161 ? -10.573 2.655   8.936   1.00 11.63 ? 164 CYS A O   1 
ATOM   1237 C  CB  . CYS A 1 161 ? -12.022 5.849   8.669   1.00 16.18 ? 164 CYS A CB  1 
ATOM   1238 S  SG  . CYS A 1 161 ? -13.400 6.712   9.508   1.00 18.54 ? 164 CYS A SG  1 
ATOM   1239 N  N   . ILE A 1 162 ? -10.408 3.986   7.110   1.00 11.40 ? 165 ILE A N   1 
ATOM   1240 C  CA  . ILE A 1 162 ? -9.214  3.339   6.610   1.00 10.53 ? 165 ILE A CA  1 
ATOM   1241 C  C   . ILE A 1 162 ? -8.115  3.140   7.667   1.00 11.83 ? 165 ILE A C   1 
ATOM   1242 O  O   . ILE A 1 162 ? -7.572  2.042   7.775   1.00 11.83 ? 165 ILE A O   1 
ATOM   1243 C  CB  . ILE A 1 162 ? -8.660  4.091   5.376   1.00 11.97 ? 165 ILE A CB  1 
ATOM   1244 C  CG1 . ILE A 1 162 ? -9.577  3.868   4.171   1.00 13.54 ? 165 ILE A CG1 1 
ATOM   1245 C  CG2 . ILE A 1 162 ? -7.266  3.597   5.022   1.00 11.35 ? 165 ILE A CG2 1 
ATOM   1246 C  CD1 . ILE A 1 162 ? -8.983  4.453   2.875   1.00 12.17 ? 165 ILE A CD1 1 
ATOM   1247 N  N   . MET A 1 163 ? -7.828  4.165   8.477   1.00 9.62  ? 166 MET A N   1 
ATOM   1248 C  CA  . MET A 1 163 ? -6.773  4.064   9.486   1.00 7.44  ? 166 MET A CA  1 
ATOM   1249 C  C   . MET A 1 163 ? -7.159  3.468   10.832  1.00 10.07 ? 166 MET A C   1 
ATOM   1250 O  O   . MET A 1 163 ? -6.491  3.697   11.854  1.00 8.90  ? 166 MET A O   1 
ATOM   1251 C  CB  . MET A 1 163 ? -6.064  5.400   9.685   1.00 4.41  ? 166 MET A CB  1 
ATOM   1252 C  CG  . MET A 1 163 ? -5.251  5.874   8.469   1.00 4.02  ? 166 MET A CG  1 
ATOM   1253 S  SD  . MET A 1 163 ? -4.278  4.583   7.645   1.00 11.69 ? 166 MET A SD  1 
ATOM   1254 C  CE  . MET A 1 163 ? -2.917  4.344   8.864   1.00 5.39  ? 166 MET A CE  1 
ATOM   1255 N  N   . SER A 1 164 ? -8.217  2.671   10.825  1.00 11.64 ? 167 SER A N   1 
ATOM   1256 C  CA  . SER A 1 164 ? -8.648  1.980   12.038  1.00 14.47 ? 167 SER A CA  1 
ATOM   1257 C  C   . SER A 1 164 ? -7.559  0.946   12.391  1.00 12.36 ? 167 SER A C   1 
ATOM   1258 O  O   . SER A 1 164 ? -6.915  0.397   11.507  1.00 13.68 ? 167 SER A O   1 
ATOM   1259 C  CB  . SER A 1 164 ? -9.990  1.275   11.771  1.00 14.48 ? 167 SER A CB  1 
ATOM   1260 O  OG  . SER A 1 164 ? -10.357 0.379   12.812  1.00 13.96 ? 167 SER A OG  1 
ATOM   1261 N  N   . PRO A 1 165 ? -7.289  0.726   13.681  1.00 13.99 ? 168 PRO A N   1 
ATOM   1262 C  CA  . PRO A 1 165 ? -6.278  -0.252  14.079  1.00 16.84 ? 168 PRO A CA  1 
ATOM   1263 C  C   . PRO A 1 165 ? -6.714  -1.701  13.806  1.00 19.80 ? 168 PRO A C   1 
ATOM   1264 O  O   . PRO A 1 165 ? -5.920  -2.613  13.948  1.00 25.31 ? 168 PRO A O   1 
ATOM   1265 C  CB  . PRO A 1 165 ? -6.131  0.011   15.570  1.00 15.84 ? 168 PRO A CB  1 
ATOM   1266 C  CG  . PRO A 1 165 ? -7.484  0.425   15.957  1.00 17.92 ? 168 PRO A CG  1 
ATOM   1267 C  CD  . PRO A 1 165 ? -7.850  1.390   14.865  1.00 16.05 ? 168 PRO A CD  1 
ATOM   1268 N  N   . SER A 1 166 ? -7.972  -1.910  13.422  1.00 22.00 ? 169 SER A N   1 
ATOM   1269 C  CA  . SER A 1 166 ? -8.490  -3.245  13.115  1.00 23.81 ? 169 SER A CA  1 
ATOM   1270 C  C   . SER A 1 166 ? -9.354  -3.192  11.863  1.00 23.10 ? 169 SER A C   1 
ATOM   1271 O  O   . SER A 1 166 ? -10.012 -2.179  11.603  1.00 25.85 ? 169 SER A O   1 
ATOM   1272 C  CB  . SER A 1 166 ? -9.336  -3.774  14.272  1.00 25.52 ? 169 SER A CB  1 
ATOM   1273 O  OG  . SER A 1 166 ? -8.560  -3.895  15.454  1.00 32.00 ? 169 SER A OG  1 
ATOM   1274 N  N   . ILE A 1 167 ? -9.340  -4.255  11.067  1.00 22.77 ? 170 ILE A N   1 
ATOM   1275 C  CA  . ILE A 1 167 ? -10.158 -4.275  9.869   1.00 22.04 ? 170 ILE A CA  1 
ATOM   1276 C  C   . ILE A 1 167 ? -11.372 -5.168  10.085  1.00 23.19 ? 170 ILE A C   1 
ATOM   1277 O  O   . ILE A 1 167 ? -11.289 -6.218  10.705  1.00 24.83 ? 170 ILE A O   1 
ATOM   1278 C  CB  . ILE A 1 167 ? -9.374  -4.737  8.613   1.00 23.92 ? 170 ILE A CB  1 
ATOM   1279 C  CG1 . ILE A 1 167 ? -10.135 -4.291  7.352   1.00 22.82 ? 170 ILE A CG1 1 
ATOM   1280 C  CG2 . ILE A 1 167 ? -9.184  -6.277  8.620   1.00 21.48 ? 170 ILE A CG2 1 
ATOM   1281 C  CD1 . ILE A 1 167 ? -9.291  -4.211  6.113   1.00 24.17 ? 170 ILE A CD1 1 
ATOM   1282 N  N   . SER A 1 168 ? -12.520 -4.682  9.650   1.00 24.26 ? 171 SER A N   1 
ATOM   1283 C  CA  . SER A 1 168 ? -13.788 -5.395  9.744   1.00 24.40 ? 171 SER A CA  1 
ATOM   1284 C  C   . SER A 1 168 ? -14.564 -4.862  8.529   1.00 25.70 ? 171 SER A C   1 
ATOM   1285 O  O   . SER A 1 168 ? -14.145 -3.894  7.872   1.00 25.48 ? 171 SER A O   1 
ATOM   1286 C  CB  . SER A 1 168 ? -14.532 -5.083  11.067  1.00 19.39 ? 171 SER A CB  1 
ATOM   1287 O  OG  . SER A 1 168 ? -15.181 -3.816  11.062  1.00 20.84 ? 171 SER A OG  1 
ATOM   1288 N  N   . ASP A 1 169 ? -15.698 -5.475  8.236   1.00 26.49 ? 172 ASP A N   1 
ATOM   1289 C  CA  . ASP A 1 169 ? -16.478 -5.052  7.082   1.00 27.77 ? 172 ASP A CA  1 
ATOM   1290 C  C   . ASP A 1 169 ? -17.312 -3.835  7.432   1.00 26.79 ? 172 ASP A C   1 
ATOM   1291 O  O   . ASP A 1 169 ? -18.116 -3.364  6.638   1.00 27.18 ? 172 ASP A O   1 
ATOM   1292 C  CB  . ASP A 1 169 ? -17.328 -6.216  6.589   1.00 29.05 ? 172 ASP A CB  1 
ATOM   1293 C  CG  . ASP A 1 169 ? -17.835 -7.072  7.722   1.00 30.33 ? 172 ASP A CG  1 
ATOM   1294 O  OD1 . ASP A 1 169 ? -18.828 -6.646  8.357   1.00 28.90 ? 172 ASP A OD1 1 
ATOM   1295 O  OD2 . ASP A 1 169 ? -17.202 -8.123  8.010   1.00 29.15 ? 172 ASP A OD2 1 
ATOM   1296 N  N   . GLU A 1 170 ? -17.125 -3.325  8.635   1.00 27.05 ? 173 GLU A N   1 
ATOM   1297 C  CA  . GLU A 1 170 ? -17.833 -2.125  9.038   1.00 27.29 ? 173 GLU A CA  1 
ATOM   1298 C  C   . GLU A 1 170 ? -16.944 -0.915  8.730   1.00 27.04 ? 173 GLU A C   1 
ATOM   1299 O  O   . GLU A 1 170 ? -17.337 0.244   8.957   1.00 27.20 ? 173 GLU A O   1 
ATOM   1300 C  CB  . GLU A 1 170 ? -18.218 -2.188  10.521  1.00 27.18 ? 173 GLU A CB  1 
ATOM   1301 C  CG  . GLU A 1 170 ? -19.449 -3.030  10.761  1.00 29.48 ? 173 GLU A CG  1 
ATOM   1302 C  CD  . GLU A 1 170 ? -20.401 -2.428  11.762  1.00 32.40 ? 173 GLU A CD  1 
ATOM   1303 O  OE1 . GLU A 1 170 ? -20.325 -1.204  12.001  1.00 39.34 ? 173 GLU A OE1 1 
ATOM   1304 O  OE2 . GLU A 1 170 ? -21.222 -3.181  12.331  1.00 32.92 ? 173 GLU A OE2 1 
ATOM   1305 N  N   . THR A 1 171 ? -15.742 -1.205  8.225   1.00 24.23 ? 174 THR A N   1 
ATOM   1306 C  CA  . THR A 1 171 ? -14.768 -0.179  7.884   1.00 21.65 ? 174 THR A CA  1 
ATOM   1307 C  C   . THR A 1 171 ? -15.146 0.493   6.563   1.00 21.07 ? 174 THR A C   1 
ATOM   1308 O  O   . THR A 1 171 ? -15.396 -0.172  5.540   1.00 21.15 ? 174 THR A O   1 
ATOM   1309 C  CB  . THR A 1 171 ? -13.322 -0.752  7.807   1.00 21.81 ? 174 THR A CB  1 
ATOM   1310 O  OG1 . THR A 1 171 ? -12.985 -1.426  9.030   1.00 22.25 ? 174 THR A OG1 1 
ATOM   1311 C  CG2 . THR A 1 171 ? -12.337 0.358   7.593   1.00 19.90 ? 174 THR A CG2 1 
ATOM   1312 N  N   . ILE A 1 172 ? -15.213 1.817   6.593   1.00 20.28 ? 175 ILE A N   1 
ATOM   1313 C  CA  . ILE A 1 172 ? -15.565 2.553   5.396   1.00 20.55 ? 175 ILE A CA  1 
ATOM   1314 C  C   . ILE A 1 172 ? -14.285 2.835   4.612   1.00 18.15 ? 175 ILE A C   1 
ATOM   1315 O  O   . ILE A 1 172 ? -13.238 3.128   5.185   1.00 18.80 ? 175 ILE A O   1 
ATOM   1316 C  CB  . ILE A 1 172 ? -16.380 3.844   5.740   1.00 20.73 ? 175 ILE A CB  1 
ATOM   1317 C  CG1 . ILE A 1 172 ? -17.726 3.770   5.025   1.00 26.40 ? 175 ILE A CG1 1 
ATOM   1318 C  CG2 . ILE A 1 172 ? -15.657 5.102   5.325   1.00 23.06 ? 175 ILE A CG2 1 
ATOM   1319 C  CD1 . ILE A 1 172 ? -18.249 5.092   4.495   1.00 30.50 ? 175 ILE A CD1 1 
ATOM   1320 N  N   . LYS A 1 173 ? -14.372 2.726   3.295   1.00 16.27 ? 176 LYS A N   1 
ATOM   1321 C  CA  . LYS A 1 173 ? -13.234 2.945   2.402   1.00 14.31 ? 176 LYS A CA  1 
ATOM   1322 C  C   . LYS A 1 173 ? -12.763 4.389   2.224   1.00 12.93 ? 176 LYS A C   1 
ATOM   1323 O  O   . LYS A 1 173 ? -12.262 4.729   1.156   1.00 12.75 ? 176 LYS A O   1 
ATOM   1324 C  CB  . LYS A 1 173 ? -13.564 2.356   1.034   1.00 16.81 ? 176 LYS A CB  1 
ATOM   1325 C  CG  . LYS A 1 173 ? -14.621 3.137   0.260   1.00 19.86 ? 176 LYS A CG  1 
ATOM   1326 C  CD  . LYS A 1 173 ? -15.132 2.369   -0.938  1.00 21.05 ? 176 LYS A CD  1 
ATOM   1327 C  CE  . LYS A 1 173 ? -15.771 3.305   -1.973  1.00 24.19 ? 176 LYS A CE  1 
ATOM   1328 N  NZ  . LYS A 1 173 ? -14.767 4.208   -2.672  1.00 28.96 ? 176 LYS A NZ  1 
ATOM   1329 N  N   . TYR A 1 174 ? -12.946 5.243   3.235   1.00 12.25 ? 177 TYR A N   1 
ATOM   1330 C  CA  . TYR A 1 174 ? -12.516 6.653   3.177   1.00 10.12 ? 177 TYR A CA  1 
ATOM   1331 C  C   . TYR A 1 174 ? -11.653 6.965   4.393   1.00 9.77  ? 177 TYR A C   1 
ATOM   1332 O  O   . TYR A 1 174 ? -11.731 6.270   5.398   1.00 10.93 ? 177 TYR A O   1 
ATOM   1333 C  CB  . TYR A 1 174 ? -13.719 7.625   3.144   1.00 13.27 ? 177 TYR A CB  1 
ATOM   1334 C  CG  . TYR A 1 174 ? -14.645 7.456   1.956   1.00 12.60 ? 177 TYR A CG  1 
ATOM   1335 C  CD1 . TYR A 1 174 ? -14.146 7.395   0.652   1.00 16.96 ? 177 TYR A CD1 1 
ATOM   1336 C  CD2 . TYR A 1 174 ? -16.004 7.296   2.141   1.00 16.14 ? 177 TYR A CD2 1 
ATOM   1337 C  CE1 . TYR A 1 174 ? -14.995 7.173   -0.430  1.00 16.76 ? 177 TYR A CE1 1 
ATOM   1338 C  CE2 . TYR A 1 174 ? -16.859 7.073   1.069   1.00 16.74 ? 177 TYR A CE2 1 
ATOM   1339 C  CZ  . TYR A 1 174 ? -16.356 7.008   -0.206  1.00 15.66 ? 177 TYR A CZ  1 
ATOM   1340 O  OH  . TYR A 1 174 ? -17.211 6.775   -1.260  1.00 18.88 ? 177 TYR A OH  1 
ATOM   1341 N  N   . PHE A 1 175 ? -10.803 7.986   4.297   1.00 10.23 ? 178 PHE A N   1 
ATOM   1342 C  CA  . PHE A 1 175 ? -9.924  8.374   5.400   1.00 10.01 ? 178 PHE A CA  1 
ATOM   1343 C  C   . PHE A 1 175 ? -10.676 9.273   6.358   1.00 11.96 ? 178 PHE A C   1 
ATOM   1344 O  O   . PHE A 1 175 ? -11.602 9.978   5.948   1.00 15.04 ? 178 PHE A O   1 
ATOM   1345 C  CB  . PHE A 1 175 ? -8.709  9.147   4.879   1.00 8.07  ? 178 PHE A CB  1 
ATOM   1346 C  CG  . PHE A 1 175 ? -7.704  8.300   4.164   1.00 6.53  ? 178 PHE A CG  1 
ATOM   1347 C  CD1 . PHE A 1 175 ? -6.810  7.532   4.878   1.00 6.56  ? 178 PHE A CD1 1 
ATOM   1348 C  CD2 . PHE A 1 175 ? -7.620  8.309   2.767   1.00 6.72  ? 178 PHE A CD2 1 
ATOM   1349 C  CE1 . PHE A 1 175 ? -5.838  6.779   4.220   1.00 8.83  ? 178 PHE A CE1 1 
ATOM   1350 C  CE2 . PHE A 1 175 ? -6.660  7.569   2.107   1.00 7.22  ? 178 PHE A CE2 1 
ATOM   1351 C  CZ  . PHE A 1 175 ? -5.772  6.807   2.822   1.00 5.79  ? 178 PHE A CZ  1 
ATOM   1352 N  N   . SER A 1 176 ? -10.261 9.291   7.621   1.00 10.45 ? 179 SER A N   1 
ATOM   1353 C  CA  . SER A 1 176 ? -10.914 10.145  8.620   1.00 9.84  ? 179 SER A CA  1 
ATOM   1354 C  C   . SER A 1 176 ? -10.351 11.560  8.525   1.00 7.88  ? 179 SER A C   1 
ATOM   1355 O  O   . SER A 1 176 ? -9.337  11.808  7.855   1.00 9.89  ? 179 SER A O   1 
ATOM   1356 C  CB  . SER A 1 176 ? -10.632 9.639   10.034  1.00 10.29 ? 179 SER A CB  1 
ATOM   1357 O  OG  . SER A 1 176 ? -9.254  9.781   10.300  1.00 11.85 ? 179 SER A OG  1 
ATOM   1358 N  N   . ASP A 1 177 ? -10.969 12.474  9.242   1.00 5.95  ? 180 ASP A N   1 
ATOM   1359 C  CA  . ASP A 1 177 ? -10.477 13.827  9.262   1.00 9.50  ? 180 ASP A CA  1 
ATOM   1360 C  C   . ASP A 1 177 ? -9.066  13.868  9.865   1.00 9.67  ? 180 ASP A C   1 
ATOM   1361 O  O   . ASP A 1 177 ? -8.225  14.676  9.454   1.00 10.73 ? 180 ASP A O   1 
ATOM   1362 C  CB  . ASP A 1 177 ? -11.445 14.738  10.043  1.00 13.13 ? 180 ASP A CB  1 
ATOM   1363 C  CG  . ASP A 1 177 ? -11.824 14.194  11.412  1.00 14.90 ? 180 ASP A CG  1 
ATOM   1364 O  OD1 . ASP A 1 177 ? -11.319 13.156  11.883  1.00 17.65 ? 180 ASP A OD1 1 
ATOM   1365 O  OD2 . ASP A 1 177 ? -12.671 14.828  12.048  1.00 22.37 ? 180 ASP A OD2 1 
ATOM   1366 N  N   . CYS A 1 178 ? -8.820  13.021  10.862  1.00 10.39 ? 181 CYS A N   1 
ATOM   1367 C  CA  . CYS A 1 178 ? -7.504  12.938  11.505  1.00 11.80 ? 181 CYS A CA  1 
ATOM   1368 C  C   . CYS A 1 178 ? -6.433  12.536  10.493  1.00 11.09 ? 181 CYS A C   1 
ATOM   1369 O  O   . CYS A 1 178 ? -5.326  13.121  10.499  1.00 12.73 ? 181 CYS A O   1 
ATOM   1370 C  CB  . CYS A 1 178 ? -7.517  11.956  12.680  1.00 11.15 ? 181 CYS A CB  1 
ATOM   1371 S  SG  . CYS A 1 178 ? -8.546  12.492  14.092  1.00 13.38 ? 181 CYS A SG  1 
ATOM   1372 N  N   . SER A 1 179 ? -6.780  11.587  9.604   1.00 9.11  ? 182 SER A N   1 
ATOM   1373 C  CA  . SER A 1 179 ? -5.855  11.093  8.578   1.00 7.14  ? 182 SER A CA  1 
ATOM   1374 C  C   . SER A 1 179 ? -5.526  12.211  7.594   1.00 9.14  ? 182 SER A C   1 
ATOM   1375 O  O   . SER A 1 179 ? -4.362  12.373  7.172   1.00 11.17 ? 182 SER A O   1 
ATOM   1376 C  CB  . SER A 1 179 ? -6.443  9.886   7.830   1.00 8.75  ? 182 SER A CB  1 
ATOM   1377 O  OG  . SER A 1 179 ? -6.695  8.775   8.690   1.00 11.63 ? 182 SER A OG  1 
ATOM   1378 N  N   . TYR A 1 180 ? -6.542  13.002  7.250   1.00 10.11 ? 183 TYR A N   1 
ATOM   1379 C  CA  . TYR A 1 180 ? -6.358  14.119  6.321   1.00 10.13 ? 183 TYR A CA  1 
ATOM   1380 C  C   . TYR A 1 180 ? -5.335  15.079  6.931   1.00 11.42 ? 183 TYR A C   1 
ATOM   1381 O  O   . TYR A 1 180 ? -4.326  15.429  6.289   1.00 13.16 ? 183 TYR A O   1 
ATOM   1382 C  CB  . TYR A 1 180 ? -7.706  14.830  6.067   1.00 11.46 ? 183 TYR A CB  1 
ATOM   1383 C  CG  . TYR A 1 180 ? -7.650  16.030  5.133   1.00 13.84 ? 183 TYR A CG  1 
ATOM   1384 C  CD1 . TYR A 1 180 ? -7.098  17.247  5.548   1.00 16.02 ? 183 TYR A CD1 1 
ATOM   1385 C  CD2 . TYR A 1 180 ? -8.166  15.956  3.844   1.00 15.79 ? 183 TYR A CD2 1 
ATOM   1386 C  CE1 . TYR A 1 180 ? -7.059  18.348  4.714   1.00 14.95 ? 183 TYR A CE1 1 
ATOM   1387 C  CE2 . TYR A 1 180 ? -8.137  17.052  2.998   1.00 17.11 ? 183 TYR A CE2 1 
ATOM   1388 C  CZ  . TYR A 1 180 ? -7.583  18.243  3.438   1.00 19.64 ? 183 TYR A CZ  1 
ATOM   1389 O  OH  . TYR A 1 180 ? -7.567  19.337  2.593   1.00 26.40 ? 183 TYR A OH  1 
ATOM   1390 N  N   . ILE A 1 181 ? -5.577  15.466  8.181   1.00 11.69 ? 184 ILE A N   1 
ATOM   1391 C  CA  . ILE A 1 181 ? -4.709  16.397  8.895   1.00 11.59 ? 184 ILE A CA  1 
ATOM   1392 C  C   . ILE A 1 181 ? -3.246  15.954  8.945   1.00 10.48 ? 184 ILE A C   1 
ATOM   1393 O  O   . ILE A 1 181 ? -2.359  16.711  8.586   1.00 12.36 ? 184 ILE A O   1 
ATOM   1394 C  CB  . ILE A 1 181 ? -5.201  16.593  10.360  1.00 14.69 ? 184 ILE A CB  1 
ATOM   1395 C  CG1 . ILE A 1 181 ? -6.695  16.924  10.387  1.00 15.87 ? 184 ILE A CG1 1 
ATOM   1396 C  CG2 . ILE A 1 181 ? -4.412  17.718  11.050  1.00 13.31 ? 184 ILE A CG2 1 
ATOM   1397 C  CD1 . ILE A 1 181 ? -7.029  18.331  9.932   1.00 18.95 ? 184 ILE A CD1 1 
ATOM   1398 N  N   . GLN A 1 182 ? -3.006  14.719  9.379   1.00 9.64  ? 185 GLN A N   1 
ATOM   1399 C  CA  . GLN A 1 182 ? -1.648  14.191  9.535   1.00 11.33 ? 185 GLN A CA  1 
ATOM   1400 C  C   . GLN A 1 182 ? -0.903  14.109  8.227   1.00 11.48 ? 185 GLN A C   1 
ATOM   1401 O  O   . GLN A 1 182 ? 0.296   14.397  8.166   1.00 10.91 ? 185 GLN A O   1 
ATOM   1402 C  CB  . GLN A 1 182 ? -1.685  12.794  10.155  1.00 11.06 ? 185 GLN A CB  1 
ATOM   1403 C  CG  . GLN A 1 182 ? -2.456  12.739  11.457  1.00 10.85 ? 185 GLN A CG  1 
ATOM   1404 C  CD  . GLN A 1 182 ? -2.419  11.376  12.103  1.00 11.24 ? 185 GLN A CD  1 
ATOM   1405 O  OE1 . GLN A 1 182 ? -1.401  10.715  12.115  1.00 16.47 ? 185 GLN A OE1 1 
ATOM   1406 N  NE2 . GLN A 1 182 ? -3.525  10.969  12.657  1.00 14.09 ? 185 GLN A NE2 1 
ATOM   1407 N  N   . CYS A 1 183 ? -1.624  13.651  7.206   1.00 11.61 ? 186 CYS A N   1 
ATOM   1408 C  CA  . CYS A 1 183 ? -1.093  13.500  5.858   1.00 12.07 ? 186 CYS A CA  1 
ATOM   1409 C  C   . CYS A 1 183 ? -0.697  14.848  5.258   1.00 11.76 ? 186 CYS A C   1 
ATOM   1410 O  O   . CYS A 1 183 ? 0.431   15.011  4.778   1.00 10.36 ? 186 CYS A O   1 
ATOM   1411 C  CB  . CYS A 1 183 ? -2.136  12.829  4.964   1.00 12.43 ? 186 CYS A CB  1 
ATOM   1412 S  SG  . CYS A 1 183 ? -1.608  12.637  3.269   1.00 19.95 ? 186 CYS A SG  1 
ATOM   1413 N  N   . ARG A 1 184 ? -1.606  15.823  5.311   1.00 12.27 ? 187 ARG A N   1 
ATOM   1414 C  CA  . ARG A 1 184 ? -1.305  17.136  4.759   1.00 11.82 ? 187 ARG A CA  1 
ATOM   1415 C  C   . ARG A 1 184 ? -0.228  17.848  5.605   1.00 13.40 ? 187 ARG A C   1 
ATOM   1416 O  O   . ARG A 1 184 ? 0.600   18.593  5.064   1.00 11.65 ? 187 ARG A O   1 
ATOM   1417 C  CB  . ARG A 1 184 ? -2.587  17.973  4.592   1.00 10.42 ? 187 ARG A CB  1 
ATOM   1418 C  CG  . ARG A 1 184 ? -3.611  17.379  3.591   1.00 10.47 ? 187 ARG A CG  1 
ATOM   1419 C  CD  . ARG A 1 184 ? -2.958  16.970  2.257   1.00 10.06 ? 187 ARG A CD  1 
ATOM   1420 N  NE  . ARG A 1 184 ? -2.142  18.047  1.678   1.00 14.67 ? 187 ARG A NE  1 
ATOM   1421 C  CZ  . ARG A 1 184 ? -1.908  18.230  0.376   1.00 12.05 ? 187 ARG A CZ  1 
ATOM   1422 N  NH1 . ARG A 1 184 ? -2.428  17.410  -0.539  1.00 12.32 ? 187 ARG A NH1 1 
ATOM   1423 N  NH2 . ARG A 1 184 ? -1.144  19.234  -0.014  1.00 10.26 ? 187 ARG A NH2 1 
ATOM   1424 N  N   . ASP A 1 185 ? -0.190  17.573  6.911   1.00 15.86 ? 188 ASP A N   1 
ATOM   1425 C  CA  . ASP A 1 185 ? 0.834   18.173  7.792   1.00 19.86 ? 188 ASP A CA  1 
ATOM   1426 C  C   . ASP A 1 185 ? 2.238   17.636  7.434   1.00 16.46 ? 188 ASP A C   1 
ATOM   1427 O  O   . ASP A 1 185 ? 3.209   18.386  7.414   1.00 15.43 ? 188 ASP A O   1 
ATOM   1428 C  CB  . ASP A 1 185 ? 0.505   17.900  9.270   1.00 28.45 ? 188 ASP A CB  1 
ATOM   1429 C  CG  . ASP A 1 185 ? 0.900   19.060  10.198  1.00 40.11 ? 188 ASP A CG  1 
ATOM   1430 O  OD1 . ASP A 1 185 ? 2.092   19.481  10.189  1.00 46.58 ? 188 ASP A OD1 1 
ATOM   1431 O  OD2 . ASP A 1 185 ? 0.014   19.550  10.954  1.00 43.99 ? 188 ASP A OD2 1 
ATOM   1432 N  N   . TYR A 1 186 ? 2.331   16.337  7.129   1.00 15.37 ? 189 TYR A N   1 
ATOM   1433 C  CA  . TYR A 1 186 ? 3.590   15.705  6.704   1.00 16.34 ? 189 TYR A CA  1 
ATOM   1434 C  C   . TYR A 1 186 ? 4.057   16.312  5.373   1.00 18.38 ? 189 TYR A C   1 
ATOM   1435 O  O   . TYR A 1 186 ? 5.233   16.656  5.198   1.00 17.08 ? 189 TYR A O   1 
ATOM   1436 C  CB  . TYR A 1 186 ? 3.380   14.196  6.505   1.00 17.42 ? 189 TYR A CB  1 
ATOM   1437 C  CG  . TYR A 1 186 ? 4.532   13.461  5.812   1.00 14.88 ? 189 TYR A CG  1 
ATOM   1438 C  CD1 . TYR A 1 186 ? 5.755   13.285  6.445   1.00 15.10 ? 189 TYR A CD1 1 
ATOM   1439 C  CD2 . TYR A 1 186 ? 4.367   12.886  4.538   1.00 16.99 ? 189 TYR A CD2 1 
ATOM   1440 C  CE1 . TYR A 1 186 ? 6.794   12.547  5.834   1.00 17.46 ? 189 TYR A CE1 1 
ATOM   1441 C  CE2 . TYR A 1 186 ? 5.392   12.151  3.926   1.00 14.49 ? 189 TYR A CE2 1 
ATOM   1442 C  CZ  . TYR A 1 186 ? 6.600   11.990  4.584   1.00 13.23 ? 189 TYR A CZ  1 
ATOM   1443 O  OH  . TYR A 1 186 ? 7.615   11.282  3.993   1.00 15.44 ? 189 TYR A OH  1 
ATOM   1444 N  N   . ILE A 1 187 ? 3.130   16.419  4.424   1.00 16.41 ? 190 ILE A N   1 
ATOM   1445 C  CA  . ILE A 1 187 ? 3.435   16.988  3.126   1.00 17.81 ? 190 ILE A CA  1 
ATOM   1446 C  C   . ILE A 1 187 ? 3.981   18.390  3.375   1.00 18.97 ? 190 ILE A C   1 
ATOM   1447 O  O   . ILE A 1 187 ? 5.017   18.771  2.834   1.00 18.36 ? 190 ILE A O   1 
ATOM   1448 C  CB  . ILE A 1 187 ? 2.162   17.158  2.254   1.00 18.55 ? 190 ILE A CB  1 
ATOM   1449 C  CG1 . ILE A 1 187 ? 1.524   15.803  1.925   1.00 16.79 ? 190 ILE A CG1 1 
ATOM   1450 C  CG2 . ILE A 1 187 ? 2.518   17.939  0.992   1.00 17.72 ? 190 ILE A CG2 1 
ATOM   1451 C  CD1 . ILE A 1 187 ? 2.479   14.845  1.333   1.00 23.00 ? 190 ILE A CD1 1 
ATOM   1452 N  N   . SER A 1 188 ? 3.267   19.143  4.203   1.00 19.26 ? 191 SER A N   1 
ATOM   1453 C  CA  . SER A 1 188 ? 3.632   20.510  4.513   1.00 21.84 ? 191 SER A CA  1 
ATOM   1454 C  C   . SER A 1 188 ? 5.037   20.605  5.064   1.00 21.31 ? 191 SER A C   1 
ATOM   1455 O  O   . SER A 1 188 ? 5.881   21.327  4.516   1.00 22.08 ? 191 SER A O   1 
ATOM   1456 C  CB  . SER A 1 188 ? 2.611   21.107  5.499   1.00 22.71 ? 191 SER A CB  1 
ATOM   1457 O  OG  . SER A 1 188 ? 3.030   22.369  5.975   1.00 30.59 ? 191 SER A OG  1 
ATOM   1458 N  N   . LYS A 1 189 ? 5.298   19.852  6.126   1.00 20.71 ? 192 LYS A N   1 
ATOM   1459 C  CA  . LYS A 1 189 ? 6.602   19.903  6.776   1.00 21.89 ? 192 LYS A CA  1 
ATOM   1460 C  C   . LYS A 1 189 ? 7.787   19.236  6.127   1.00 21.31 ? 192 LYS A C   1 
ATOM   1461 O  O   . LYS A 1 189 ? 8.877   19.796  6.136   1.00 21.72 ? 192 LYS A O   1 
ATOM   1462 C  CB  . LYS A 1 189 ? 6.502   19.489  8.234   1.00 19.62 ? 192 LYS A CB  1 
ATOM   1463 C  CG  . LYS A 1 189 ? 5.833   20.594  9.049   1.00 25.00 ? 192 LYS A CG  1 
ATOM   1464 C  CD  . LYS A 1 189 ? 5.885   20.295  10.525  1.00 28.35 ? 192 LYS A CD  1 
ATOM   1465 C  CE  . LYS A 1 189 ? 5.299   21.430  11.361  1.00 28.52 ? 192 LYS A CE  1 
ATOM   1466 N  NZ  . LYS A 1 189 ? 4.855   20.897  12.688  1.00 31.94 ? 192 LYS A NZ  1 
ATOM   1467 N  N   . GLU A 1 190 ? 7.591   18.056  5.566   1.00 20.96 ? 193 GLU A N   1 
ATOM   1468 C  CA  . GLU A 1 190 ? 8.668   17.327  4.921   1.00 22.52 ? 193 GLU A CA  1 
ATOM   1469 C  C   . GLU A 1 190 ? 8.759   17.640  3.424   1.00 21.42 ? 193 GLU A C   1 
ATOM   1470 O  O   . GLU A 1 190 ? 9.816   17.620  2.824   1.00 21.21 ? 193 GLU A O   1 
ATOM   1471 C  CB  . GLU A 1 190 ? 8.459   15.837  5.147   1.00 24.76 ? 193 GLU A CB  1 
ATOM   1472 C  CG  . GLU A 1 190 ? 8.481   15.485  6.622   1.00 29.54 ? 193 GLU A CG  1 
ATOM   1473 C  CD  . GLU A 1 190 ? 9.880   15.276  7.169   1.00 33.85 ? 193 GLU A CD  1 
ATOM   1474 O  OE1 . GLU A 1 190 ? 10.616  16.270  7.393   1.00 36.40 ? 193 GLU A OE1 1 
ATOM   1475 O  OE2 . GLU A 1 190 ? 10.251  14.099  7.370   1.00 38.45 ? 193 GLU A OE2 1 
ATOM   1476 N  N   . ASN A 1 191 ? 7.612   17.968  2.836   1.00 21.23 ? 194 ASN A N   1 
ATOM   1477 C  CA  . ASN A 1 191 ? 7.508   18.287  1.401   1.00 21.59 ? 194 ASN A CA  1 
ATOM   1478 C  C   . ASN A 1 191 ? 8.332   17.335  0.514   1.00 20.69 ? 194 ASN A C   1 
ATOM   1479 O  O   . ASN A 1 191 ? 9.180   17.778  -0.272  1.00 19.89 ? 194 ASN A O   1 
ATOM   1480 C  CB  . ASN A 1 191 ? 7.848   19.786  1.158   1.00 21.25 ? 194 ASN A CB  1 
ATOM   1481 C  CG  . ASN A 1 191 ? 7.254   20.338  -0.128  1.00 21.55 ? 194 ASN A CG  1 
ATOM   1482 O  OD1 . ASN A 1 191 ? 6.412   19.725  -0.768  1.00 20.75 ? 194 ASN A OD1 1 
ATOM   1483 N  ND2 . ASN A 1 191 ? 7.681   21.534  -0.491  1.00 21.70 ? 194 ASN A ND2 1 
ATOM   1484 N  N   . PRO A 1 192 ? 8.021   16.015  0.558   1.00 19.23 ? 195 PRO A N   1 
ATOM   1485 C  CA  . PRO A 1 192 ? 8.724   14.997  -0.237  1.00 17.38 ? 195 PRO A CA  1 
ATOM   1486 C  C   . PRO A 1 192 ? 8.696   15.451  -1.674  1.00 13.40 ? 195 PRO A C   1 
ATOM   1487 O  O   . PRO A 1 192 ? 7.650   15.448  -2.286  1.00 13.51 ? 195 PRO A O   1 
ATOM   1488 C  CB  . PRO A 1 192 ? 7.853   13.742  -0.057  1.00 16.88 ? 195 PRO A CB  1 
ATOM   1489 C  CG  . PRO A 1 192 ? 7.145   13.974  1.236   1.00 17.87 ? 195 PRO A CG  1 
ATOM   1490 C  CD  . PRO A 1 192 ? 6.804   15.441  1.159   1.00 18.64 ? 195 PRO A CD  1 
ATOM   1491 N  N   . PRO A 1 193 ? 9.849   15.776  -2.247  1.00 13.65 ? 196 PRO A N   1 
ATOM   1492 C  CA  . PRO A 1 193 ? 9.873   16.229  -3.639  1.00 12.76 ? 196 PRO A CA  1 
ATOM   1493 C  C   . PRO A 1 193 ? 9.380   15.260  -4.707  1.00 12.06 ? 196 PRO A C   1 
ATOM   1494 O  O   . PRO A 1 193 ? 8.870   15.699  -5.754  1.00 10.57 ? 196 PRO A O   1 
ATOM   1495 C  CB  . PRO A 1 193 ? 11.352  16.583  -3.874  1.00 14.52 ? 196 PRO A CB  1 
ATOM   1496 C  CG  . PRO A 1 193 ? 11.948  16.708  -2.482  1.00 15.12 ? 196 PRO A CG  1 
ATOM   1497 C  CD  . PRO A 1 193 ? 11.209  15.684  -1.685  1.00 14.13 ? 196 PRO A CD  1 
ATOM   1498 N  N   . CYS A 1 194 ? 9.499   13.955  -4.480  1.00 10.11 ? 197 CYS A N   1 
ATOM   1499 C  CA  . CYS A 1 194 ? 9.075   13.039  -5.539  1.00 9.13  ? 197 CYS A CA  1 
ATOM   1500 C  C   . CYS A 1 194 ? 7.584   13.037  -5.883  1.00 7.90  ? 197 CYS A C   1 
ATOM   1501 O  O   . CYS A 1 194 ? 7.193   12.587  -6.966  1.00 8.39  ? 197 CYS A O   1 
ATOM   1502 C  CB  . CYS A 1 194 ? 9.584   11.608  -5.308  1.00 12.27 ? 197 CYS A CB  1 
ATOM   1503 S  SG  . CYS A 1 194 ? 8.729   10.676  -4.015  1.00 12.19 ? 197 CYS A SG  1 
ATOM   1504 N  N   . ILE A 1 195 ? 6.753   13.581  -5.006  1.00 8.87  ? 198 ILE A N   1 
ATOM   1505 C  CA  . ILE A 1 195 ? 5.318   13.604  -5.296  1.00 9.89  ? 198 ILE A CA  1 
ATOM   1506 C  C   . ILE A 1 195 ? 4.808   14.991  -5.730  1.00 11.24 ? 198 ILE A C   1 
ATOM   1507 O  O   . ILE A 1 195 ? 3.604   15.299  -5.675  1.00 12.52 ? 198 ILE A O   1 
ATOM   1508 C  CB  . ILE A 1 195 ? 4.516   13.067  -4.108  1.00 11.17 ? 198 ILE A CB  1 
ATOM   1509 C  CG1 . ILE A 1 195 ? 4.761   13.937  -2.868  1.00 13.92 ? 198 ILE A CG1 1 
ATOM   1510 C  CG2 . ILE A 1 195 ? 4.898   11.609  -3.874  1.00 13.11 ? 198 ILE A CG2 1 
ATOM   1511 C  CD1 . ILE A 1 195 ? 3.967   13.518  -1.642  1.00 19.02 ? 198 ILE A CD1 1 
ATOM   1512 N  N   . LEU A 1 196 ? 5.736   15.817  -6.178  1.00 13.15 ? 199 LEU A N   1 
ATOM   1513 C  CA  . LEU A 1 196 ? 5.437   17.160  -6.640  1.00 14.66 ? 199 LEU A CA  1 
ATOM   1514 C  C   . LEU A 1 196 ? 5.134   17.126  -8.136  1.00 16.58 ? 199 LEU A C   1 
ATOM   1515 O  O   . LEU A 1 196 ? 4.269   17.834  -8.628  1.00 19.78 ? 199 LEU A O   1 
ATOM   1516 C  CB  . LEU A 1 196 ? 6.671   18.018  -6.404  1.00 15.35 ? 199 LEU A CB  1 
ATOM   1517 C  CG  . LEU A 1 196 ? 6.706   19.255  -5.508  1.00 20.34 ? 199 LEU A CG  1 
ATOM   1518 C  CD1 . LEU A 1 196 ? 5.534   19.368  -4.590  1.00 19.91 ? 199 LEU A CD1 1 
ATOM   1519 C  CD2 . LEU A 1 196 ? 8.018   19.250  -4.735  1.00 20.26 ? 199 LEU A CD2 1 
ATOM   1520 N  N   . ASN A 1 197 ? 5.848   16.284  -8.860  1.00 19.13 ? 200 ASN A N   1 
ATOM   1521 C  CA  . ASN A 1 197 ? 5.697   16.176  -10.312 1.00 23.08 ? 200 ASN A CA  1 
ATOM   1522 C  C   . ASN A 1 197 ? 4.452   15.432  -10.803 1.00 23.92 ? 200 ASN A C   1 
ATOM   1523 O  O   . ASN A 1 197 ? 4.061   14.437  -10.162 1.00 25.58 ? 200 ASN A O   1 
ATOM   1524 C  CB  . ASN A 1 197 ? 6.943   15.516  -10.915 1.00 22.72 ? 200 ASN A CB  1 
ATOM   1525 C  CG  . ASN A 1 197 ? 6.913   13.988  -10.813 1.00 23.57 ? 200 ASN A CG  1 
ATOM   1526 O  OD1 . ASN A 1 197 ? 7.080   13.404  -9.723  1.00 21.51 ? 200 ASN A OD1 1 
ATOM   1527 N  ND2 . ASN A 1 197 ? 6.686   13.331  -11.949 1.00 22.37 ? 200 ASN A ND2 1 
ATOM   1528 O  OXT . ASN A 1 197 ? 3.949   15.802  -11.888 1.00 26.34 ? 200 ASN A OXT 1 
HETATM 1529 ZN ZN  . ZN  B 2 .   ? -1.520  0.586   10.638  1.00 10.45 ? 800 ZN  A ZN  1 
HETATM 1530 CA CA  . CA  C 3 .   ? 6.876   11.125  -8.774  1.00 9.35  ? 900 CA  A CA  1 
HETATM 1531 O  O   . HOH D 4 .   ? 13.440  -11.982 3.358   1.00 23.59 ? 401 HOH A O   1 
HETATM 1532 O  O   . HOH D 4 .   ? 5.526   17.228  -1.599  1.00 14.35 ? 402 HOH A O   1 
HETATM 1533 O  O   . HOH D 4 .   ? 2.508   19.801  -7.148  1.00 34.29 ? 403 HOH A O   1 
HETATM 1534 O  O   . HOH D 4 .   ? 0.540   22.130  -6.004  1.00 38.32 ? 404 HOH A O   1 
HETATM 1535 O  O   . HOH D 4 .   ? -21.373 -5.493  10.262  1.00 24.98 ? 405 HOH A O   1 
HETATM 1536 O  O   . HOH D 4 .   ? -11.253 4.415   12.195  1.00 11.50 ? 406 HOH A O   1 
HETATM 1537 O  O   . HOH D 4 .   ? -10.949 9.423   1.793   1.00 11.54 ? 407 HOH A O   1 
HETATM 1538 O  O   . HOH D 4 .   ? -8.440  15.434  -5.584  1.00 26.30 ? 408 HOH A O   1 
HETATM 1539 O  O   . HOH D 4 .   ? -8.650  7.225   8.513   1.00 14.47 ? 409 HOH A O   1 
HETATM 1540 O  O   . HOH D 4 .   ? -5.516  8.883   11.202  1.00 12.04 ? 410 HOH A O   1 
HETATM 1541 O  O   . HOH D 4 .   ? -13.607 0.056   -7.321  1.00 19.05 ? 411 HOH A O   1 
HETATM 1542 O  O   . HOH D 4 .   ? -12.489 -2.640  -3.715  1.00 15.46 ? 412 HOH A O   1 
HETATM 1543 O  O   . HOH D 4 .   ? 8.238   0.585   11.737  1.00 29.88 ? 413 HOH A O   1 
HETATM 1544 O  O   . HOH D 4 .   ? 5.019   -11.371 11.064  1.00 22.12 ? 414 HOH A O   1 
HETATM 1545 O  O   . HOH D 4 .   ? 5.875   -16.086 -2.230  1.00 7.25  ? 415 HOH A O   1 
HETATM 1546 O  O   . HOH D 4 .   ? 14.323  -1.360  3.520   1.00 14.73 ? 416 HOH A O   1 
HETATM 1547 O  O   . HOH D 4 .   ? 3.877   0.052   -16.946 1.00 33.83 ? 417 HOH A O   1 
HETATM 1548 O  O   . HOH D 4 .   ? 7.740   -18.174 0.773   1.00 46.68 ? 418 HOH A O   1 
HETATM 1549 O  O   . HOH D 4 .   ? 17.275  -1.674  5.144   1.00 21.82 ? 419 HOH A O   1 
HETATM 1550 O  O   . HOH D 4 .   ? 7.310   -18.957 -2.939  1.00 42.18 ? 420 HOH A O   1 
HETATM 1551 O  O   . HOH D 4 .   ? 15.724  -8.857  5.849   1.00 28.78 ? 421 HOH A O   1 
HETATM 1552 O  O   . HOH D 4 .   ? 9.711   -14.363 -11.507 1.00 27.20 ? 422 HOH A O   1 
HETATM 1553 O  O   . HOH D 4 .   ? 22.412  0.433   5.807   1.00 33.97 ? 423 HOH A O   1 
HETATM 1554 O  O   . HOH D 4 .   ? 16.715  -8.119  -1.461  1.00 29.07 ? 424 HOH A O   1 
HETATM 1555 O  O   . HOH D 4 .   ? -2.672  -20.085 -0.796  1.00 51.52 ? 425 HOH A O   1 
HETATM 1556 O  O   . HOH D 4 .   ? -17.792 3.974   11.057  1.00 41.13 ? 426 HOH A O   1 
HETATM 1557 O  O   . HOH D 4 .   ? 10.925  8.238   9.794   1.00 40.83 ? 427 HOH A O   1 
HETATM 1558 O  O   . HOH D 4 .   ? -11.751 16.701  1.484   1.00 35.33 ? 428 HOH A O   1 
HETATM 1559 O  O   . HOH D 4 .   ? -16.531 0.644   2.666   1.00 28.86 ? 429 HOH A O   1 
HETATM 1560 O  O   . HOH D 4 .   ? 13.474  8.107   4.989   1.00 33.64 ? 430 HOH A O   1 
HETATM 1561 O  O   . HOH D 4 .   ? -12.022 6.435   16.241  1.00 39.40 ? 431 HOH A O   1 
HETATM 1562 O  O   . HOH D 4 .   ? -1.257  -22.584 -3.518  1.00 21.27 ? 432 HOH A O   1 
HETATM 1563 O  O   . HOH D 4 .   ? -2.844  22.463  -7.350  1.00 37.10 ? 433 HOH A O   1 
HETATM 1564 O  O   . HOH D 4 .   ? -15.586 2.803   -6.130  1.00 35.86 ? 434 HOH A O   1 
HETATM 1565 O  O   . HOH D 4 .   ? -10.178 3.384   17.035  1.00 40.41 ? 435 HOH A O   1 
HETATM 1566 O  O   . HOH D 4 .   ? -11.077 0.062   17.365  1.00 33.25 ? 436 HOH A O   1 
HETATM 1567 O  O   . HOH D 4 .   ? -15.010 0.225   -3.406  1.00 40.18 ? 437 HOH A O   1 
HETATM 1568 O  O   . HOH D 4 .   ? -15.105 -3.335  -4.649  1.00 25.96 ? 438 HOH A O   1 
HETATM 1569 O  O   . HOH D 4 .   ? -17.088 -13.840 -1.255  1.00 32.16 ? 439 HOH A O   1 
HETATM 1570 O  O   . HOH D 4 .   ? -15.508 -5.463  -2.734  1.00 14.90 ? 440 HOH A O   1 
HETATM 1571 O  O   . HOH D 4 .   ? -6.311  9.766   -6.333  1.00 6.00  ? 441 HOH A O   1 
HETATM 1572 O  O   . HOH D 4 .   ? -13.014 -11.197 9.073   1.00 33.44 ? 442 HOH A O   1 
HETATM 1573 O  O   . HOH D 4 .   ? -15.716 -13.402 -5.984  1.00 42.55 ? 443 HOH A O   1 
HETATM 1574 O  O   . HOH D 4 .   ? 3.974   18.933  -15.521 1.00 44.47 ? 444 HOH A O   1 
HETATM 1575 O  O   . HOH D 4 .   ? -6.161  -13.651 7.504   1.00 38.63 ? 445 HOH A O   1 
HETATM 1576 O  O   . HOH D 4 .   ? 16.328  1.144   -17.826 1.00 39.29 ? 446 HOH A O   1 
HETATM 1577 O  O   . HOH D 4 .   ? 11.915  6.076   8.249   1.00 41.89 ? 447 HOH A O   1 
HETATM 1578 O  O   . HOH D 4 .   ? 0.012   -20.170 -3.223  1.00 24.52 ? 448 HOH A O   1 
HETATM 1579 O  O   . HOH D 4 .   ? 1.032   -15.644 -14.591 1.00 26.72 ? 449 HOH A O   1 
HETATM 1580 O  O   . HOH D 4 .   ? 9.724   4.367   -15.728 1.00 27.61 ? 450 HOH A O   1 
HETATM 1581 O  O   . HOH D 4 .   ? 2.395   -18.099 10.774  1.00 65.62 ? 451 HOH A O   1 
HETATM 1582 O  O   . HOH D 4 .   ? 10.285  -16.413 -1.183  1.00 37.46 ? 452 HOH A O   1 
HETATM 1583 O  O   . HOH D 4 .   ? 13.950  -17.327 4.491   1.00 39.63 ? 453 HOH A O   1 
HETATM 1584 O  O   . HOH D 4 .   ? 21.056  1.120   2.237   1.00 36.22 ? 454 HOH A O   1 
HETATM 1585 O  O   . HOH D 4 .   ? -8.662  5.277   -11.362 1.00 47.38 ? 455 HOH A O   1 
HETATM 1586 O  O   . HOH D 4 .   ? 23.991  -4.985  -5.703  1.00 42.29 ? 456 HOH A O   1 
HETATM 1587 O  O   . HOH D 4 .   ? 20.107  -7.251  10.309  1.00 42.45 ? 457 HOH A O   1 
HETATM 1588 O  O   . HOH D 4 .   ? 23.128  -0.780  -3.132  1.00 37.33 ? 458 HOH A O   1 
HETATM 1589 O  O   . HOH D 4 .   ? 16.649  -10.909 -6.949  1.00 39.27 ? 459 HOH A O   1 
HETATM 1590 O  O   . HOH D 4 .   ? 7.452   23.865  1.970   1.00 43.74 ? 460 HOH A O   1 
HETATM 1591 O  O   . HOH D 4 .   ? -17.701 14.413  13.170  1.00 45.20 ? 461 HOH A O   1 
HETATM 1592 O  O   . HOH D 4 .   ? -16.631 15.752  15.422  1.00 46.68 ? 462 HOH A O   1 
HETATM 1593 O  O   . HOH D 4 .   ? -12.547 15.568  17.189  1.00 41.35 ? 463 HOH A O   1 
HETATM 1594 O  O   . HOH D 4 .   ? -23.357 0.057   11.735  1.00 25.47 ? 464 HOH A O   1 
HETATM 1595 O  O   . HOH D 4 .   ? -19.961 7.799   2.306   1.00 46.80 ? 465 HOH A O   1 
HETATM 1596 O  O   . HOH D 4 .   ? -14.286 13.947  8.559   1.00 45.65 ? 466 HOH A O   1 
HETATM 1597 O  O   . HOH D 4 .   ? -19.083 9.793   3.909   1.00 44.75 ? 467 HOH A O   1 
HETATM 1598 O  O   . HOH D 4 .   ? -14.543 16.866  0.154   1.00 51.64 ? 468 HOH A O   1 
HETATM 1599 O  O   . HOH D 4 .   ? -0.288  24.387  -2.269  1.00 41.74 ? 469 HOH A O   1 
HETATM 1600 O  O   . HOH D 4 .   ? -11.478 14.188  4.664   1.00 39.64 ? 470 HOH A O   1 
HETATM 1601 O  O   . HOH D 4 .   ? -12.414 11.440  3.580   1.00 28.71 ? 471 HOH A O   1 
HETATM 1602 O  O   . HOH D 4 .   ? -17.290 -2.361  -1.760  1.00 36.19 ? 472 HOH A O   1 
HETATM 1603 O  O   . HOH D 4 .   ? 14.473  6.503   -11.774 1.00 66.24 ? 473 HOH A O   1 
HETATM 1604 O  O   . HOH D 4 .   ? -14.629 -8.718  -4.101  1.00 39.59 ? 474 HOH A O   1 
HETATM 1605 O  O   . HOH D 4 .   ? -11.919 20.363  -3.053  1.00 29.67 ? 475 HOH A O   1 
HETATM 1606 O  O   . HOH D 4 .   ? 2.462   -21.033 3.189   1.00 53.69 ? 476 HOH A O   1 
HETATM 1607 O  O   . HOH D 4 .   ? -6.527  3.370   18.190  1.00 34.48 ? 477 HOH A O   1 
HETATM 1608 O  O   . HOH D 4 .   ? -10.166 -16.416 -10.277 1.00 34.25 ? 478 HOH A O   1 
HETATM 1609 O  O   . HOH D 4 .   ? -15.689 -14.159 4.704   1.00 32.57 ? 479 HOH A O   1 
HETATM 1610 O  O   . HOH D 4 .   ? -13.829 -11.990 4.864   1.00 37.35 ? 480 HOH A O   1 
HETATM 1611 O  O   . HOH D 4 .   ? -11.036 -11.940 5.684   1.00 29.85 ? 481 HOH A O   1 
HETATM 1612 O  O   . HOH D 4 .   ? -3.363  1.256   17.421  1.00 40.93 ? 482 HOH A O   1 
HETATM 1613 O  O   . HOH D 4 .   ? -5.371  5.825   -10.576 1.00 11.05 ? 483 HOH A O   1 
HETATM 1614 O  O   . HOH D 4 .   ? 1.857   16.146  -13.253 1.00 32.44 ? 484 HOH A O   1 
HETATM 1615 O  O   . HOH D 4 .   ? -2.635  -12.904 18.936  1.00 48.47 ? 485 HOH A O   1 
HETATM 1616 O  O   . HOH D 4 .   ? -12.072 -13.984 -6.609  1.00 54.22 ? 486 HOH A O   1 
HETATM 1617 O  O   . HOH D 4 .   ? -10.900 -11.144 -10.415 1.00 35.60 ? 487 HOH A O   1 
HETATM 1618 O  O   . HOH D 4 .   ? -8.691  -13.598 -1.988  1.00 25.80 ? 488 HOH A O   1 
HETATM 1619 O  O   . HOH D 4 .   ? -1.394  -14.455 10.484  1.00 28.72 ? 489 HOH A O   1 
HETATM 1620 O  O   . HOH D 4 .   ? 0.718   -7.900  16.076  1.00 32.75 ? 490 HOH A O   1 
HETATM 1621 O  O   . HOH D 4 .   ? 5.432   0.021   11.605  1.00 17.77 ? 491 HOH A O   1 
HETATM 1622 O  O   . HOH D 4 .   ? 2.325   -16.493 -17.063 1.00 42.36 ? 492 HOH A O   1 
HETATM 1623 O  O   . HOH D 4 .   ? 2.738   -11.960 -15.980 1.00 30.83 ? 493 HOH A O   1 
HETATM 1624 O  O   . HOH D 4 .   ? -1.414  -16.849 -17.881 1.00 29.83 ? 494 HOH A O   1 
HETATM 1625 O  O   . HOH D 4 .   ? 7.202   5.231   -15.138 1.00 22.17 ? 495 HOH A O   1 
HETATM 1626 O  O   . HOH D 4 .   ? 15.810  -7.939  9.614   1.00 37.53 ? 496 HOH A O   1 
HETATM 1627 O  O   . HOH D 4 .   ? 10.079  -16.278 8.877   1.00 34.47 ? 497 HOH A O   1 
HETATM 1628 O  O   . HOH D 4 .   ? 8.194   -20.910 1.111   1.00 48.61 ? 498 HOH A O   1 
HETATM 1629 O  O   . HOH D 4 .   ? 2.577   6.034   -15.879 1.00 37.18 ? 499 HOH A O   1 
HETATM 1630 O  O   . HOH D 4 .   ? 19.631  2.324   -1.171  1.00 30.36 ? 500 HOH A O   1 
HETATM 1631 O  O   . HOH D 4 .   ? 22.248  -2.721  5.634   1.00 45.38 ? 501 HOH A O   1 
HETATM 1632 O  O   . HOH D 4 .   ? 22.708  0.258   -7.546  1.00 32.53 ? 502 HOH A O   1 
HETATM 1633 O  O   . HOH D 4 .   ? 22.681  -2.488  -7.990  1.00 41.55 ? 503 HOH A O   1 
HETATM 1634 O  O   . HOH D 4 .   ? -11.867 -11.629 -13.032 1.00 34.44 ? 504 HOH A O   1 
HETATM 1635 O  O   . HOH D 4 .   ? -15.308 15.549  20.228  1.00 39.82 ? 505 HOH A O   1 
HETATM 1636 O  O   . HOH D 4 .   ? -18.286 12.847  5.001   1.00 58.50 ? 506 HOH A O   1 
HETATM 1637 O  O   . HOH D 4 .   ? 6.347   25.204  4.907   1.00 43.63 ? 507 HOH A O   1 
HETATM 1638 O  O   . HOH D 4 .   ? -14.384 14.207  14.260  1.00 18.42 ? 508 HOH A O   1 
HETATM 1639 O  O   . HOH D 4 .   ? -13.258 17.583  11.403  1.00 40.27 ? 509 HOH A O   1 
HETATM 1640 O  O   . HOH D 4 .   ? -15.236 6.883   21.091  1.00 47.63 ? 510 HOH A O   1 
HETATM 1641 O  O   . HOH D 4 .   ? -19.920 6.517   -0.195  1.00 27.18 ? 511 HOH A O   1 
HETATM 1642 O  O   . HOH D 4 .   ? -10.087 16.162  16.143  1.00 29.83 ? 512 HOH A O   1 
HETATM 1643 O  O   . HOH D 4 .   ? 11.412  10.047  3.337   1.00 47.37 ? 513 HOH A O   1 
HETATM 1644 O  O   . HOH D 4 .   ? -13.204 5.858   19.086  1.00 30.60 ? 514 HOH A O   1 
HETATM 1645 O  O   . HOH D 4 .   ? -17.655 4.571   -5.494  1.00 29.66 ? 515 HOH A O   1 
HETATM 1646 O  O   . HOH D 4 .   ? -19.894 -7.098  4.272   1.00 21.57 ? 516 HOH A O   1 
HETATM 1647 O  O   . HOH D 4 .   ? -18.142 -5.269  0.039   1.00 33.48 ? 517 HOH A O   1 
HETATM 1648 O  O   . HOH D 4 .   ? 12.463  7.389   -5.493  1.00 46.57 ? 518 HOH A O   1 
HETATM 1649 O  O   . HOH D 4 .   ? -14.543 -5.701  -6.430  1.00 51.89 ? 519 HOH A O   1 
HETATM 1650 O  O   . HOH D 4 .   ? -3.865  5.950   17.890  1.00 47.71 ? 520 HOH A O   1 
HETATM 1651 O  O   . HOH D 4 .   ? -12.287 -6.948  -8.716  1.00 43.05 ? 521 HOH A O   1 
HETATM 1652 O  O   . HOH D 4 .   ? -11.834 -13.760 9.053   1.00 48.36 ? 522 HOH A O   1 
HETATM 1653 O  O   . HOH D 4 .   ? -1.899  3.736   17.940  1.00 47.26 ? 523 HOH A O   1 
HETATM 1654 O  O   . HOH D 4 .   ? -7.205  -1.208  8.962   1.00 47.74 ? 524 HOH A O   1 
HETATM 1655 O  O   . HOH D 4 .   ? -2.890  -13.816 15.714  1.00 36.02 ? 525 HOH A O   1 
HETATM 1656 O  O   . HOH D 4 .   ? -10.998 -16.862 -13.456 1.00 31.58 ? 526 HOH A O   1 
HETATM 1657 O  O   . HOH D 4 .   ? -9.609  -9.984  6.896   1.00 39.28 ? 527 HOH A O   1 
HETATM 1658 O  O   . HOH D 4 .   ? 4.307   19.057  -12.735 1.00 46.69 ? 528 HOH A O   1 
HETATM 1659 O  O   . HOH D 4 .   ? -8.587  -12.187 7.466   1.00 37.18 ? 529 HOH A O   1 
HETATM 1660 O  O   . HOH D 4 .   ? 3.059   8.597   15.932  1.00 43.35 ? 530 HOH A O   1 
HETATM 1661 O  O   . HOH D 4 .   ? 5.129   10.073  14.854  1.00 33.20 ? 531 HOH A O   1 
HETATM 1662 O  O   . HOH D 4 .   ? -2.955  -14.264 12.530  1.00 33.41 ? 532 HOH A O   1 
HETATM 1663 O  O   . HOH D 4 .   ? -5.740  -14.861 10.360  1.00 43.63 ? 533 HOH A O   1 
HETATM 1664 O  O   . HOH D 4 .   ? -3.901  -15.678 0.673   1.00 27.92 ? 534 HOH A O   1 
HETATM 1665 O  O   . HOH D 4 .   ? 1.113   -17.191 13.682  1.00 37.78 ? 535 HOH A O   1 
HETATM 1666 O  O   . HOH D 4 .   ? 9.071   2.798   10.583  1.00 34.26 ? 536 HOH A O   1 
HETATM 1667 O  O   . HOH D 4 .   ? -18.919 -0.517  5.069   1.00 33.96 ? 537 HOH A O   1 
HETATM 1668 O  O   . HOH D 4 .   ? 9.663   -1.184  10.064  1.00 33.98 ? 538 HOH A O   1 
HETATM 1669 O  O   . HOH D 4 .   ? 2.315   -18.807 5.108   1.00 39.91 ? 539 HOH A O   1 
HETATM 1670 O  O   . HOH D 4 .   ? 6.077   -6.769  -15.387 1.00 47.09 ? 540 HOH A O   1 
HETATM 1671 O  O   . HOH D 4 .   ? 2.302   -8.745  -17.208 1.00 41.11 ? 541 HOH A O   1 
HETATM 1672 O  O   . HOH D 4 .   ? 9.374   9.283   -11.882 1.00 41.52 ? 542 HOH A O   1 
HETATM 1673 O  O   . HOH D 4 .   ? 3.960   7.108   -13.575 1.00 40.97 ? 543 HOH A O   1 
HETATM 1674 O  O   . HOH D 4 .   ? 3.275   13.664  -13.534 1.00 46.05 ? 544 HOH A O   1 
HETATM 1675 O  O   . HOH D 4 .   ? 15.607  -11.797 0.036   1.00 28.84 ? 545 HOH A O   1 
HETATM 1676 O  O   . HOH D 4 .   ? -12.268 -10.541 -15.562 1.00 34.67 ? 546 HOH A O   1 
HETATM 1677 O  O   . HOH D 4 .   ? 19.514  -8.524  -8.073  1.00 48.89 ? 547 HOH A O   1 
HETATM 1678 O  O   . HOH D 4 .   ? 20.947  -0.016  -2.183  1.00 47.82 ? 548 HOH A O   1 
HETATM 1679 O  O   . HOH D 4 .   ? 10.218  -20.938 -8.529  1.00 32.17 ? 549 HOH A O   1 
HETATM 1680 O  O   . HOH D 4 .   ? 7.702   -22.112 -5.162  1.00 35.49 ? 550 HOH A O   1 
HETATM 1681 O  O   . HOH D 4 .   ? -0.021  3.984   13.791  1.00 49.40 ? 551 HOH A O   1 
HETATM 1682 O  O   . HOH D 4 .   ? 2.725   -1.076  9.916   1.00 15.54 ? 552 HOH A O   1 
HETATM 1683 O  O   . HOH D 4 .   ? 2.019   1.417   13.910  1.00 34.30 ? 553 HOH A O   1 
HETATM 1684 O  O   . HOH D 4 .   ? 3.235   1.405   11.505  1.00 41.20 ? 554 HOH A O   1 
HETATM 1685 O  O   . HOH D 4 .   ? -4.602  -2.505  9.527   1.00 41.66 ? 555 HOH A O   1 
HETATM 1686 O  O   . HOH D 4 .   ? -3.890  -4.219  11.246  1.00 45.53 ? 556 HOH A O   1 
HETATM 1687 O  O   . HOH D 4 .   ? -2.129  -6.148  10.063  1.00 37.42 ? 557 HOH A O   1 
HETATM 1688 O  O   . HOH D 4 .   ? 0.871   -3.696  11.990  1.00 30.85 ? 558 HOH A O   1 
HETATM 1689 O  O   . HOH D 4 .   ? 3.866   -1.380  13.678  1.00 46.79 ? 559 HOH A O   1 
HETATM 1690 O  O   . HOH D 4 .   ? 0.784   -4.241  16.095  1.00 32.72 ? 560 HOH A O   1 
HETATM 1691 O  O   . HOH D 4 .   ? -0.693  -1.498  10.590  1.00 22.04 ? 561 HOH A O   1 
HETATM 1692 O  O   . HOH D 4 .   ? 4.824   12.190  -8.927  1.00 9.43  ? 562 HOH A O   1 
# 
